data_8UVU
#
_entry.id   8UVU
#
_cell.length_a   1.00
_cell.length_b   1.00
_cell.length_c   1.00
_cell.angle_alpha   90.00
_cell.angle_beta   90.00
_cell.angle_gamma   90.00
#
_symmetry.space_group_name_H-M   'P 1'
#
loop_
_entity.id
_entity.type
_entity.pdbx_description
1 polymer 'Gustatory receptor'
2 non-polymer beta-D-fructopyranose
3 non-polymer beta-D-fructofuranose
#
_entity_poly.entity_id   1
_entity_poly.type   'polypeptide(L)'
_entity_poly.pdbx_seq_one_letter_code
;GPGRAPPSPDLRADEPKTPCLVGGAHAFILKISSFCGLAPLRFEPRSQEYAVTISKGKCFYSYILVTFLVICTIYGLVAE
IGVGVEKSVRMSSRMSQVVSACDILVVAVTAGVGVYGAPARMRTMLSYMENIVAVDRELGRHHSAATERKLCALLLLILL
SFTILLVDDFCFYAMQAGKTGRQWEIVTNYAGFYFLWYIVMVLELQFAFTALSLRARLKLFNEALNVTASQVCKPVKKPK
NSQLSVYATSVRPVSCKRENVIVETIRVRDKDDAFVMMKTADGVPCLQVPPCEAVGRLSRMRCTLCEVTRHIADGYGLPL
VIILMSTLLHLIVTPYFLIMEIIVSTHRLHFLVLQFLWCTTHLIRMLVVVEPCHYTIREGKRTEDILCRLMTLAPHGGVL
SSRLEVLSRLLMLQNISYSPLGMCTLDRPLMVTVLGAVTTYLVILIQFQRYDS
;
_entity_poly.pdbx_strand_id   A,B,C,D
#
loop_
_chem_comp.id
_chem_comp.type
_chem_comp.name
_chem_comp.formula
BDF D-saccharide, beta linking beta-D-fructopyranose 'C6 H12 O6'
FRU D-saccharide, beta linking beta-D-fructofuranose 'C6 H12 O6'
#
# COMPACT_ATOMS: atom_id res chain seq x y z
N THR A 18 44.89 -6.80 -12.13
CA THR A 18 44.01 -6.53 -11.00
C THR A 18 43.01 -7.67 -10.77
N PRO A 19 43.49 -8.81 -10.28
CA PRO A 19 42.60 -9.94 -10.04
C PRO A 19 41.59 -9.64 -8.93
N CYS A 20 40.43 -10.29 -9.03
CA CYS A 20 39.36 -10.12 -8.05
C CYS A 20 39.50 -11.22 -7.01
N LEU A 21 40.30 -10.95 -5.97
CA LEU A 21 40.47 -11.91 -4.88
C LEU A 21 39.17 -12.07 -4.10
N VAL A 22 38.89 -13.30 -3.70
CA VAL A 22 37.67 -13.60 -2.95
C VAL A 22 37.92 -14.87 -2.16
N GLY A 23 37.21 -15.01 -1.03
CA GLY A 23 37.34 -16.17 -0.19
C GLY A 23 36.22 -16.21 0.84
N GLY A 24 36.19 -17.29 1.59
CA GLY A 24 35.19 -17.46 2.63
C GLY A 24 33.88 -18.01 2.07
N ALA A 25 32.82 -17.20 2.14
CA ALA A 25 31.54 -17.62 1.59
C ALA A 25 31.59 -17.76 0.08
N HIS A 26 32.10 -16.74 -0.61
CA HIS A 26 32.21 -16.80 -2.07
C HIS A 26 33.48 -17.51 -2.48
N ALA A 27 33.73 -18.68 -1.89
CA ALA A 27 34.83 -19.54 -2.30
C ALA A 27 34.33 -20.98 -2.33
N PHE A 28 33.31 -21.27 -1.53
CA PHE A 28 32.68 -22.58 -1.47
C PHE A 28 31.39 -22.64 -2.28
N ILE A 29 30.48 -21.68 -2.05
CA ILE A 29 29.24 -21.68 -2.82
C ILE A 29 29.47 -21.24 -4.26
N LEU A 30 30.54 -20.48 -4.52
CA LEU A 30 30.88 -20.18 -5.90
C LEU A 30 31.36 -21.41 -6.65
N LYS A 31 32.06 -22.32 -5.96
CA LYS A 31 32.44 -23.58 -6.59
C LYS A 31 31.23 -24.49 -6.78
N ILE A 32 30.32 -24.50 -5.81
CA ILE A 32 29.09 -25.30 -5.95
C ILE A 32 28.26 -24.77 -7.11
N SER A 33 28.10 -23.45 -7.19
CA SER A 33 27.35 -22.85 -8.30
C SER A 33 28.06 -23.08 -9.62
N SER A 34 29.40 -23.07 -9.63
CA SER A 34 30.14 -23.39 -10.84
C SER A 34 29.86 -24.83 -11.28
N PHE A 35 29.81 -25.76 -10.33
CA PHE A 35 29.53 -27.14 -10.65
C PHE A 35 28.11 -27.29 -11.22
N CYS A 36 27.14 -26.59 -10.63
CA CYS A 36 25.77 -26.67 -11.09
C CYS A 36 25.46 -25.64 -12.17
N GLY A 37 26.44 -24.86 -12.61
CA GLY A 37 26.27 -23.96 -13.74
C GLY A 37 25.79 -22.57 -13.43
N LEU A 38 25.79 -22.16 -12.16
CA LEU A 38 25.34 -20.82 -11.79
C LEU A 38 26.47 -19.83 -11.59
N ALA A 39 27.72 -20.25 -11.79
CA ALA A 39 28.87 -19.37 -11.59
C ALA A 39 30.01 -19.82 -12.50
N PRO A 40 29.97 -19.44 -13.77
CA PRO A 40 31.05 -19.81 -14.68
C PRO A 40 32.32 -19.01 -14.44
N LEU A 41 33.07 -19.37 -13.41
CA LEU A 41 34.28 -18.64 -13.01
C LEU A 41 35.46 -19.59 -12.90
N ARG A 42 36.62 -19.13 -13.35
CA ARG A 42 37.86 -19.84 -13.07
C ARG A 42 38.28 -19.57 -11.64
N PHE A 43 39.03 -20.51 -11.07
CA PHE A 43 39.31 -20.55 -9.64
C PHE A 43 40.80 -20.75 -9.39
N GLU A 44 41.61 -19.89 -9.97
CA GLU A 44 43.06 -19.95 -9.76
C GLU A 44 43.36 -19.88 -8.26
N PRO A 45 44.18 -20.79 -7.73
CA PRO A 45 44.40 -20.85 -6.27
C PRO A 45 45.44 -19.86 -5.78
N ARG A 46 45.72 -18.82 -6.58
CA ARG A 46 46.72 -17.83 -6.20
C ARG A 46 46.36 -17.20 -4.85
N SER A 47 47.39 -17.03 -4.01
CA SER A 47 47.26 -16.47 -2.67
C SER A 47 46.36 -17.33 -1.78
N GLN A 48 46.15 -16.88 -0.54
CA GLN A 48 45.28 -17.62 0.37
C GLN A 48 43.84 -17.63 -0.12
N GLU A 49 43.38 -16.50 -0.64
CA GLU A 49 42.02 -16.40 -1.16
C GLU A 49 41.98 -16.99 -2.57
N TYR A 50 40.87 -16.78 -3.27
CA TYR A 50 40.67 -17.31 -4.62
C TYR A 50 40.52 -16.15 -5.60
N ALA A 51 41.25 -16.23 -6.71
CA ALA A 51 41.15 -15.25 -7.79
C ALA A 51 40.16 -15.76 -8.82
N VAL A 52 39.03 -15.06 -8.95
CA VAL A 52 37.96 -15.49 -9.83
C VAL A 52 37.91 -14.57 -11.04
N THR A 53 37.55 -15.16 -12.19
CA THR A 53 37.39 -14.40 -13.42
C THR A 53 36.43 -15.15 -14.33
N ILE A 54 35.88 -14.43 -15.31
CA ILE A 54 34.94 -15.06 -16.24
C ILE A 54 35.65 -16.18 -16.99
N SER A 55 34.93 -17.27 -17.20
CA SER A 55 35.54 -18.50 -17.70
C SER A 55 34.85 -19.00 -18.97
N LYS A 56 34.73 -18.13 -19.96
CA LYS A 56 34.16 -18.48 -21.26
C LYS A 56 34.65 -19.85 -21.72
N GLY A 57 33.70 -20.75 -21.94
CA GLY A 57 33.97 -22.18 -22.05
C GLY A 57 33.32 -22.97 -20.92
N LYS A 58 33.28 -22.40 -19.72
CA LYS A 58 32.44 -22.91 -18.65
C LYS A 58 31.03 -22.34 -18.72
N CYS A 59 30.88 -21.12 -19.24
CA CYS A 59 29.56 -20.59 -19.52
C CYS A 59 28.85 -21.42 -20.59
N PHE A 60 29.59 -21.87 -21.60
CA PHE A 60 29.01 -22.76 -22.61
C PHE A 60 28.57 -24.07 -21.96
N TYR A 61 29.37 -24.60 -21.05
CA TYR A 61 28.99 -25.81 -20.33
C TYR A 61 27.71 -25.59 -19.52
N SER A 62 27.60 -24.45 -18.84
CA SER A 62 26.40 -24.15 -18.07
C SER A 62 25.18 -24.05 -18.97
N TYR A 63 25.32 -23.38 -20.11
CA TYR A 63 24.20 -23.26 -21.04
C TYR A 63 23.78 -24.62 -21.57
N ILE A 64 24.73 -25.47 -21.94
CA ILE A 64 24.41 -26.81 -22.44
C ILE A 64 23.71 -27.61 -21.35
N LEU A 65 24.21 -27.54 -20.12
CA LEU A 65 23.63 -28.30 -19.02
C LEU A 65 22.18 -27.87 -18.76
N VAL A 66 21.94 -26.55 -18.68
CA VAL A 66 20.59 -26.10 -18.37
C VAL A 66 19.65 -26.39 -19.52
N THR A 67 20.13 -26.26 -20.77
CA THR A 67 19.27 -26.57 -21.91
C THR A 67 18.90 -28.04 -21.93
N PHE A 68 19.87 -28.92 -21.68
CA PHE A 68 19.60 -30.35 -21.64
C PHE A 68 18.61 -30.68 -20.54
N LEU A 69 18.79 -30.08 -19.35
CA LEU A 69 17.88 -30.34 -18.24
C LEU A 69 16.46 -29.87 -18.56
N VAL A 70 16.33 -28.68 -19.15
CA VAL A 70 15.00 -28.16 -19.45
C VAL A 70 14.32 -29.01 -20.53
N ILE A 71 15.07 -29.41 -21.56
CA ILE A 71 14.50 -30.25 -22.61
C ILE A 71 14.05 -31.58 -22.04
N CYS A 72 14.89 -32.21 -21.21
CA CYS A 72 14.52 -33.47 -20.59
C CYS A 72 13.29 -33.32 -19.70
N THR A 73 13.23 -32.24 -18.93
CA THR A 73 12.10 -32.02 -18.05
C THR A 73 10.81 -31.82 -18.83
N ILE A 74 10.86 -31.05 -19.91
CA ILE A 74 9.66 -30.81 -20.72
C ILE A 74 9.22 -32.10 -21.41
N TYR A 75 10.17 -32.88 -21.92
CA TYR A 75 9.83 -34.15 -22.55
C TYR A 75 9.22 -35.12 -21.55
N GLY A 76 9.77 -35.17 -20.34
CA GLY A 76 9.20 -36.02 -19.30
C GLY A 76 7.80 -35.58 -18.89
N LEU A 77 7.59 -34.27 -18.79
CA LEU A 77 6.26 -33.76 -18.47
C LEU A 77 5.26 -34.12 -19.56
N VAL A 78 5.66 -33.98 -20.83
CA VAL A 78 4.78 -34.34 -21.93
C VAL A 78 4.46 -35.83 -21.90
N ALA A 79 5.46 -36.66 -21.64
CA ALA A 79 5.24 -38.10 -21.58
C ALA A 79 4.32 -38.47 -20.41
N GLU A 80 4.48 -37.80 -19.26
CA GLU A 80 3.64 -38.09 -18.10
C GLU A 80 2.20 -37.63 -18.32
N ILE A 81 2.01 -36.52 -19.04
CA ILE A 81 0.65 -36.11 -19.40
C ILE A 81 0.04 -37.11 -20.38
N GLY A 82 0.84 -37.58 -21.35
CA GLY A 82 0.33 -38.49 -22.36
C GLY A 82 0.19 -39.94 -21.93
N VAL A 83 0.78 -40.32 -20.79
CA VAL A 83 0.66 -41.71 -20.35
C VAL A 83 -0.73 -42.02 -19.82
N GLY A 84 -1.50 -41.00 -19.45
CA GLY A 84 -2.85 -41.21 -18.96
C GLY A 84 -3.02 -40.90 -17.49
N VAL A 85 -4.23 -40.51 -17.11
CA VAL A 85 -4.52 -40.21 -15.70
C VAL A 85 -4.43 -41.47 -14.85
N GLU A 86 -4.98 -42.58 -15.35
CA GLU A 86 -4.97 -43.82 -14.58
C GLU A 86 -3.56 -44.37 -14.43
N LYS A 87 -2.75 -44.29 -15.49
CA LYS A 87 -1.41 -44.88 -15.44
C LYS A 87 -0.47 -44.03 -14.60
N SER A 88 -0.57 -42.71 -14.69
CA SER A 88 0.34 -41.84 -13.95
C SER A 88 0.10 -41.95 -12.45
N VAL A 89 1.19 -41.97 -11.69
CA VAL A 89 1.09 -42.07 -10.23
C VAL A 89 1.05 -40.70 -9.58
N ARG A 90 1.61 -39.67 -10.22
CA ARG A 90 1.59 -38.31 -9.70
C ARG A 90 0.37 -37.54 -10.17
N MET A 91 0.00 -37.69 -11.44
CA MET A 91 -1.12 -36.95 -12.02
C MET A 91 -2.34 -37.86 -12.08
N SER A 92 -2.90 -38.14 -10.91
CA SER A 92 -4.08 -39.01 -10.81
C SER A 92 -5.37 -38.20 -10.80
N SER A 93 -5.48 -37.27 -11.75
CA SER A 93 -6.67 -36.44 -11.94
C SER A 93 -6.47 -35.52 -13.12
N ARG A 94 -7.56 -35.11 -13.77
CA ARG A 94 -7.45 -34.13 -14.85
C ARG A 94 -7.09 -32.75 -14.29
N MET A 95 -7.68 -32.37 -13.16
CA MET A 95 -7.30 -31.12 -12.52
C MET A 95 -5.91 -31.19 -11.90
N SER A 96 -5.50 -32.37 -11.43
CA SER A 96 -4.13 -32.56 -10.94
C SER A 96 -3.19 -32.92 -12.09
N GLN A 97 -3.29 -32.15 -13.15
CA GLN A 97 -2.39 -32.14 -14.30
C GLN A 97 -1.98 -30.73 -14.67
N VAL A 98 -2.90 -29.76 -14.55
CA VAL A 98 -2.55 -28.37 -14.76
C VAL A 98 -1.68 -27.86 -13.62
N VAL A 99 -2.01 -28.24 -12.38
CA VAL A 99 -1.25 -27.78 -11.22
C VAL A 99 0.15 -28.38 -11.22
N SER A 100 0.25 -29.68 -11.53
CA SER A 100 1.56 -30.31 -11.59
C SER A 100 2.39 -29.77 -12.76
N ALA A 101 1.74 -29.51 -13.90
CA ALA A 101 2.45 -28.92 -15.02
C ALA A 101 2.97 -27.53 -14.68
N CYS A 102 2.15 -26.72 -13.99
CA CYS A 102 2.63 -25.42 -13.54
C CYS A 102 3.77 -25.56 -12.55
N ASP A 103 3.68 -26.53 -11.65
CA ASP A 103 4.75 -26.80 -10.69
C ASP A 103 6.06 -27.09 -11.41
N ILE A 104 6.00 -27.93 -12.44
CA ILE A 104 7.22 -28.30 -13.17
C ILE A 104 7.75 -27.11 -13.97
N LEU A 105 6.87 -26.42 -14.69
CA LEU A 105 7.31 -25.35 -15.57
C LEU A 105 7.84 -24.15 -14.79
N VAL A 106 7.33 -23.90 -13.58
CA VAL A 106 7.80 -22.75 -12.84
C VAL A 106 9.24 -22.96 -12.36
N VAL A 107 9.57 -24.19 -11.93
CA VAL A 107 10.96 -24.45 -11.54
C VAL A 107 11.84 -24.53 -12.77
N ALA A 108 11.31 -25.00 -13.91
CA ALA A 108 12.10 -24.97 -15.14
C ALA A 108 12.45 -23.54 -15.52
N VAL A 109 11.48 -22.64 -15.44
CA VAL A 109 11.72 -21.23 -15.76
C VAL A 109 12.69 -20.61 -14.75
N THR A 110 12.55 -20.97 -13.47
CA THR A 110 13.45 -20.42 -12.46
C THR A 110 14.88 -20.86 -12.69
N ALA A 111 15.09 -22.14 -12.99
CA ALA A 111 16.44 -22.63 -13.27
C ALA A 111 16.98 -22.01 -14.55
N GLY A 112 16.14 -21.85 -15.57
CA GLY A 112 16.60 -21.21 -16.79
C GLY A 112 17.04 -19.78 -16.56
N VAL A 113 16.23 -19.02 -15.81
CA VAL A 113 16.60 -17.63 -15.49
C VAL A 113 17.87 -17.61 -14.66
N GLY A 114 18.04 -18.57 -13.75
CA GLY A 114 19.25 -18.64 -12.96
C GLY A 114 20.49 -18.88 -13.79
N VAL A 115 20.40 -19.78 -14.77
CA VAL A 115 21.57 -20.10 -15.59
C VAL A 115 21.68 -19.18 -16.79
N TYR A 116 20.59 -18.92 -17.51
CA TYR A 116 20.59 -17.97 -18.62
C TYR A 116 20.62 -16.57 -18.02
N GLY A 117 21.83 -16.12 -17.70
CA GLY A 117 21.99 -14.85 -17.03
C GLY A 117 23.09 -14.93 -15.98
N ALA A 118 23.57 -16.16 -15.74
CA ALA A 118 24.71 -16.34 -14.84
C ALA A 118 25.97 -15.61 -15.31
N PRO A 119 26.36 -15.62 -16.59
CA PRO A 119 27.55 -14.84 -16.97
C PRO A 119 27.42 -13.36 -16.67
N ALA A 120 26.26 -12.75 -16.93
CA ALA A 120 26.08 -11.34 -16.64
C ALA A 120 26.12 -11.06 -15.15
N ARG A 121 25.50 -11.94 -14.34
CA ARG A 121 25.55 -11.77 -12.90
C ARG A 121 26.97 -11.90 -12.39
N MET A 122 27.75 -12.83 -12.94
CA MET A 122 29.14 -12.97 -12.53
C MET A 122 29.97 -11.77 -12.98
N ARG A 123 29.65 -11.18 -14.13
CA ARG A 123 30.33 -9.97 -14.55
C ARG A 123 30.07 -8.81 -13.59
N THR A 124 28.81 -8.64 -13.18
CA THR A 124 28.49 -7.61 -12.20
C THR A 124 29.16 -7.89 -10.85
N MET A 125 29.19 -9.17 -10.46
CA MET A 125 29.84 -9.55 -9.21
C MET A 125 31.32 -9.21 -9.25
N LEU A 126 31.99 -9.53 -10.36
CA LEU A 126 33.39 -9.16 -10.51
C LEU A 126 33.57 -7.66 -10.54
N SER A 127 32.59 -6.93 -11.08
CA SER A 127 32.68 -5.47 -11.10
C SER A 127 32.65 -4.89 -9.69
N TYR A 128 31.75 -5.38 -8.85
CA TYR A 128 31.67 -4.81 -7.50
C TYR A 128 32.60 -5.50 -6.50
N MET A 129 33.28 -6.57 -6.89
CA MET A 129 34.32 -7.14 -6.04
C MET A 129 35.43 -6.12 -5.77
N GLU A 130 35.87 -5.41 -6.81
CA GLU A 130 36.97 -4.48 -6.65
C GLU A 130 36.60 -3.29 -5.78
N ASN A 131 35.30 -3.01 -5.63
CA ASN A 131 34.88 -1.94 -4.73
C ASN A 131 34.67 -2.46 -3.31
N ILE A 132 34.10 -3.66 -3.16
CA ILE A 132 33.84 -4.16 -1.83
C ILE A 132 35.13 -4.58 -1.14
N VAL A 133 36.16 -4.97 -1.90
CA VAL A 133 37.47 -5.23 -1.27
C VAL A 133 38.08 -3.93 -0.76
N ALA A 134 37.94 -2.84 -1.50
CA ALA A 134 38.41 -1.55 -1.01
C ALA A 134 37.65 -1.13 0.25
N VAL A 135 36.35 -1.41 0.28
CA VAL A 135 35.57 -1.14 1.49
C VAL A 135 36.08 -1.99 2.66
N ASP A 136 36.35 -3.26 2.40
CA ASP A 136 36.79 -4.17 3.46
C ASP A 136 38.17 -3.79 4.00
N ARG A 137 39.05 -3.27 3.14
CA ARG A 137 40.38 -2.90 3.58
C ARG A 137 40.36 -1.80 4.64
N GLU A 138 39.40 -0.88 4.58
CA GLU A 138 39.26 0.17 5.57
C GLU A 138 38.51 -0.30 6.82
N LEU A 139 38.05 -1.54 6.85
CA LEU A 139 37.33 -2.07 8.00
C LEU A 139 37.98 -3.30 8.63
N GLY A 140 38.71 -4.10 7.86
CA GLY A 140 39.30 -5.31 8.39
C GLY A 140 38.77 -6.56 7.71
N ARG A 141 39.62 -7.21 6.90
CA ARG A 141 39.19 -8.39 6.17
C ARG A 141 39.01 -9.60 7.08
N HIS A 142 39.62 -9.60 8.26
CA HIS A 142 39.48 -10.74 9.16
C HIS A 142 38.04 -10.89 9.63
N HIS A 143 37.36 -9.78 9.95
CA HIS A 143 35.98 -9.84 10.39
C HIS A 143 35.08 -10.38 9.27
N SER A 144 35.26 -9.89 8.04
CA SER A 144 34.45 -10.36 6.93
C SER A 144 34.72 -11.83 6.63
N ALA A 145 35.97 -12.26 6.73
CA ALA A 145 36.29 -13.66 6.51
C ALA A 145 35.66 -14.56 7.59
N ALA A 146 35.70 -14.10 8.84
CA ALA A 146 35.09 -14.89 9.92
C ALA A 146 33.57 -14.96 9.76
N THR A 147 32.95 -13.84 9.40
CA THR A 147 31.49 -13.83 9.21
C THR A 147 31.08 -14.69 8.02
N GLU A 148 31.86 -14.64 6.94
CA GLU A 148 31.51 -15.41 5.74
C GLU A 148 31.73 -16.90 5.96
N ARG A 149 32.74 -17.26 6.77
CA ARG A 149 32.96 -18.66 7.07
C ARG A 149 31.88 -19.24 7.98
N LYS A 150 31.19 -18.38 8.74
CA LYS A 150 30.10 -18.86 9.58
C LYS A 150 28.85 -19.21 8.78
N LEU A 151 28.71 -18.63 7.58
CA LEU A 151 27.57 -18.94 6.72
C LEU A 151 27.72 -20.25 5.98
N CYS A 152 28.91 -20.84 5.97
CA CYS A 152 29.10 -22.11 5.27
C CYS A 152 28.39 -23.26 5.97
N ALA A 153 28.32 -23.22 7.30
CA ALA A 153 27.61 -24.27 8.03
C ALA A 153 26.14 -24.26 7.69
N LEU A 154 25.52 -23.07 7.66
CA LEU A 154 24.12 -22.98 7.26
C LEU A 154 23.94 -23.37 5.80
N LEU A 155 24.88 -23.00 4.95
CA LEU A 155 24.84 -23.42 3.55
C LEU A 155 24.80 -24.94 3.43
N LEU A 156 25.74 -25.62 4.09
CA LEU A 156 25.80 -27.07 4.03
C LEU A 156 24.55 -27.69 4.62
N LEU A 157 24.06 -27.16 5.74
CA LEU A 157 22.87 -27.71 6.36
C LEU A 157 21.66 -27.62 5.44
N ILE A 158 21.44 -26.43 4.85
CA ILE A 158 20.27 -26.25 3.99
C ILE A 158 20.39 -27.08 2.73
N LEU A 159 21.58 -27.12 2.12
CA LEU A 159 21.77 -27.92 0.91
C LEU A 159 21.57 -29.40 1.19
N LEU A 160 22.10 -29.89 2.32
CA LEU A 160 21.92 -31.29 2.66
C LEU A 160 20.46 -31.62 2.93
N SER A 161 19.75 -30.74 3.63
CA SER A 161 18.33 -30.98 3.89
C SER A 161 17.54 -31.01 2.59
N PHE A 162 17.80 -30.06 1.69
CA PHE A 162 17.07 -30.03 0.43
C PHE A 162 17.39 -31.24 -0.43
N THR A 163 18.67 -31.65 -0.47
CA THR A 163 19.05 -32.81 -1.26
C THR A 163 18.43 -34.08 -0.70
N ILE A 164 18.39 -34.21 0.63
CA ILE A 164 17.76 -35.37 1.25
C ILE A 164 16.28 -35.41 0.93
N LEU A 165 15.61 -34.25 0.99
CA LEU A 165 14.19 -34.20 0.64
C LEU A 165 13.97 -34.58 -0.82
N LEU A 166 14.82 -34.06 -1.72
CA LEU A 166 14.70 -34.40 -3.13
C LEU A 166 14.87 -35.89 -3.36
N VAL A 167 15.89 -36.49 -2.74
CA VAL A 167 16.15 -37.91 -2.92
C VAL A 167 15.00 -38.73 -2.35
N ASP A 168 14.47 -38.34 -1.19
CA ASP A 168 13.36 -39.06 -0.60
C ASP A 168 12.11 -38.99 -1.48
N ASP A 169 11.81 -37.81 -2.01
CA ASP A 169 10.65 -37.67 -2.89
C ASP A 169 10.81 -38.50 -4.15
N PHE A 170 12.00 -38.44 -4.77
CA PHE A 170 12.25 -39.20 -5.98
C PHE A 170 12.14 -40.70 -5.71
N CYS A 171 12.71 -41.18 -4.61
CA CYS A 171 12.63 -42.59 -4.28
C CYS A 171 11.20 -43.01 -3.99
N PHE A 172 10.44 -42.17 -3.28
CA PHE A 172 9.05 -42.50 -2.99
C PHE A 172 8.26 -42.66 -4.28
N TYR A 173 8.39 -41.71 -5.19
CA TYR A 173 7.64 -41.80 -6.45
C TYR A 173 8.12 -42.97 -7.30
N ALA A 174 9.42 -43.27 -7.24
CA ALA A 174 9.94 -44.42 -7.99
C ALA A 174 9.37 -45.72 -7.47
N MET A 175 9.33 -45.90 -6.15
CA MET A 175 8.75 -47.11 -5.60
C MET A 175 7.24 -47.19 -5.85
N GLN A 176 6.56 -46.05 -5.82
CA GLN A 176 5.13 -46.06 -6.13
C GLN A 176 4.89 -46.47 -7.58
N ALA A 177 5.71 -45.98 -8.51
CA ALA A 177 5.56 -46.36 -9.90
C ALA A 177 6.02 -47.78 -10.17
N GLY A 178 6.91 -48.31 -9.31
CA GLY A 178 7.36 -49.68 -9.49
C GLY A 178 6.28 -50.71 -9.25
N LYS A 179 5.24 -50.34 -8.50
CA LYS A 179 4.12 -51.26 -8.28
C LYS A 179 3.38 -51.54 -9.58
N THR A 180 3.21 -50.52 -10.42
CA THR A 180 2.57 -50.67 -11.72
C THR A 180 3.57 -50.87 -12.85
N GLY A 181 4.83 -51.14 -12.53
CA GLY A 181 5.85 -51.39 -13.54
C GLY A 181 6.22 -50.17 -14.36
N ARG A 182 6.35 -49.01 -13.73
CA ARG A 182 6.73 -47.77 -14.41
C ARG A 182 7.83 -47.04 -13.64
N GLN A 183 8.68 -47.77 -12.92
CA GLN A 183 9.73 -47.13 -12.15
C GLN A 183 10.77 -46.48 -13.05
N TRP A 184 11.21 -47.18 -14.09
CA TRP A 184 12.18 -46.59 -15.00
C TRP A 184 11.57 -45.47 -15.82
N GLU A 185 10.29 -45.60 -16.19
CA GLU A 185 9.61 -44.52 -16.90
C GLU A 185 9.51 -43.28 -16.02
N ILE A 186 9.18 -43.44 -14.74
CA ILE A 186 9.04 -42.28 -13.87
C ILE A 186 10.41 -41.67 -13.59
N VAL A 187 11.46 -42.50 -13.50
CA VAL A 187 12.81 -41.98 -13.33
C VAL A 187 13.22 -41.15 -14.55
N THR A 188 12.95 -41.68 -15.75
CA THR A 188 13.28 -40.95 -16.97
C THR A 188 12.51 -39.64 -17.05
N ASN A 189 11.23 -39.66 -16.68
CA ASN A 189 10.40 -38.46 -16.80
C ASN A 189 10.77 -37.39 -15.78
N TYR A 190 11.15 -37.77 -14.56
CA TYR A 190 11.43 -36.80 -13.51
C TYR A 190 12.88 -36.77 -13.08
N ALA A 191 13.81 -37.19 -13.94
CA ALA A 191 15.23 -37.09 -13.60
C ALA A 191 15.68 -35.64 -13.52
N GLY A 192 15.39 -34.86 -14.57
CA GLY A 192 15.87 -33.48 -14.63
C GLY A 192 15.10 -32.51 -13.75
N PHE A 193 13.89 -32.90 -13.31
CA PHE A 193 13.08 -32.03 -12.47
C PHE A 193 13.78 -31.74 -11.15
N TYR A 194 14.35 -32.76 -10.52
CA TYR A 194 15.04 -32.57 -9.25
C TYR A 194 16.41 -31.92 -9.42
N PHE A 195 17.08 -32.11 -10.56
CA PHE A 195 18.27 -31.33 -10.84
C PHE A 195 17.93 -29.85 -10.98
N LEU A 196 16.80 -29.53 -11.61
CA LEU A 196 16.36 -28.13 -11.67
C LEU A 196 16.05 -27.60 -10.28
N TRP A 197 15.44 -28.43 -9.43
CA TRP A 197 15.27 -28.02 -8.02
C TRP A 197 16.60 -27.71 -7.36
N TYR A 198 17.60 -28.55 -7.56
CA TYR A 198 18.91 -28.32 -6.96
C TYR A 198 19.50 -27.00 -7.45
N ILE A 199 19.38 -26.73 -8.75
CA ILE A 199 19.89 -25.48 -9.31
C ILE A 199 19.18 -24.28 -8.71
N VAL A 200 17.85 -24.36 -8.59
CA VAL A 200 17.09 -23.26 -8.03
C VAL A 200 17.50 -22.99 -6.58
N MET A 201 17.66 -24.06 -5.79
CA MET A 201 18.04 -23.89 -4.40
C MET A 201 19.44 -23.30 -4.28
N VAL A 202 20.37 -23.74 -5.13
CA VAL A 202 21.72 -23.20 -5.09
C VAL A 202 21.71 -21.71 -5.46
N LEU A 203 20.88 -21.33 -6.44
CA LEU A 203 20.78 -19.92 -6.80
C LEU A 203 20.24 -19.10 -5.64
N GLU A 204 19.21 -19.60 -4.96
CA GLU A 204 18.65 -18.89 -3.81
C GLU A 204 19.70 -18.72 -2.72
N LEU A 205 20.44 -19.79 -2.41
CA LEU A 205 21.47 -19.70 -1.37
C LEU A 205 22.58 -18.74 -1.78
N GLN A 206 22.94 -18.73 -3.06
CA GLN A 206 23.97 -17.83 -3.54
C GLN A 206 23.56 -16.37 -3.35
N PHE A 207 22.33 -16.02 -3.74
CA PHE A 207 21.86 -14.66 -3.51
C PHE A 207 21.82 -14.35 -2.02
N ALA A 208 21.33 -15.29 -1.21
CA ALA A 208 21.20 -15.04 0.22
C ALA A 208 22.55 -14.76 0.86
N PHE A 209 23.57 -15.52 0.48
CA PHE A 209 24.89 -15.32 1.10
C PHE A 209 25.61 -14.09 0.55
N THR A 210 25.37 -13.72 -0.71
CA THR A 210 25.88 -12.44 -1.19
C THR A 210 25.27 -11.29 -0.40
N ALA A 211 23.96 -11.32 -0.20
CA ALA A 211 23.29 -10.27 0.57
C ALA A 211 23.76 -10.27 2.01
N LEU A 212 24.01 -11.44 2.59
CA LEU A 212 24.47 -11.51 3.97
C LEU A 212 25.90 -10.98 4.09
N SER A 213 26.74 -11.22 3.09
CA SER A 213 28.08 -10.63 3.10
C SER A 213 28.01 -9.11 3.05
N LEU A 214 27.15 -8.57 2.20
CA LEU A 214 27.00 -7.12 2.16
C LEU A 214 26.43 -6.59 3.48
N ARG A 215 25.52 -7.34 4.10
CA ARG A 215 24.99 -6.93 5.40
C ARG A 215 26.09 -6.91 6.45
N ALA A 216 27.00 -7.88 6.41
CA ALA A 216 28.12 -7.90 7.34
C ALA A 216 29.02 -6.68 7.13
N ARG A 217 29.28 -6.34 5.86
CA ARG A 217 30.06 -5.13 5.59
C ARG A 217 29.38 -3.88 6.12
N LEU A 218 28.06 -3.79 5.94
CA LEU A 218 27.35 -2.60 6.41
C LEU A 218 27.26 -2.56 7.93
N LYS A 219 27.21 -3.73 8.58
CA LYS A 219 27.28 -3.78 10.03
C LYS A 219 28.64 -3.30 10.53
N LEU A 220 29.72 -3.70 9.86
CA LEU A 220 31.04 -3.18 10.21
C LEU A 220 31.09 -1.67 10.03
N PHE A 221 30.48 -1.17 8.96
CA PHE A 221 30.41 0.28 8.75
C PHE A 221 29.67 0.96 9.88
N ASN A 222 28.56 0.37 10.32
CA ASN A 222 27.79 0.94 11.42
C ASN A 222 28.61 0.97 12.71
N GLU A 223 29.31 -0.13 13.01
CA GLU A 223 30.14 -0.16 14.21
C GLU A 223 31.24 0.89 14.15
N ALA A 224 31.88 1.04 12.99
CA ALA A 224 32.92 2.05 12.84
C ALA A 224 32.35 3.45 13.01
N LEU A 225 31.19 3.73 12.42
CA LEU A 225 30.56 5.03 12.58
C LEU A 225 30.21 5.30 14.03
N ASN A 226 29.79 4.27 14.76
CA ASN A 226 29.40 4.45 16.14
C ASN A 226 30.61 4.71 17.03
N VAL A 227 31.69 3.95 16.83
CA VAL A 227 32.82 4.04 17.76
C VAL A 227 33.83 5.11 17.40
N THR A 228 33.93 5.52 16.14
CA THR A 228 34.93 6.49 15.72
C THR A 228 34.44 7.92 15.74
N ALA A 229 33.19 8.16 15.32
CA ALA A 229 32.67 9.52 15.29
C ALA A 229 32.31 10.05 16.67
N SER A 230 32.32 9.20 17.70
CA SER A 230 31.99 9.60 19.06
C SER A 230 33.19 9.37 20.00
N GLN A 231 34.38 9.75 19.53
CA GLN A 231 35.61 9.59 20.30
C GLN A 231 35.83 8.15 20.75
N CYS A 286 41.65 2.66 18.89
CA CYS A 286 40.21 2.55 18.72
C CYS A 286 39.70 3.55 17.69
N LEU A 287 40.46 4.64 17.50
CA LEU A 287 40.10 5.68 16.56
C LEU A 287 41.03 5.71 15.35
N GLN A 288 42.33 5.86 15.57
CA GLN A 288 43.37 5.88 14.54
C GLN A 288 43.16 6.97 13.49
N VAL A 289 42.22 7.88 13.72
CA VAL A 289 41.88 8.93 12.76
C VAL A 289 41.01 9.96 13.46
N PRO A 290 41.16 11.25 13.17
CA PRO A 290 40.23 12.24 13.72
C PRO A 290 38.82 11.97 13.23
N PRO A 291 37.80 12.29 14.03
CA PRO A 291 36.42 11.99 13.62
C PRO A 291 35.95 12.83 12.44
N CYS A 292 36.52 14.02 12.24
CA CYS A 292 36.12 14.86 11.12
C CYS A 292 36.39 14.17 9.79
N GLU A 293 37.62 13.66 9.62
CA GLU A 293 37.94 12.91 8.41
C GLU A 293 37.26 11.54 8.40
N ALA A 294 37.03 10.97 9.59
CA ALA A 294 36.40 9.66 9.68
C ALA A 294 34.98 9.70 9.13
N VAL A 295 34.24 10.77 9.42
CA VAL A 295 32.86 10.87 8.93
C VAL A 295 32.82 10.95 7.41
N GLY A 296 33.74 11.72 6.81
CA GLY A 296 33.79 11.78 5.36
C GLY A 296 34.18 10.45 4.73
N ARG A 297 35.16 9.77 5.33
CA ARG A 297 35.56 8.44 4.85
C ARG A 297 34.39 7.46 4.92
N LEU A 298 33.63 7.51 6.02
CA LEU A 298 32.48 6.64 6.17
C LEU A 298 31.36 7.00 5.19
N SER A 299 31.21 8.29 4.86
CA SER A 299 30.24 8.68 3.85
C SER A 299 30.59 8.10 2.49
N ARG A 300 31.87 8.20 2.10
CA ARG A 300 32.30 7.60 0.85
C ARG A 300 32.11 6.09 0.87
N MET A 301 32.41 5.46 2.02
CA MET A 301 32.22 4.03 2.16
C MET A 301 30.74 3.64 2.00
N ARG A 302 29.84 4.44 2.57
CA ARG A 302 28.42 4.13 2.46
C ARG A 302 27.94 4.33 1.03
N CYS A 303 28.47 5.31 0.31
CA CYS A 303 28.14 5.45 -1.09
C CYS A 303 28.58 4.22 -1.89
N THR A 304 29.79 3.73 -1.63
CA THR A 304 30.25 2.52 -2.31
C THR A 304 29.38 1.31 -1.95
N LEU A 305 28.98 1.21 -0.68
CA LEU A 305 28.12 0.10 -0.26
C LEU A 305 26.75 0.18 -0.94
N CYS A 306 26.21 1.38 -1.09
CA CYS A 306 24.95 1.54 -1.82
C CYS A 306 25.11 1.14 -3.28
N GLU A 307 26.24 1.49 -3.89
CA GLU A 307 26.51 1.06 -5.25
C GLU A 307 26.53 -0.46 -5.36
N VAL A 308 27.20 -1.13 -4.41
CA VAL A 308 27.27 -2.58 -4.44
C VAL A 308 25.88 -3.19 -4.23
N THR A 309 25.09 -2.60 -3.32
CA THR A 309 23.73 -3.09 -3.11
C THR A 309 22.90 -2.97 -4.38
N ARG A 310 23.02 -1.84 -5.08
CA ARG A 310 22.27 -1.65 -6.31
C ARG A 310 22.71 -2.65 -7.38
N HIS A 311 24.01 -2.91 -7.47
CA HIS A 311 24.49 -3.90 -8.43
C HIS A 311 23.94 -5.29 -8.12
N ILE A 312 23.93 -5.66 -6.83
CA ILE A 312 23.39 -6.96 -6.44
C ILE A 312 21.90 -7.05 -6.76
N ALA A 313 21.15 -5.99 -6.47
CA ALA A 313 19.73 -6.00 -6.74
C ALA A 313 19.44 -6.06 -8.23
N ASP A 314 20.27 -5.40 -9.04
CA ASP A 314 20.06 -5.41 -10.48
C ASP A 314 20.42 -6.77 -11.08
N GLY A 315 21.50 -7.39 -10.59
CA GLY A 315 21.89 -8.68 -11.12
C GLY A 315 20.89 -9.77 -10.80
N TYR A 316 20.38 -9.80 -9.58
CA TYR A 316 19.51 -10.87 -9.12
C TYR A 316 18.03 -10.52 -9.22
N GLY A 317 17.68 -9.37 -9.79
CA GLY A 317 16.30 -8.92 -9.75
C GLY A 317 15.33 -9.88 -10.44
N LEU A 318 15.66 -10.27 -11.67
CA LEU A 318 14.81 -11.23 -12.38
C LEU A 318 14.78 -12.59 -11.69
N PRO A 319 15.91 -13.19 -11.30
CA PRO A 319 15.82 -14.42 -10.50
C PRO A 319 15.03 -14.23 -9.22
N LEU A 320 15.13 -13.07 -8.58
CA LEU A 320 14.39 -12.84 -7.34
C LEU A 320 12.88 -12.82 -7.57
N VAL A 321 12.42 -12.12 -8.60
CA VAL A 321 10.98 -12.08 -8.85
C VAL A 321 10.48 -13.44 -9.31
N ILE A 322 11.28 -14.17 -10.11
CA ILE A 322 10.86 -15.50 -10.52
C ILE A 322 10.79 -16.44 -9.33
N ILE A 323 11.75 -16.34 -8.41
CA ILE A 323 11.72 -17.17 -7.21
C ILE A 323 10.52 -16.82 -6.34
N LEU A 324 10.20 -15.52 -6.23
CA LEU A 324 9.05 -15.13 -5.42
C LEU A 324 7.75 -15.68 -6.01
N MET A 325 7.57 -15.57 -7.33
CA MET A 325 6.35 -16.12 -7.92
C MET A 325 6.33 -17.64 -7.85
N SER A 326 7.50 -18.28 -7.93
CA SER A 326 7.55 -19.73 -7.78
C SER A 326 7.16 -20.15 -6.38
N THR A 327 7.63 -19.43 -5.36
CA THR A 327 7.23 -19.74 -3.98
C THR A 327 5.74 -19.50 -3.78
N LEU A 328 5.19 -18.44 -4.38
CA LEU A 328 3.76 -18.22 -4.34
C LEU A 328 3.00 -19.40 -4.93
N LEU A 329 3.37 -19.81 -6.15
CA LEU A 329 2.68 -20.90 -6.82
C LEU A 329 2.82 -22.20 -6.04
N HIS A 330 3.99 -22.44 -5.44
CA HIS A 330 4.22 -23.69 -4.73
C HIS A 330 3.47 -23.73 -3.41
N LEU A 331 3.41 -22.60 -2.69
CA LEU A 331 2.60 -22.53 -1.48
C LEU A 331 1.11 -22.55 -1.80
N ILE A 332 0.73 -22.28 -3.05
CA ILE A 332 -0.66 -22.50 -3.45
C ILE A 332 -0.90 -23.96 -3.79
N VAL A 333 0.08 -24.62 -4.41
CA VAL A 333 -0.14 -25.96 -4.97
C VAL A 333 0.01 -27.04 -3.91
N THR A 334 1.08 -27.01 -3.13
CA THR A 334 1.36 -28.09 -2.19
C THR A 334 0.26 -28.29 -1.15
N PRO A 335 -0.25 -27.25 -0.48
CA PRO A 335 -1.42 -27.48 0.40
C PRO A 335 -2.62 -28.03 -0.33
N TYR A 336 -2.80 -27.68 -1.60
CA TYR A 336 -3.90 -28.26 -2.37
C TYR A 336 -3.73 -29.78 -2.48
N PHE A 337 -2.53 -30.24 -2.78
CA PHE A 337 -2.28 -31.68 -2.85
C PHE A 337 -2.47 -32.34 -1.50
N LEU A 338 -2.01 -31.70 -0.43
CA LEU A 338 -2.19 -32.27 0.91
C LEU A 338 -3.67 -32.39 1.27
N ILE A 339 -4.45 -31.35 0.97
CA ILE A 339 -5.88 -31.38 1.25
C ILE A 339 -6.57 -32.45 0.41
N MET A 340 -6.22 -32.54 -0.87
CA MET A 340 -6.79 -33.58 -1.73
C MET A 340 -6.52 -34.96 -1.14
N GLU A 341 -5.29 -35.20 -0.70
CA GLU A 341 -4.96 -36.51 -0.13
C GLU A 341 -5.76 -36.78 1.13
N ILE A 342 -5.81 -35.80 2.05
CA ILE A 342 -6.51 -36.03 3.31
C ILE A 342 -8.03 -36.09 3.14
N ILE A 343 -8.56 -35.69 1.99
CA ILE A 343 -9.99 -35.81 1.76
C ILE A 343 -10.39 -37.01 0.90
N VAL A 344 -9.47 -37.55 0.09
CA VAL A 344 -9.84 -38.66 -0.78
C VAL A 344 -9.21 -39.99 -0.33
N SER A 345 -7.98 -40.00 0.16
CA SER A 345 -7.27 -41.25 0.41
C SER A 345 -7.00 -41.49 1.89
N THR A 346 -6.27 -40.58 2.54
CA THR A 346 -5.80 -40.78 3.93
C THR A 346 -5.08 -42.12 4.07
N HIS A 347 -4.39 -42.55 3.01
CA HIS A 347 -3.75 -43.85 2.96
C HIS A 347 -2.23 -43.77 3.03
N ARG A 348 -1.62 -42.93 2.19
CA ARG A 348 -0.16 -42.85 2.10
C ARG A 348 0.33 -41.83 3.11
N LEU A 349 0.86 -42.33 4.24
CA LEU A 349 1.47 -41.44 5.23
C LEU A 349 2.74 -40.81 4.69
N HIS A 350 3.48 -41.53 3.84
CA HIS A 350 4.67 -40.97 3.22
C HIS A 350 4.32 -39.74 2.39
N PHE A 351 3.20 -39.78 1.68
CA PHE A 351 2.78 -38.63 0.89
C PHE A 351 2.49 -37.43 1.79
N LEU A 352 1.81 -37.66 2.91
CA LEU A 352 1.54 -36.55 3.84
C LEU A 352 2.82 -35.97 4.41
N VAL A 353 3.76 -36.83 4.81
CA VAL A 353 5.03 -36.35 5.32
C VAL A 353 5.76 -35.53 4.28
N LEU A 354 5.77 -36.01 3.03
CA LEU A 354 6.44 -35.28 1.96
C LEU A 354 5.77 -33.95 1.68
N GLN A 355 4.43 -33.91 1.70
CA GLN A 355 3.74 -32.64 1.45
C GLN A 355 4.02 -31.63 2.55
N PHE A 356 4.02 -32.07 3.81
CA PHE A 356 4.34 -31.16 4.91
C PHE A 356 5.78 -30.67 4.80
N LEU A 357 6.71 -31.58 4.46
CA LEU A 357 8.10 -31.18 4.29
C LEU A 357 8.26 -30.19 3.15
N TRP A 358 7.48 -30.35 2.08
CA TRP A 358 7.59 -29.44 0.94
C TRP A 358 6.99 -28.09 1.26
N CYS A 359 5.90 -28.04 2.03
CA CYS A 359 5.38 -26.76 2.49
C CYS A 359 6.40 -26.04 3.37
N THR A 360 7.03 -26.78 4.30
CA THR A 360 8.06 -26.19 5.13
C THR A 360 9.24 -25.72 4.28
N THR A 361 9.60 -26.47 3.25
CA THR A 361 10.71 -26.09 2.38
C THR A 361 10.41 -24.83 1.60
N HIS A 362 9.17 -24.70 1.12
CA HIS A 362 8.80 -23.48 0.40
C HIS A 362 8.79 -22.27 1.32
N LEU A 363 8.32 -22.45 2.56
CA LEU A 363 8.41 -21.36 3.53
C LEU A 363 9.86 -21.00 3.82
N ILE A 364 10.73 -22.01 3.94
CA ILE A 364 12.14 -21.77 4.19
C ILE A 364 12.78 -21.05 3.01
N ARG A 365 12.37 -21.39 1.79
CA ARG A 365 12.87 -20.70 0.60
C ARG A 365 12.47 -19.23 0.62
N MET A 366 11.20 -18.97 0.95
CA MET A 366 10.74 -17.59 1.08
C MET A 366 11.55 -16.83 2.13
N LEU A 367 11.80 -17.46 3.27
CA LEU A 367 12.59 -16.82 4.31
C LEU A 367 14.02 -16.56 3.85
N VAL A 368 14.63 -17.53 3.16
CA VAL A 368 15.98 -17.37 2.64
C VAL A 368 16.04 -16.17 1.70
N VAL A 369 14.98 -15.99 0.90
CA VAL A 369 14.96 -14.88 -0.04
C VAL A 369 14.79 -13.54 0.69
N VAL A 370 13.89 -13.47 1.66
CA VAL A 370 13.47 -12.18 2.18
C VAL A 370 14.24 -11.72 3.42
N GLU A 371 14.83 -12.65 4.20
CA GLU A 371 15.44 -12.26 5.46
C GLU A 371 16.70 -11.42 5.28
N PRO A 372 17.64 -11.75 4.39
CA PRO A 372 18.83 -10.87 4.25
C PRO A 372 18.50 -9.44 3.88
N CYS A 373 17.50 -9.24 3.02
CA CYS A 373 17.12 -7.88 2.66
C CYS A 373 16.51 -7.14 3.84
N HIS A 374 15.70 -7.83 4.64
CA HIS A 374 15.14 -7.21 5.83
C HIS A 374 16.24 -6.84 6.82
N TYR A 375 17.23 -7.72 6.97
CA TYR A 375 18.35 -7.41 7.86
C TYR A 375 19.15 -6.22 7.36
N THR A 376 19.32 -6.11 6.04
CA THR A 376 20.01 -4.95 5.48
C THR A 376 19.23 -3.67 5.73
N ILE A 377 17.91 -3.71 5.58
CA ILE A 377 17.10 -2.53 5.87
C ILE A 377 17.17 -2.17 7.35
N ARG A 378 17.18 -3.18 8.23
CA ARG A 378 17.33 -2.92 9.65
C ARG A 378 18.69 -2.29 9.97
N GLU A 379 19.73 -2.74 9.28
CA GLU A 379 21.05 -2.14 9.46
C GLU A 379 21.07 -0.69 8.99
N GLY A 380 20.35 -0.39 7.90
CA GLY A 380 20.24 1.00 7.47
C GLY A 380 19.51 1.87 8.48
N LYS A 381 18.45 1.33 9.08
CA LYS A 381 17.76 2.06 10.14
C LYS A 381 18.67 2.29 11.33
N ARG A 382 19.50 1.29 11.66
CA ARG A 382 20.49 1.45 12.72
C ARG A 382 21.50 2.53 12.36
N THR A 383 21.87 2.63 11.08
CA THR A 383 22.75 3.71 10.64
C THR A 383 22.11 5.06 10.91
N GLU A 384 20.82 5.20 10.57
CA GLU A 384 20.12 6.45 10.85
C GLU A 384 20.10 6.76 12.35
N ASP A 385 19.88 5.73 13.17
CA ASP A 385 19.84 5.92 14.61
C ASP A 385 21.18 6.41 15.13
N ILE A 386 22.27 5.76 14.71
CA ILE A 386 23.60 6.14 15.14
C ILE A 386 23.92 7.56 14.70
N LEU A 387 23.55 7.91 13.46
CA LEU A 387 23.84 9.25 12.97
C LEU A 387 23.08 10.31 13.75
N CYS A 388 21.82 10.04 14.10
CA CYS A 388 21.07 11.00 14.91
C CYS A 388 21.71 11.19 16.27
N ARG A 389 22.13 10.08 16.91
CA ARG A 389 22.81 10.20 18.19
C ARG A 389 24.09 11.01 18.07
N LEU A 390 24.86 10.77 17.00
CA LEU A 390 26.11 11.51 16.79
C LEU A 390 25.84 13.01 16.59
N MET A 391 24.81 13.34 15.80
CA MET A 391 24.50 14.75 15.58
C MET A 391 24.07 15.43 16.88
N THR A 392 23.33 14.73 17.73
CA THR A 392 22.99 15.30 19.02
C THR A 392 24.23 15.50 19.89
N LEU A 393 25.15 14.53 19.87
CA LEU A 393 26.35 14.64 20.68
C LEU A 393 27.43 15.52 20.06
N ALA A 394 27.28 15.90 18.79
CA ALA A 394 28.31 16.67 18.11
C ALA A 394 28.37 18.10 18.64
N PRO A 395 29.56 18.69 18.70
CA PRO A 395 29.65 20.10 19.09
C PRO A 395 28.90 21.00 18.12
N HIS A 396 28.28 22.04 18.66
CA HIS A 396 27.45 22.92 17.86
C HIS A 396 28.31 23.87 17.04
N GLY A 397 28.10 23.88 15.72
CA GLY A 397 28.79 24.79 14.84
C GLY A 397 30.22 24.43 14.53
N GLY A 398 30.70 23.27 14.97
CA GLY A 398 32.06 22.86 14.72
C GLY A 398 32.23 22.20 13.36
N VAL A 399 33.43 21.69 13.13
CA VAL A 399 33.72 20.98 11.89
C VAL A 399 32.97 19.66 11.85
N LEU A 400 32.82 19.00 13.01
CA LEU A 400 32.08 17.75 13.07
C LEU A 400 30.60 18.03 13.24
N SER A 401 30.08 18.96 12.47
CA SER A 401 28.65 19.23 12.39
C SER A 401 28.16 19.32 10.96
N SER A 402 29.03 19.79 10.04
CA SER A 402 28.69 19.80 8.63
C SER A 402 29.04 18.49 7.96
N ARG A 403 30.02 17.75 8.49
CA ARG A 403 30.29 16.41 7.99
C ARG A 403 29.12 15.48 8.27
N LEU A 404 28.49 15.62 9.44
CA LEU A 404 27.29 14.85 9.73
C LEU A 404 26.08 15.36 8.96
N GLU A 405 26.08 16.63 8.55
CA GLU A 405 25.01 17.12 7.68
C GLU A 405 25.04 16.44 6.32
N VAL A 406 26.23 16.27 5.75
CA VAL A 406 26.36 15.58 4.46
C VAL A 406 25.89 14.13 4.60
N LEU A 407 26.27 13.47 5.70
CA LEU A 407 25.84 12.09 5.90
C LEU A 407 24.33 12.01 6.11
N SER A 408 23.74 13.01 6.78
CA SER A 408 22.29 13.03 6.95
C SER A 408 21.59 13.20 5.60
N ARG A 409 22.11 14.08 4.75
CA ARG A 409 21.55 14.23 3.40
C ARG A 409 21.69 12.94 2.60
N LEU A 410 22.83 12.26 2.74
CA LEU A 410 23.03 10.99 2.08
C LEU A 410 22.01 9.96 2.53
N LEU A 411 21.77 9.89 3.85
CA LEU A 411 20.81 8.93 4.39
C LEU A 411 19.39 9.27 3.95
N MET A 412 19.06 10.56 3.87
CA MET A 412 17.73 10.96 3.42
C MET A 412 17.53 10.63 1.95
N LEU A 413 18.55 10.86 1.12
CA LEU A 413 18.41 10.62 -0.31
C LEU A 413 18.43 9.14 -0.65
N GLN A 414 19.24 8.35 0.05
CA GLN A 414 19.47 6.96 -0.29
C GLN A 414 19.05 6.05 0.86
N ASN A 415 18.30 5.01 0.54
CA ASN A 415 18.05 3.90 1.46
C ASN A 415 18.60 2.62 0.84
N ILE A 416 19.14 1.75 1.70
CA ILE A 416 19.76 0.50 1.24
C ILE A 416 18.69 -0.58 1.32
N SER A 417 18.10 -0.89 0.17
CA SER A 417 17.04 -1.90 0.10
C SER A 417 17.16 -2.64 -1.21
N TYR A 418 16.56 -3.82 -1.26
CA TYR A 418 16.57 -4.67 -2.44
C TYR A 418 15.20 -4.62 -3.10
N SER A 419 15.13 -4.00 -4.26
CA SER A 419 13.89 -3.94 -5.04
C SER A 419 14.09 -4.71 -6.34
N PRO A 420 13.66 -5.97 -6.41
CA PRO A 420 13.91 -6.77 -7.61
C PRO A 420 13.12 -6.31 -8.81
N LEU A 421 13.81 -5.77 -9.81
CA LEU A 421 13.24 -5.25 -11.05
C LEU A 421 12.27 -4.10 -10.82
N GLY A 422 12.20 -3.57 -9.60
CA GLY A 422 11.34 -2.45 -9.29
C GLY A 422 9.93 -2.79 -8.90
N MET A 423 9.52 -4.06 -9.01
CA MET A 423 8.15 -4.42 -8.66
C MET A 423 7.99 -4.61 -7.16
N CYS A 424 8.72 -5.56 -6.58
CA CYS A 424 8.59 -5.88 -5.16
C CYS A 424 9.54 -5.01 -4.34
N THR A 425 9.51 -5.22 -3.02
CA THR A 425 10.40 -4.53 -2.11
C THR A 425 11.29 -5.47 -1.31
N LEU A 426 11.03 -6.78 -1.35
CA LEU A 426 11.85 -7.79 -0.68
C LEU A 426 12.05 -7.44 0.80
N ASP A 427 10.95 -7.47 1.53
CA ASP A 427 10.95 -7.21 2.96
C ASP A 427 9.96 -8.14 3.63
N ARG A 428 9.95 -8.10 4.96
CA ARG A 428 8.98 -8.90 5.70
C ARG A 428 7.53 -8.56 5.38
N PRO A 429 7.14 -7.29 5.16
CA PRO A 429 5.75 -7.05 4.73
C PRO A 429 5.38 -7.77 3.45
N LEU A 430 6.34 -8.05 2.57
CA LEU A 430 6.04 -8.80 1.36
C LEU A 430 5.59 -10.22 1.68
N MET A 431 6.05 -10.78 2.81
CA MET A 431 5.62 -12.13 3.19
C MET A 431 4.13 -12.17 3.50
N VAL A 432 3.61 -11.13 4.14
CA VAL A 432 2.19 -11.10 4.50
C VAL A 432 1.32 -11.07 3.25
N THR A 433 1.68 -10.24 2.28
CA THR A 433 0.90 -10.15 1.04
C THR A 433 0.93 -11.48 0.29
N VAL A 434 2.10 -12.11 0.21
CA VAL A 434 2.21 -13.38 -0.51
C VAL A 434 1.41 -14.46 0.21
N LEU A 435 1.44 -14.47 1.55
CA LEU A 435 0.66 -15.46 2.28
C LEU A 435 -0.84 -15.25 2.11
N GLY A 436 -1.28 -13.99 2.09
CA GLY A 436 -2.69 -13.73 1.83
C GLY A 436 -3.10 -14.18 0.44
N ALA A 437 -2.28 -13.89 -0.56
CA ALA A 437 -2.56 -14.37 -1.92
C ALA A 437 -2.58 -15.89 -1.97
N VAL A 438 -1.68 -16.54 -1.24
CA VAL A 438 -1.65 -17.99 -1.17
C VAL A 438 -2.96 -18.53 -0.62
N THR A 439 -3.44 -17.92 0.47
CA THR A 439 -4.69 -18.37 1.08
C THR A 439 -5.85 -18.19 0.11
N THR A 440 -5.92 -17.03 -0.54
CA THR A 440 -7.04 -16.77 -1.45
C THR A 440 -7.03 -17.74 -2.62
N TYR A 441 -5.87 -17.94 -3.26
CA TYR A 441 -5.83 -18.84 -4.41
C TYR A 441 -6.01 -20.29 -3.98
N LEU A 442 -5.58 -20.65 -2.78
CA LEU A 442 -5.79 -22.00 -2.28
C LEU A 442 -7.27 -22.28 -2.08
N VAL A 443 -8.00 -21.36 -1.45
CA VAL A 443 -9.43 -21.59 -1.27
C VAL A 443 -10.15 -21.53 -2.61
N ILE A 444 -9.62 -20.75 -3.56
CA ILE A 444 -10.19 -20.76 -4.91
C ILE A 444 -10.06 -22.13 -5.55
N LEU A 445 -8.88 -22.74 -5.45
CA LEU A 445 -8.69 -24.08 -6.00
C LEU A 445 -9.56 -25.11 -5.27
N ILE A 446 -9.69 -24.97 -3.95
CA ILE A 446 -10.53 -25.90 -3.20
C ILE A 446 -11.99 -25.80 -3.65
N GLN A 447 -12.46 -24.57 -3.87
CA GLN A 447 -13.82 -24.39 -4.38
C GLN A 447 -13.97 -24.96 -5.78
N PHE A 448 -12.96 -24.77 -6.63
CA PHE A 448 -13.02 -25.29 -8.00
C PHE A 448 -13.03 -26.81 -8.03
N GLN A 449 -12.30 -27.45 -7.12
CA GLN A 449 -12.28 -28.91 -7.08
C GLN A 449 -13.66 -29.47 -6.75
N ARG A 450 -14.35 -28.86 -5.79
CA ARG A 450 -15.68 -29.32 -5.38
C ARG A 450 -16.75 -28.77 -6.32
N THR B 18 22.85 0.30 41.07
CA THR B 18 21.95 1.08 40.22
C THR B 18 20.61 0.36 40.00
N PRO B 19 19.77 0.31 41.04
CA PRO B 19 18.48 -0.36 40.90
C PRO B 19 17.56 0.38 39.93
N CYS B 20 16.68 -0.39 39.29
CA CYS B 20 15.71 0.16 38.34
C CYS B 20 14.42 0.47 39.08
N LEU B 21 14.34 1.68 39.63
CA LEU B 21 13.13 2.10 40.33
C LEU B 21 11.98 2.25 39.35
N VAL B 22 10.79 1.84 39.79
CA VAL B 22 9.60 1.92 38.96
C VAL B 22 8.39 1.97 39.87
N GLY B 23 7.30 2.58 39.38
CA GLY B 23 6.08 2.69 40.14
C GLY B 23 4.94 3.15 39.26
N GLY B 24 3.76 3.18 39.84
CA GLY B 24 2.57 3.62 39.13
C GLY B 24 1.96 2.49 38.30
N ALA B 25 1.99 2.65 36.97
CA ALA B 25 1.46 1.61 36.09
C ALA B 25 2.30 0.34 36.17
N HIS B 26 3.61 0.48 36.02
CA HIS B 26 4.50 -0.68 36.10
C HIS B 26 4.84 -1.00 37.54
N ALA B 27 3.83 -1.07 38.40
CA ALA B 27 3.99 -1.51 39.78
C ALA B 27 2.83 -2.43 40.14
N PHE B 28 1.71 -2.25 39.45
CA PHE B 28 0.52 -3.08 39.63
C PHE B 28 0.39 -4.14 38.54
N ILE B 29 0.48 -3.74 37.28
CA ILE B 29 0.39 -4.72 36.20
C ILE B 29 1.65 -5.57 36.11
N LEU B 30 2.78 -5.07 36.60
CA LEU B 30 3.97 -5.91 36.67
C LEU B 30 3.81 -7.00 37.71
N LYS B 31 3.11 -6.71 38.81
CA LYS B 31 2.82 -7.76 39.80
C LYS B 31 1.80 -8.74 39.26
N ILE B 32 0.79 -8.25 38.53
CA ILE B 32 -0.19 -9.15 37.92
C ILE B 32 0.49 -10.06 36.90
N SER B 33 1.34 -9.48 36.05
CA SER B 33 2.06 -10.28 35.07
C SER B 33 3.02 -11.24 35.73
N SER B 34 3.62 -10.83 36.86
CA SER B 34 4.47 -11.75 37.62
C SER B 34 3.66 -12.94 38.14
N PHE B 35 2.46 -12.66 38.63
CA PHE B 35 1.60 -13.74 39.12
C PHE B 35 1.21 -14.69 38.00
N CYS B 36 0.88 -14.15 36.82
CA CYS B 36 0.50 -14.98 35.69
C CYS B 36 1.70 -15.40 34.84
N GLY B 37 2.90 -15.04 35.23
CA GLY B 37 4.10 -15.53 34.57
C GLY B 37 4.63 -14.70 33.43
N LEU B 38 4.14 -13.48 33.24
CA LEU B 38 4.59 -12.62 32.16
C LEU B 38 5.64 -11.61 32.59
N ALA B 39 6.04 -11.60 33.86
CA ALA B 39 7.03 -10.64 34.36
C ALA B 39 7.78 -11.26 35.53
N PRO B 40 8.78 -12.09 35.25
CA PRO B 40 9.56 -12.68 36.33
C PRO B 40 10.51 -11.69 36.97
N LEU B 41 9.99 -10.82 37.84
CA LEU B 41 10.77 -9.77 38.47
C LEU B 41 10.61 -9.81 39.98
N ARG B 42 11.71 -9.58 40.70
CA ARG B 42 11.61 -9.36 42.13
C ARG B 42 11.12 -7.95 42.40
N PHE B 43 10.49 -7.76 43.55
CA PHE B 43 9.73 -6.55 43.85
C PHE B 43 10.12 -6.00 45.22
N GLU B 44 11.40 -5.77 45.43
CA GLU B 44 11.87 -5.19 46.69
C GLU B 44 11.16 -3.88 46.96
N PRO B 45 10.60 -3.68 48.15
CA PRO B 45 9.79 -2.48 48.42
C PRO B 45 10.61 -1.25 48.77
N ARG B 46 11.91 -1.27 48.42
CA ARG B 46 12.78 -0.15 48.74
C ARG B 46 12.24 1.14 48.15
N SER B 47 12.29 2.22 48.96
CA SER B 47 11.81 3.54 48.58
C SER B 47 10.30 3.53 48.31
N GLN B 48 9.76 4.70 47.94
CA GLN B 48 8.34 4.78 47.63
C GLN B 48 7.99 3.94 46.41
N GLU B 49 8.84 3.98 45.39
CA GLU B 49 8.61 3.20 44.18
C GLU B 49 9.04 1.75 44.42
N TYR B 50 9.10 0.97 43.35
CA TYR B 50 9.48 -0.44 43.43
C TYR B 50 10.76 -0.67 42.64
N ALA B 51 11.71 -1.37 43.26
CA ALA B 51 12.95 -1.75 42.62
C ALA B 51 12.79 -3.14 42.01
N VAL B 52 12.83 -3.22 40.70
CA VAL B 52 12.60 -4.48 39.98
C VAL B 52 13.91 -4.98 39.41
N THR B 53 14.06 -6.30 39.38
CA THR B 53 15.22 -6.94 38.80
C THR B 53 14.84 -8.36 38.37
N ILE B 54 15.66 -8.93 37.48
CA ILE B 54 15.40 -10.27 37.00
C ILE B 54 15.42 -11.24 38.18
N SER B 55 14.49 -12.21 38.16
CA SER B 55 14.24 -13.06 39.31
C SER B 55 14.38 -14.53 38.96
N LYS B 56 15.49 -14.92 38.35
CA LYS B 56 15.79 -16.30 38.03
C LYS B 56 15.37 -17.24 39.15
N GLY B 57 14.48 -18.17 38.85
CA GLY B 57 13.72 -18.92 39.82
C GLY B 57 12.23 -18.63 39.74
N LYS B 58 11.86 -17.39 39.44
CA LYS B 58 10.50 -17.05 39.04
C LYS B 58 10.29 -17.23 37.54
N CYS B 59 11.36 -17.06 36.74
CA CYS B 59 11.29 -17.41 35.34
C CYS B 59 11.06 -18.91 35.15
N PHE B 60 11.70 -19.73 35.98
CA PHE B 60 11.45 -21.16 35.94
C PHE B 60 10.00 -21.47 36.29
N TYR B 61 9.45 -20.77 37.29
CA TYR B 61 8.04 -20.94 37.64
C TYR B 61 7.14 -20.56 36.46
N SER B 62 7.44 -19.46 35.79
CA SER B 62 6.64 -19.04 34.64
C SER B 62 6.70 -20.08 33.53
N TYR B 63 7.89 -20.61 33.25
CA TYR B 63 8.04 -21.62 32.21
C TYR B 63 7.25 -22.88 32.57
N ILE B 64 7.35 -23.32 33.82
CA ILE B 64 6.61 -24.53 34.25
C ILE B 64 5.12 -24.29 34.12
N LEU B 65 4.64 -23.11 34.55
CA LEU B 65 3.22 -22.80 34.50
C LEU B 65 2.71 -22.81 33.06
N VAL B 66 3.41 -22.13 32.15
CA VAL B 66 2.93 -22.05 30.78
C VAL B 66 3.02 -23.41 30.10
N THR B 67 4.06 -24.19 30.40
CA THR B 67 4.16 -25.52 29.81
C THR B 67 3.03 -26.42 30.29
N PHE B 68 2.72 -26.39 31.60
CA PHE B 68 1.63 -27.18 32.13
C PHE B 68 0.31 -26.76 31.51
N LEU B 69 0.07 -25.45 31.37
CA LEU B 69 -1.18 -24.98 30.79
C LEU B 69 -1.30 -25.41 29.33
N VAL B 70 -0.22 -25.30 28.56
CA VAL B 70 -0.29 -25.68 27.15
C VAL B 70 -0.50 -27.18 27.00
N ILE B 71 0.18 -27.99 27.81
CA ILE B 71 0.00 -29.43 27.75
C ILE B 71 -1.43 -29.81 28.11
N CYS B 72 -1.96 -29.21 29.17
CA CYS B 72 -3.34 -29.50 29.56
C CYS B 72 -4.32 -29.08 28.48
N THR B 73 -4.09 -27.91 27.87
CA THR B 73 -4.99 -27.43 26.83
C THR B 73 -4.97 -28.35 25.61
N ILE B 74 -3.77 -28.80 25.19
CA ILE B 74 -3.67 -29.67 24.04
C ILE B 74 -4.31 -31.02 24.34
N TYR B 75 -4.08 -31.56 25.54
CA TYR B 75 -4.70 -32.83 25.92
C TYR B 75 -6.22 -32.72 25.95
N GLY B 76 -6.74 -31.60 26.48
CA GLY B 76 -8.18 -31.40 26.49
C GLY B 76 -8.76 -31.25 25.10
N LEU B 77 -8.04 -30.55 24.22
CA LEU B 77 -8.48 -30.44 22.83
C LEU B 77 -8.52 -31.79 22.15
N VAL B 78 -7.49 -32.62 22.37
CA VAL B 78 -7.46 -33.96 21.79
C VAL B 78 -8.62 -34.79 22.31
N ALA B 79 -8.88 -34.72 23.62
CA ALA B 79 -9.97 -35.48 24.21
C ALA B 79 -11.32 -35.01 23.67
N GLU B 80 -11.49 -33.71 23.49
CA GLU B 80 -12.75 -33.19 22.96
C GLU B 80 -12.95 -33.56 21.51
N ILE B 81 -11.88 -33.60 20.72
CA ILE B 81 -12.00 -34.09 19.35
C ILE B 81 -12.34 -35.58 19.34
N GLY B 82 -11.73 -36.35 20.22
CA GLY B 82 -11.94 -37.79 20.25
C GLY B 82 -13.22 -38.24 20.93
N VAL B 83 -13.90 -37.36 21.66
CA VAL B 83 -15.13 -37.76 22.34
C VAL B 83 -16.28 -37.92 21.34
N GLY B 84 -16.18 -37.31 20.16
CA GLY B 84 -17.21 -37.45 19.16
C GLY B 84 -17.97 -36.17 18.89
N VAL B 85 -18.48 -36.02 17.66
CA VAL B 85 -19.24 -34.83 17.31
C VAL B 85 -20.55 -34.78 18.10
N GLU B 86 -21.24 -35.92 18.21
CA GLU B 86 -22.52 -35.95 18.91
C GLU B 86 -22.35 -35.69 20.41
N LYS B 87 -21.29 -36.25 21.00
CA LYS B 87 -21.11 -36.11 22.45
C LYS B 87 -20.63 -34.71 22.83
N SER B 88 -19.75 -34.13 22.02
CA SER B 88 -19.21 -32.82 22.33
C SER B 88 -20.29 -31.75 22.24
N VAL B 89 -20.27 -30.81 23.20
CA VAL B 89 -21.26 -29.74 23.21
C VAL B 89 -20.75 -28.51 22.47
N ARG B 90 -19.44 -28.33 22.37
CA ARG B 90 -18.87 -27.20 21.64
C ARG B 90 -18.63 -27.54 20.18
N MET B 91 -18.12 -28.74 19.91
CA MET B 91 -17.78 -29.17 18.54
C MET B 91 -18.89 -30.07 18.00
N SER B 92 -20.04 -29.44 17.72
CA SER B 92 -21.19 -30.16 17.21
C SER B 92 -21.24 -30.13 15.68
N SER B 93 -20.10 -30.44 15.05
CA SER B 93 -19.98 -30.51 13.60
C SER B 93 -18.56 -30.92 13.23
N ARG B 94 -18.38 -31.55 12.07
CA ARG B 94 -17.04 -31.87 11.60
C ARG B 94 -16.30 -30.60 11.17
N MET B 95 -16.99 -29.68 10.52
CA MET B 95 -16.38 -28.40 10.19
C MET B 95 -16.17 -27.53 11.42
N SER B 96 -17.05 -27.63 12.41
CA SER B 96 -16.86 -26.93 13.68
C SER B 96 -15.99 -27.74 14.63
N GLN B 97 -14.89 -28.23 14.10
CA GLN B 97 -13.79 -28.86 14.81
C GLN B 97 -12.44 -28.30 14.38
N VAL B 98 -12.29 -27.98 13.10
CA VAL B 98 -11.07 -27.32 12.63
C VAL B 98 -11.05 -25.88 13.13
N VAL B 99 -12.19 -25.19 13.09
CA VAL B 99 -12.23 -23.80 13.51
C VAL B 99 -12.02 -23.69 15.02
N SER B 100 -12.63 -24.58 15.80
CA SER B 100 -12.43 -24.56 17.25
C SER B 100 -11.01 -24.97 17.62
N ALA B 101 -10.44 -25.94 16.89
CA ALA B 101 -9.05 -26.31 17.13
C ALA B 101 -8.11 -25.16 16.84
N CYS B 102 -8.35 -24.44 15.73
CA CYS B 102 -7.54 -23.26 15.45
C CYS B 102 -7.71 -22.19 16.52
N ASP B 103 -8.96 -22.00 16.98
CA ASP B 103 -9.22 -21.05 18.07
C ASP B 103 -8.41 -21.39 19.31
N ILE B 104 -8.37 -22.67 19.68
CA ILE B 104 -7.63 -23.07 20.87
C ILE B 104 -6.12 -22.93 20.66
N LEU B 105 -5.63 -23.42 19.52
CA LEU B 105 -4.18 -23.42 19.29
C LEU B 105 -3.62 -22.03 19.11
N VAL B 106 -4.41 -21.08 18.59
CA VAL B 106 -3.88 -19.74 18.39
C VAL B 106 -3.67 -19.05 19.73
N VAL B 107 -4.60 -19.23 20.69
CA VAL B 107 -4.38 -18.64 21.99
C VAL B 107 -3.30 -19.39 22.75
N ALA B 108 -3.16 -20.70 22.52
CA ALA B 108 -2.07 -21.44 23.13
C ALA B 108 -0.73 -20.90 22.65
N VAL B 109 -0.61 -20.65 21.34
CA VAL B 109 0.63 -20.10 20.78
C VAL B 109 0.86 -18.69 21.29
N THR B 110 -0.20 -17.89 21.41
CA THR B 110 -0.05 -16.52 21.90
C THR B 110 0.45 -16.51 23.35
N ALA B 111 -0.14 -17.35 24.20
CA ALA B 111 0.31 -17.42 25.58
C ALA B 111 1.74 -17.95 25.67
N GLY B 112 2.08 -18.95 24.84
CA GLY B 112 3.45 -19.45 24.84
C GLY B 112 4.45 -18.39 24.45
N VAL B 113 4.15 -17.64 23.39
CA VAL B 113 5.02 -16.55 22.96
C VAL B 113 5.12 -15.49 24.05
N GLY B 114 4.01 -15.22 24.74
CA GLY B 114 4.03 -14.25 25.81
C GLY B 114 4.92 -14.67 26.97
N VAL B 115 4.87 -15.94 27.34
CA VAL B 115 5.68 -16.41 28.47
C VAL B 115 7.06 -16.86 28.03
N TYR B 116 7.16 -17.63 26.95
CA TYR B 116 8.47 -18.02 26.41
C TYR B 116 9.05 -16.81 25.69
N GLY B 117 9.69 -15.95 26.47
CA GLY B 117 10.22 -14.70 25.96
C GLY B 117 10.02 -13.58 26.95
N ALA B 118 9.29 -13.88 28.03
CA ALA B 118 9.13 -12.93 29.12
C ALA B 118 10.45 -12.53 29.77
N PRO B 119 11.39 -13.44 30.06
CA PRO B 119 12.66 -12.98 30.63
C PRO B 119 13.42 -12.02 29.74
N ALA B 120 13.45 -12.25 28.43
CA ALA B 120 14.14 -11.33 27.52
C ALA B 120 13.44 -9.99 27.46
N ARG B 121 12.10 -9.99 27.43
CA ARG B 121 11.36 -8.74 27.43
C ARG B 121 11.61 -7.96 28.71
N MET B 122 11.67 -8.66 29.86
CA MET B 122 11.95 -7.98 31.11
C MET B 122 13.39 -7.46 31.16
N ARG B 123 14.33 -8.17 30.52
CA ARG B 123 15.69 -7.67 30.43
C ARG B 123 15.75 -6.38 29.63
N THR B 124 15.06 -6.35 28.48
CA THR B 124 15.02 -5.11 27.69
C THR B 124 14.31 -3.99 28.45
N MET B 125 13.25 -4.34 29.17
CA MET B 125 12.54 -3.34 29.97
C MET B 125 13.45 -2.74 31.03
N LEU B 126 14.21 -3.59 31.73
CA LEU B 126 15.16 -3.10 32.71
C LEU B 126 16.26 -2.28 32.05
N SER B 127 16.63 -2.64 30.82
CA SER B 127 17.65 -1.87 30.11
C SER B 127 17.18 -0.45 29.82
N TYR B 128 15.94 -0.29 29.34
CA TYR B 128 15.48 1.05 29.02
C TYR B 128 14.84 1.78 30.20
N MET B 129 14.66 1.10 31.34
CA MET B 129 14.24 1.80 32.56
C MET B 129 15.24 2.88 32.94
N GLU B 130 16.53 2.55 32.90
CA GLU B 130 17.55 3.49 33.34
C GLU B 130 17.65 4.70 32.41
N ASN B 131 17.18 4.58 31.17
CA ASN B 131 17.14 5.72 30.27
C ASN B 131 15.86 6.53 30.43
N ILE B 132 14.72 5.84 30.58
CA ILE B 132 13.47 6.57 30.67
C ILE B 132 13.35 7.29 32.02
N VAL B 133 14.00 6.80 33.07
CA VAL B 133 14.04 7.56 34.33
C VAL B 133 14.87 8.82 34.16
N ALA B 134 15.98 8.75 33.43
CA ALA B 134 16.75 9.97 33.16
C ALA B 134 15.94 10.95 32.34
N VAL B 135 15.14 10.45 31.38
CA VAL B 135 14.25 11.31 30.62
C VAL B 135 13.22 11.96 31.54
N ASP B 136 12.65 11.17 32.45
CA ASP B 136 11.61 11.68 33.34
C ASP B 136 12.16 12.73 34.32
N ARG B 137 13.40 12.57 34.76
CA ARG B 137 13.99 13.53 35.70
C ARG B 137 14.05 14.94 35.13
N GLU B 138 14.28 15.08 33.82
CA GLU B 138 14.32 16.37 33.16
C GLU B 138 12.93 16.90 32.82
N LEU B 139 11.88 16.14 33.10
CA LEU B 139 10.51 16.56 32.82
C LEU B 139 9.62 16.62 34.04
N GLY B 140 9.87 15.81 35.07
CA GLY B 140 9.01 15.79 36.24
C GLY B 140 8.36 14.43 36.44
N ARG B 141 8.79 13.70 37.47
CA ARG B 141 8.25 12.38 37.72
C ARG B 141 6.83 12.41 38.25
N HIS B 142 6.38 13.54 38.81
CA HIS B 142 5.02 13.64 39.33
C HIS B 142 4.00 13.48 38.21
N HIS B 143 4.25 14.12 37.07
CA HIS B 143 3.33 14.02 35.94
C HIS B 143 3.23 12.58 35.43
N SER B 144 4.37 11.91 35.29
CA SER B 144 4.37 10.53 34.82
C SER B 144 3.69 9.61 35.82
N ALA B 145 3.91 9.84 37.12
CA ALA B 145 3.25 9.03 38.14
C ALA B 145 1.74 9.24 38.12
N ALA B 146 1.29 10.48 37.95
CA ALA B 146 -0.14 10.75 37.89
C ALA B 146 -0.77 10.14 36.64
N THR B 147 -0.09 10.24 35.50
CA THR B 147 -0.62 9.66 34.27
C THR B 147 -0.66 8.13 34.34
N GLU B 148 0.37 7.53 34.93
CA GLU B 148 0.43 6.07 35.02
C GLU B 148 -0.60 5.54 36.02
N ARG B 149 -0.87 6.29 37.08
CA ARG B 149 -1.89 5.87 38.05
C ARG B 149 -3.29 5.98 37.47
N LYS B 150 -3.50 6.81 36.45
CA LYS B 150 -4.80 6.92 35.82
C LYS B 150 -5.10 5.71 34.92
N LEU B 151 -4.07 5.01 34.45
CA LEU B 151 -4.27 3.83 33.63
C LEU B 151 -4.63 2.59 34.44
N CYS B 152 -4.48 2.64 35.76
CA CYS B 152 -4.81 1.48 36.59
C CYS B 152 -6.32 1.23 36.62
N ALA B 153 -7.12 2.29 36.59
CA ALA B 153 -8.57 2.11 36.58
C ALA B 153 -9.02 1.40 35.32
N LEU B 154 -8.49 1.81 34.16
CA LEU B 154 -8.81 1.12 32.92
C LEU B 154 -8.28 -0.31 32.92
N LEU B 155 -7.09 -0.51 33.49
CA LEU B 155 -6.55 -1.87 33.64
C LEU B 155 -7.51 -2.76 34.42
N LEU B 156 -7.93 -2.30 35.60
CA LEU B 156 -8.83 -3.09 36.43
C LEU B 156 -10.16 -3.32 35.73
N LEU B 157 -10.70 -2.29 35.07
CA LEU B 157 -11.97 -2.44 34.38
C LEU B 157 -11.89 -3.50 33.28
N ILE B 158 -10.85 -3.42 32.44
CA ILE B 158 -10.74 -4.36 31.33
C ILE B 158 -10.47 -5.77 31.83
N LEU B 159 -9.60 -5.91 32.84
CA LEU B 159 -9.32 -7.24 33.39
C LEU B 159 -10.56 -7.84 34.02
N LEU B 160 -11.33 -7.04 34.77
CA LEU B 160 -12.55 -7.55 35.39
C LEU B 160 -13.57 -7.96 34.34
N SER B 161 -13.73 -7.14 33.29
CA SER B 161 -14.69 -7.48 32.23
C SER B 161 -14.28 -8.78 31.54
N PHE B 162 -12.99 -8.92 31.22
CA PHE B 162 -12.53 -10.13 30.55
C PHE B 162 -12.69 -11.35 31.45
N THR B 163 -12.36 -11.22 32.74
CA THR B 163 -12.49 -12.34 33.66
C THR B 163 -13.94 -12.73 33.84
N ILE B 164 -14.84 -11.75 33.92
CA ILE B 164 -16.26 -12.06 34.03
C ILE B 164 -16.76 -12.78 32.79
N LEU B 165 -16.33 -12.33 31.61
CA LEU B 165 -16.72 -13.00 30.38
C LEU B 165 -16.19 -14.43 30.34
N LEU B 166 -14.93 -14.63 30.75
CA LEU B 166 -14.36 -15.97 30.78
C LEU B 166 -15.13 -16.88 31.73
N VAL B 167 -15.45 -16.39 32.92
CA VAL B 167 -16.16 -17.19 33.91
C VAL B 167 -17.56 -17.51 33.39
N ASP B 168 -18.23 -16.54 32.78
CA ASP B 168 -19.57 -16.78 32.25
C ASP B 168 -19.55 -17.82 31.14
N ASP B 169 -18.59 -17.72 30.22
CA ASP B 169 -18.48 -18.70 29.14
C ASP B 169 -18.20 -20.10 29.68
N PHE B 170 -17.26 -20.19 30.63
CA PHE B 170 -16.93 -21.48 31.22
C PHE B 170 -18.12 -22.09 31.93
N CYS B 171 -18.86 -21.27 32.70
CA CYS B 171 -20.02 -21.77 33.42
C CYS B 171 -21.12 -22.19 32.45
N PHE B 172 -21.33 -21.42 31.38
CA PHE B 172 -22.34 -21.78 30.39
C PHE B 172 -22.03 -23.12 29.77
N TYR B 173 -20.78 -23.32 29.33
CA TYR B 173 -20.42 -24.60 28.72
C TYR B 173 -20.48 -25.74 29.72
N ALA B 174 -20.13 -25.47 30.98
CA ALA B 174 -20.20 -26.50 32.01
C ALA B 174 -21.64 -26.94 32.25
N MET B 175 -22.57 -25.99 32.35
CA MET B 175 -23.97 -26.35 32.54
C MET B 175 -24.54 -27.05 31.31
N GLN B 176 -24.11 -26.63 30.10
CA GLN B 176 -24.56 -27.33 28.90
C GLN B 176 -24.08 -28.76 28.88
N ALA B 177 -22.83 -29.00 29.28
CA ALA B 177 -22.30 -30.36 29.29
C ALA B 177 -22.88 -31.17 30.45
N GLY B 178 -23.35 -30.50 31.50
CA GLY B 178 -23.95 -31.22 32.62
C GLY B 178 -25.26 -31.89 32.26
N LYS B 179 -25.93 -31.40 31.22
CA LYS B 179 -27.17 -32.05 30.77
C LYS B 179 -26.90 -33.45 30.26
N THR B 180 -25.81 -33.64 29.54
CA THR B 180 -25.41 -34.95 29.04
C THR B 180 -24.42 -35.65 29.95
N GLY B 181 -24.23 -35.16 31.18
CA GLY B 181 -23.32 -35.80 32.12
C GLY B 181 -21.86 -35.70 31.76
N ARG B 182 -21.42 -34.55 31.26
CA ARG B 182 -20.01 -34.35 30.90
C ARG B 182 -19.50 -33.02 31.45
N GLN B 183 -20.03 -32.57 32.59
CA GLN B 183 -19.60 -31.30 33.16
C GLN B 183 -18.17 -31.37 33.65
N TRP B 184 -17.81 -32.43 34.37
CA TRP B 184 -16.44 -32.56 34.84
C TRP B 184 -15.47 -32.82 33.68
N GLU B 185 -15.91 -33.57 32.67
CA GLU B 185 -15.08 -33.77 31.49
C GLU B 185 -14.82 -32.46 30.77
N ILE B 186 -15.85 -31.62 30.63
CA ILE B 186 -15.67 -30.36 29.91
C ILE B 186 -14.81 -29.41 30.74
N VAL B 187 -14.94 -29.45 32.07
CA VAL B 187 -14.10 -28.64 32.94
C VAL B 187 -12.64 -29.05 32.81
N THR B 188 -12.38 -30.36 32.82
CA THR B 188 -11.02 -30.85 32.67
C THR B 188 -10.45 -30.47 31.31
N ASN B 189 -11.27 -30.58 30.25
CA ASN B 189 -10.76 -30.30 28.91
C ASN B 189 -10.50 -28.82 28.67
N TYR B 190 -11.32 -27.93 29.23
CA TYR B 190 -11.18 -26.50 28.97
C TYR B 190 -10.77 -25.70 30.21
N ALA B 191 -10.12 -26.33 31.19
CA ALA B 191 -9.63 -25.57 32.34
C ALA B 191 -8.50 -24.62 31.93
N GLY B 192 -7.49 -25.13 31.25
CA GLY B 192 -6.33 -24.32 30.90
C GLY B 192 -6.56 -23.35 29.76
N PHE B 193 -7.60 -23.57 28.97
CA PHE B 193 -7.90 -22.69 27.84
C PHE B 193 -8.18 -21.27 28.31
N TYR B 194 -8.98 -21.13 29.37
CA TYR B 194 -9.31 -19.81 29.89
C TYR B 194 -8.17 -19.19 30.69
N PHE B 195 -7.32 -20.00 31.32
CA PHE B 195 -6.09 -19.46 31.89
C PHE B 195 -5.18 -18.89 30.81
N LEU B 196 -5.10 -19.57 29.66
CA LEU B 196 -4.34 -19.03 28.54
C LEU B 196 -4.95 -17.74 28.03
N TRP B 197 -6.29 -17.67 28.00
CA TRP B 197 -6.93 -16.39 27.68
C TRP B 197 -6.53 -15.29 28.65
N TYR B 198 -6.52 -15.59 29.94
CA TYR B 198 -6.14 -14.61 30.94
C TYR B 198 -4.71 -14.12 30.70
N ILE B 199 -3.80 -15.06 30.42
CA ILE B 199 -2.41 -14.70 30.17
C ILE B 199 -2.29 -13.81 28.93
N VAL B 200 -3.02 -14.15 27.87
CA VAL B 200 -2.96 -13.36 26.64
C VAL B 200 -3.47 -11.95 26.89
N MET B 201 -4.57 -11.83 27.63
CA MET B 201 -5.13 -10.51 27.90
C MET B 201 -4.19 -9.68 28.77
N VAL B 202 -3.56 -10.31 29.76
CA VAL B 202 -2.61 -9.58 30.61
C VAL B 202 -1.42 -9.12 29.79
N LEU B 203 -0.94 -9.95 28.86
CA LEU B 203 0.16 -9.53 28.00
C LEU B 203 -0.22 -8.33 27.13
N GLU B 204 -1.43 -8.37 26.56
CA GLU B 204 -1.90 -7.25 25.75
C GLU B 204 -1.98 -5.97 26.57
N LEU B 205 -2.54 -6.06 27.78
CA LEU B 205 -2.64 -4.88 28.64
C LEU B 205 -1.27 -4.37 29.04
N GLN B 206 -0.32 -5.28 29.29
CA GLN B 206 1.04 -4.88 29.67
C GLN B 206 1.69 -4.09 28.55
N PHE B 207 1.60 -4.60 27.31
CA PHE B 207 2.16 -3.84 26.19
C PHE B 207 1.45 -2.50 26.03
N ALA B 208 0.12 -2.49 26.15
CA ALA B 208 -0.63 -1.26 25.95
C ALA B 208 -0.21 -0.20 26.96
N PHE B 209 -0.04 -0.59 28.22
CA PHE B 209 0.31 0.40 29.24
C PHE B 209 1.77 0.82 29.16
N THR B 210 2.67 -0.06 28.73
CA THR B 210 4.04 0.38 28.46
C THR B 210 4.06 1.43 27.35
N ALA B 211 3.33 1.17 26.26
CA ALA B 211 3.26 2.13 25.16
C ALA B 211 2.61 3.43 25.60
N LEU B 212 1.59 3.35 26.46
CA LEU B 212 0.93 4.56 26.94
C LEU B 212 1.84 5.36 27.85
N SER B 213 2.66 4.69 28.66
CA SER B 213 3.64 5.41 29.48
C SER B 213 4.65 6.14 28.59
N LEU B 214 5.14 5.48 27.55
CA LEU B 214 6.05 6.16 26.64
C LEU B 214 5.36 7.32 25.92
N ARG B 215 4.08 7.14 25.57
CA ARG B 215 3.34 8.24 24.96
C ARG B 215 3.21 9.42 25.91
N ALA B 216 3.00 9.16 27.19
CA ALA B 216 2.93 10.23 28.17
C ALA B 216 4.27 10.97 28.27
N ARG B 217 5.37 10.21 28.26
CA ARG B 217 6.68 10.85 28.27
C ARG B 217 6.88 11.72 27.04
N LEU B 218 6.47 11.23 25.87
CA LEU B 218 6.65 12.01 24.64
C LEU B 218 5.73 13.22 24.61
N LYS B 219 4.54 13.11 25.21
CA LYS B 219 3.67 14.27 25.34
C LYS B 219 4.29 15.33 26.24
N LEU B 220 4.91 14.91 27.34
CA LEU B 220 5.64 15.86 28.19
C LEU B 220 6.77 16.52 27.42
N PHE B 221 7.48 15.73 26.60
CA PHE B 221 8.53 16.30 25.76
C PHE B 221 7.97 17.34 24.79
N ASN B 222 6.81 17.05 24.19
CA ASN B 222 6.18 18.00 23.27
C ASN B 222 5.80 19.29 23.99
N GLU B 223 5.21 19.17 25.19
CA GLU B 223 4.84 20.36 25.93
C GLU B 223 6.06 21.18 26.30
N ALA B 224 7.15 20.53 26.72
CA ALA B 224 8.37 21.24 27.04
C ALA B 224 8.95 21.95 25.83
N LEU B 225 8.96 21.26 24.68
CA LEU B 225 9.45 21.87 23.45
C LEU B 225 8.60 23.07 23.04
N ASN B 226 7.29 22.99 23.28
CA ASN B 226 6.40 24.07 22.89
C ASN B 226 6.58 25.28 23.81
N VAL B 227 6.69 25.06 25.12
CA VAL B 227 6.68 26.19 26.06
C VAL B 227 8.06 26.77 26.31
N THR B 228 9.14 26.00 26.13
CA THR B 228 10.48 26.46 26.45
C THR B 228 11.20 27.07 25.26
N ALA B 229 11.05 26.49 24.07
CA ALA B 229 11.74 27.02 22.89
C ALA B 229 11.10 28.29 22.35
N SER B 230 9.93 28.67 22.85
CA SER B 230 9.23 29.87 22.41
C SER B 230 9.05 30.85 23.56
N GLN B 231 10.10 31.04 24.35
CA GLN B 231 10.09 31.94 25.50
C GLN B 231 8.96 31.63 26.47
N CYS B 286 9.04 29.04 34.27
CA CYS B 286 8.43 28.41 33.11
C CYS B 286 9.48 27.95 32.11
N LEU B 287 10.65 28.60 32.16
CA LEU B 287 11.76 28.27 31.26
C LEU B 287 12.91 27.60 31.99
N GLN B 288 13.46 28.25 33.01
CA GLN B 288 14.56 27.75 33.84
C GLN B 288 15.82 27.42 33.04
N VAL B 289 15.87 27.79 31.76
CA VAL B 289 16.99 27.47 30.89
C VAL B 289 16.86 28.30 29.61
N PRO B 290 17.95 28.78 29.03
CA PRO B 290 17.86 29.45 27.75
C PRO B 290 17.34 28.49 26.69
N PRO B 291 16.63 29.00 25.68
CA PRO B 291 16.06 28.10 24.67
C PRO B 291 17.11 27.46 23.79
N CYS B 292 18.28 28.08 23.61
CA CYS B 292 19.32 27.50 22.78
C CYS B 292 19.79 26.17 23.35
N GLU B 293 20.10 26.14 24.65
CA GLU B 293 20.47 24.87 25.29
C GLU B 293 19.27 23.96 25.45
N ALA B 294 18.07 24.53 25.61
CA ALA B 294 16.87 23.73 25.78
C ALA B 294 16.59 22.88 24.54
N VAL B 295 16.81 23.45 23.35
CA VAL B 295 16.54 22.69 22.12
C VAL B 295 17.49 21.51 22.00
N GLY B 296 18.77 21.70 22.34
CA GLY B 296 19.70 20.59 22.31
C GLY B 296 19.37 19.51 23.33
N ARG B 297 18.99 19.94 24.54
CA ARG B 297 18.58 18.98 25.56
C ARG B 297 17.37 18.19 25.11
N LEU B 298 16.40 18.86 24.48
CA LEU B 298 15.22 18.17 23.98
C LEU B 298 15.55 17.26 22.81
N SER B 299 16.54 17.61 21.99
CA SER B 299 16.96 16.71 20.92
C SER B 299 17.56 15.43 21.49
N ARG B 300 18.43 15.55 22.50
CA ARG B 300 18.98 14.37 23.15
C ARG B 300 17.87 13.54 23.79
N MET B 301 16.90 14.22 24.44
CA MET B 301 15.77 13.53 25.05
C MET B 301 14.97 12.76 24.01
N ARG B 302 14.74 13.36 22.84
CA ARG B 302 13.98 12.68 21.80
C ARG B 302 14.74 11.49 21.25
N CYS B 303 16.07 11.59 21.14
CA CYS B 303 16.85 10.44 20.74
C CYS B 303 16.71 9.30 21.74
N THR B 304 16.77 9.62 23.04
CA THR B 304 16.58 8.59 24.06
C THR B 304 15.18 7.98 23.98
N LEU B 305 14.17 8.82 23.73
CA LEU B 305 12.80 8.32 23.62
C LEU B 305 12.64 7.40 22.41
N CYS B 306 13.29 7.75 21.29
CA CYS B 306 13.27 6.87 20.12
C CYS B 306 13.96 5.54 20.43
N GLU B 307 15.06 5.58 21.18
CA GLU B 307 15.71 4.35 21.59
C GLU B 307 14.78 3.48 22.42
N VAL B 308 14.07 4.09 23.37
CA VAL B 308 13.14 3.33 24.21
C VAL B 308 12.00 2.77 23.38
N THR B 309 11.49 3.55 22.42
CA THR B 309 10.43 3.06 21.54
C THR B 309 10.90 1.86 20.74
N ARG B 310 12.12 1.92 20.21
CA ARG B 310 12.65 0.81 19.44
C ARG B 310 12.83 -0.43 20.31
N HIS B 311 13.30 -0.25 21.54
CA HIS B 311 13.43 -1.39 22.45
C HIS B 311 12.08 -2.02 22.75
N ILE B 312 11.05 -1.19 22.97
CA ILE B 312 9.71 -1.71 23.24
C ILE B 312 9.18 -2.46 22.03
N ALA B 313 9.38 -1.90 20.83
CA ALA B 313 8.89 -2.56 19.62
C ALA B 313 9.63 -3.87 19.36
N ASP B 314 10.91 -3.92 19.68
CA ASP B 314 11.68 -5.15 19.47
C ASP B 314 11.30 -6.21 20.48
N GLY B 315 11.07 -5.82 21.73
CA GLY B 315 10.71 -6.80 22.75
C GLY B 315 9.35 -7.43 22.51
N TYR B 316 8.36 -6.61 22.12
CA TYR B 316 6.99 -7.06 21.98
C TYR B 316 6.62 -7.41 20.54
N GLY B 317 7.57 -7.37 19.61
CA GLY B 317 7.22 -7.52 18.20
C GLY B 317 6.58 -8.85 17.88
N LEU B 318 7.20 -9.94 18.33
CA LEU B 318 6.62 -11.26 18.11
C LEU B 318 5.29 -11.44 18.84
N PRO B 319 5.16 -11.10 20.13
CA PRO B 319 3.81 -11.12 20.74
C PRO B 319 2.82 -10.25 20.01
N LEU B 320 3.26 -9.10 19.49
CA LEU B 320 2.33 -8.21 18.79
C LEU B 320 1.80 -8.84 17.51
N VAL B 321 2.69 -9.43 16.70
CA VAL B 321 2.21 -10.05 15.46
C VAL B 321 1.36 -11.27 15.75
N ILE B 322 1.72 -12.05 16.78
CA ILE B 322 0.91 -13.20 17.15
C ILE B 322 -0.47 -12.76 17.63
N ILE B 323 -0.53 -11.67 18.41
CA ILE B 323 -1.81 -11.16 18.88
C ILE B 323 -2.64 -10.64 17.71
N LEU B 324 -1.99 -9.98 16.74
CA LEU B 324 -2.72 -9.49 15.58
C LEU B 324 -3.33 -10.62 14.76
N MET B 325 -2.54 -11.67 14.51
CA MET B 325 -3.09 -12.79 13.76
C MET B 325 -4.14 -13.54 14.56
N SER B 326 -4.01 -13.59 15.90
CA SER B 326 -5.03 -14.21 16.72
C SER B 326 -6.34 -13.42 16.66
N THR B 327 -6.26 -12.09 16.70
CA THR B 327 -7.46 -11.28 16.58
C THR B 327 -8.09 -11.45 15.20
N LEU B 328 -7.26 -11.53 14.16
CA LEU B 328 -7.80 -11.81 12.82
C LEU B 328 -8.55 -13.13 12.80
N LEU B 329 -7.93 -14.20 13.29
CA LEU B 329 -8.57 -15.51 13.28
C LEU B 329 -9.83 -15.52 14.12
N HIS B 330 -9.83 -14.81 15.25
CA HIS B 330 -10.98 -14.83 16.14
C HIS B 330 -12.14 -14.02 15.57
N LEU B 331 -11.85 -12.88 14.94
CA LEU B 331 -12.89 -12.13 14.27
C LEU B 331 -13.38 -12.84 13.01
N ILE B 332 -12.62 -13.81 12.51
CA ILE B 332 -13.13 -14.66 11.44
C ILE B 332 -14.01 -15.78 12.01
N VAL B 333 -13.64 -16.31 13.17
CA VAL B 333 -14.28 -17.51 13.69
C VAL B 333 -15.58 -17.19 14.43
N THR B 334 -15.54 -16.22 15.34
CA THR B 334 -16.71 -15.96 16.19
C THR B 334 -17.95 -15.57 15.40
N PRO B 335 -17.89 -14.64 14.43
CA PRO B 335 -19.09 -14.40 13.61
C PRO B 335 -19.56 -15.63 12.87
N TYR B 336 -18.65 -16.53 12.48
CA TYR B 336 -19.06 -17.78 11.85
C TYR B 336 -19.92 -18.60 12.79
N PHE B 337 -19.51 -18.72 14.05
CA PHE B 337 -20.31 -19.45 15.03
C PHE B 337 -21.65 -18.77 15.26
N LEU B 338 -21.66 -17.44 15.35
CA LEU B 338 -22.92 -16.72 15.55
C LEU B 338 -23.88 -16.94 14.38
N ILE B 339 -23.35 -16.88 13.15
CA ILE B 339 -24.19 -17.11 11.97
C ILE B 339 -24.70 -18.54 11.94
N MET B 340 -23.83 -19.50 12.25
CA MET B 340 -24.26 -20.89 12.29
C MET B 340 -25.41 -21.07 13.28
N GLU B 341 -25.29 -20.47 14.46
CA GLU B 341 -26.34 -20.60 15.46
C GLU B 341 -27.64 -19.97 14.97
N ILE B 342 -27.56 -18.74 14.44
CA ILE B 342 -28.79 -18.06 14.00
C ILE B 342 -29.39 -18.69 12.76
N ILE B 343 -28.68 -19.56 12.05
CA ILE B 343 -29.27 -20.24 10.90
C ILE B 343 -29.71 -21.67 11.19
N VAL B 344 -29.18 -22.33 12.22
CA VAL B 344 -29.56 -23.71 12.49
C VAL B 344 -30.43 -23.85 13.74
N SER B 345 -30.18 -23.09 14.81
CA SER B 345 -30.85 -23.33 16.08
C SER B 345 -31.77 -22.19 16.48
N THR B 346 -31.24 -20.97 16.63
CA THR B 346 -31.99 -19.83 17.18
C THR B 346 -32.64 -20.20 18.52
N HIS B 347 -31.98 -21.06 19.29
CA HIS B 347 -32.53 -21.59 20.53
C HIS B 347 -31.83 -21.03 21.76
N ARG B 348 -30.50 -21.08 21.81
CA ARG B 348 -29.74 -20.67 22.98
C ARG B 348 -29.46 -19.17 22.89
N LEU B 349 -30.22 -18.38 23.64
CA LEU B 349 -29.96 -16.94 23.70
C LEU B 349 -28.65 -16.66 24.43
N HIS B 350 -28.29 -17.49 25.41
CA HIS B 350 -27.01 -17.34 26.09
C HIS B 350 -25.85 -17.47 25.11
N PHE B 351 -25.96 -18.39 24.16
CA PHE B 351 -24.91 -18.55 23.15
C PHE B 351 -24.78 -17.30 22.28
N LEU B 352 -25.91 -16.72 21.88
CA LEU B 352 -25.85 -15.49 21.08
C LEU B 352 -25.23 -14.35 21.87
N VAL B 353 -25.62 -14.19 23.13
CA VAL B 353 -25.05 -13.14 23.97
C VAL B 353 -23.55 -13.33 24.10
N LEU B 354 -23.11 -14.58 24.33
CA LEU B 354 -21.69 -14.85 24.48
C LEU B 354 -20.93 -14.58 23.18
N GLN B 355 -21.52 -14.95 22.03
CA GLN B 355 -20.85 -14.70 20.76
C GLN B 355 -20.70 -13.21 20.49
N PHE B 356 -21.76 -12.43 20.77
CA PHE B 356 -21.66 -10.99 20.59
C PHE B 356 -20.62 -10.38 21.53
N LEU B 357 -20.61 -10.84 22.78
CA LEU B 357 -19.63 -10.35 23.74
C LEU B 357 -18.21 -10.71 23.30
N TRP B 358 -18.03 -11.88 22.70
CA TRP B 358 -16.70 -12.28 22.27
C TRP B 358 -16.25 -11.49 21.05
N CYS B 359 -17.17 -11.19 20.13
CA CYS B 359 -16.83 -10.31 19.02
C CYS B 359 -16.42 -8.93 19.52
N THR B 360 -17.19 -8.39 20.47
CA THR B 360 -16.84 -7.10 21.05
C THR B 360 -15.49 -7.17 21.76
N THR B 361 -15.21 -8.28 22.43
CA THR B 361 -13.94 -8.44 23.14
C THR B 361 -12.77 -8.51 22.18
N HIS B 362 -12.94 -9.19 21.04
CA HIS B 362 -11.86 -9.25 20.06
C HIS B 362 -11.63 -7.88 19.43
N LEU B 363 -12.69 -7.13 19.17
CA LEU B 363 -12.52 -5.76 18.70
C LEU B 363 -11.81 -4.90 19.73
N ILE B 364 -12.16 -5.08 21.01
CA ILE B 364 -11.51 -4.32 22.07
C ILE B 364 -10.05 -4.70 22.19
N ARG B 365 -9.73 -5.97 21.99
CA ARG B 365 -8.33 -6.41 21.99
C ARG B 365 -7.55 -5.75 20.87
N MET B 366 -8.14 -5.73 19.67
CA MET B 366 -7.51 -5.05 18.54
C MET B 366 -7.27 -3.58 18.85
N LEU B 367 -8.27 -2.91 19.44
CA LEU B 367 -8.11 -1.51 19.79
C LEU B 367 -7.02 -1.32 20.85
N VAL B 368 -6.98 -2.19 21.85
CA VAL B 368 -5.95 -2.11 22.88
C VAL B 368 -4.57 -2.22 22.26
N VAL B 369 -4.43 -3.08 21.25
CA VAL B 369 -3.14 -3.26 20.61
C VAL B 369 -2.78 -2.04 19.77
N VAL B 370 -3.72 -1.50 19.00
CA VAL B 370 -3.35 -0.53 17.97
C VAL B 370 -3.46 0.93 18.41
N GLU B 371 -4.28 1.24 19.43
CA GLU B 371 -4.50 2.64 19.78
C GLU B 371 -3.27 3.32 20.39
N PRO B 372 -2.54 2.71 21.32
CA PRO B 372 -1.34 3.41 21.85
C PRO B 372 -0.31 3.77 20.79
N CYS B 373 -0.11 2.89 19.82
CA CYS B 373 0.84 3.18 18.75
C CYS B 373 0.35 4.33 17.87
N HIS B 374 -0.96 4.36 17.58
CA HIS B 374 -1.51 5.47 16.82
C HIS B 374 -1.37 6.78 17.58
N TYR B 375 -1.60 6.75 18.89
CA TYR B 375 -1.43 7.96 19.70
C TYR B 375 0.01 8.41 19.72
N THR B 376 0.96 7.46 19.75
CA THR B 376 2.38 7.83 19.70
C THR B 376 2.73 8.47 18.36
N ILE B 377 2.20 7.92 17.27
CA ILE B 377 2.44 8.53 15.96
C ILE B 377 1.83 9.93 15.87
N ARG B 378 0.64 10.10 16.45
CA ARG B 378 0.03 11.42 16.48
C ARG B 378 0.85 12.41 17.29
N GLU B 379 1.44 11.93 18.40
CA GLU B 379 2.32 12.79 19.19
C GLU B 379 3.57 13.17 18.41
N GLY B 380 4.11 12.25 17.61
CA GLY B 380 5.23 12.59 16.75
C GLY B 380 4.88 13.64 15.71
N LYS B 381 3.68 13.51 15.11
CA LYS B 381 3.22 14.53 14.18
C LYS B 381 3.06 15.87 14.88
N ARG B 382 2.57 15.86 16.11
CA ARG B 382 2.49 17.10 16.89
C ARG B 382 3.88 17.68 17.15
N THR B 383 4.87 16.81 17.36
CA THR B 383 6.25 17.29 17.51
C THR B 383 6.70 18.01 16.25
N GLU B 384 6.41 17.43 15.08
CA GLU B 384 6.76 18.10 13.83
C GLU B 384 6.06 19.44 13.70
N ASP B 385 4.78 19.49 14.09
CA ASP B 385 4.02 20.73 14.00
C ASP B 385 4.65 21.82 14.89
N ILE B 386 4.95 21.46 16.14
CA ILE B 386 5.54 22.41 17.08
C ILE B 386 6.88 22.89 16.56
N LEU B 387 7.69 21.97 16.02
CA LEU B 387 9.01 22.36 15.54
C LEU B 387 8.91 23.30 14.34
N CYS B 388 7.95 23.07 13.45
CA CYS B 388 7.76 23.98 12.32
C CYS B 388 7.35 25.36 12.80
N ARG B 389 6.43 25.43 13.76
CA ARG B 389 6.04 26.72 14.32
C ARG B 389 7.23 27.43 14.97
N LEU B 390 8.06 26.69 15.70
CA LEU B 390 9.23 27.27 16.34
C LEU B 390 10.22 27.81 15.31
N MET B 391 10.46 27.05 14.23
CA MET B 391 11.38 27.51 13.20
C MET B 391 10.87 28.77 12.54
N THR B 392 9.56 28.86 12.30
CA THR B 392 9.01 30.09 11.75
C THR B 392 9.17 31.25 12.72
N LEU B 393 8.95 31.01 14.01
CA LEU B 393 9.08 32.08 15.00
C LEU B 393 10.52 32.37 15.40
N ALA B 394 11.46 31.51 15.03
CA ALA B 394 12.84 31.68 15.47
C ALA B 394 13.50 32.86 14.77
N PRO B 395 14.39 33.57 15.45
CA PRO B 395 15.13 34.65 14.79
C PRO B 395 15.97 34.11 13.64
N HIS B 396 16.06 34.90 12.57
CA HIS B 396 16.75 34.47 11.37
C HIS B 396 18.26 34.57 11.56
N GLY B 397 18.96 33.46 11.32
CA GLY B 397 20.40 33.43 11.39
C GLY B 397 20.99 33.42 12.79
N GLY B 398 20.17 33.32 13.83
CA GLY B 398 20.66 33.32 15.18
C GLY B 398 21.11 31.94 15.63
N VAL B 399 21.46 31.86 16.92
CA VAL B 399 21.86 30.58 17.49
C VAL B 399 20.66 29.63 17.57
N LEU B 400 19.47 30.17 17.85
CA LEU B 400 18.27 29.34 17.90
C LEU B 400 17.69 29.18 16.51
N SER B 401 18.54 28.90 15.54
CA SER B 401 18.12 28.54 14.19
C SER B 401 18.83 27.30 13.69
N SER B 402 20.06 27.07 14.12
CA SER B 402 20.78 25.84 13.78
C SER B 402 20.46 24.72 14.77
N ARG B 403 20.10 25.07 16.00
CA ARG B 403 19.63 24.05 16.95
C ARG B 403 18.33 23.44 16.47
N LEU B 404 17.44 24.25 15.90
CA LEU B 404 16.21 23.72 15.31
C LEU B 404 16.47 23.00 14.00
N GLU B 405 17.56 23.34 13.30
CA GLU B 405 17.93 22.59 12.10
C GLU B 405 18.31 21.15 12.46
N VAL B 406 19.07 20.96 13.53
CA VAL B 406 19.43 19.63 13.97
C VAL B 406 18.19 18.83 14.36
N LEU B 407 17.26 19.48 15.07
CA LEU B 407 16.03 18.80 15.44
C LEU B 407 15.17 18.47 14.22
N SER B 408 15.16 19.34 13.21
CA SER B 408 14.44 19.05 11.98
C SER B 408 15.05 17.85 11.26
N ARG B 409 16.38 17.78 11.21
CA ARG B 409 17.03 16.62 10.61
C ARG B 409 16.73 15.35 11.39
N LEU B 410 16.69 15.45 12.72
CA LEU B 410 16.33 14.31 13.56
C LEU B 410 14.92 13.84 13.26
N LEU B 411 13.99 14.78 13.13
CA LEU B 411 12.60 14.43 12.86
C LEU B 411 12.45 13.82 11.47
N MET B 412 13.21 14.33 10.50
CA MET B 412 13.14 13.78 9.15
C MET B 412 13.71 12.37 9.11
N LEU B 413 14.82 12.13 9.82
CA LEU B 413 15.46 10.83 9.78
C LEU B 413 14.69 9.79 10.58
N GLN B 414 14.12 10.19 11.71
CA GLN B 414 13.50 9.25 12.64
C GLN B 414 12.02 9.58 12.82
N ASN B 415 11.18 8.55 12.75
CA ASN B 415 9.79 8.64 13.15
C ASN B 415 9.55 7.65 14.29
N ILE B 416 8.70 8.04 15.23
CA ILE B 416 8.43 7.22 16.41
C ILE B 416 7.18 6.39 16.09
N SER B 417 7.40 5.12 15.73
CA SER B 417 6.30 4.23 15.38
C SER B 417 6.66 2.83 15.84
N TYR B 418 5.63 1.99 15.96
CA TYR B 418 5.78 0.61 16.40
C TYR B 418 5.60 -0.29 15.19
N SER B 419 6.67 -0.93 14.75
CA SER B 419 6.63 -1.90 13.65
C SER B 419 6.98 -3.27 14.20
N PRO B 420 6.00 -4.11 14.50
CA PRO B 420 6.30 -5.40 15.11
C PRO B 420 6.97 -6.37 14.15
N LEU B 421 8.24 -6.68 14.42
CA LEU B 421 9.07 -7.58 13.62
C LEU B 421 9.27 -7.08 12.19
N GLY B 422 8.85 -5.85 11.88
CA GLY B 422 9.04 -5.28 10.57
C GLY B 422 7.94 -5.57 9.57
N MET B 423 6.98 -6.44 9.91
CA MET B 423 5.92 -6.77 8.96
C MET B 423 4.82 -5.71 8.97
N CYS B 424 4.17 -5.52 10.12
CA CYS B 424 3.06 -4.60 10.22
C CYS B 424 3.55 -3.20 10.59
N THR B 425 2.61 -2.27 10.71
CA THR B 425 2.92 -0.91 11.13
C THR B 425 2.21 -0.49 12.41
N LEU B 426 1.26 -1.28 12.89
CA LEU B 426 0.54 -1.02 14.15
C LEU B 426 -0.01 0.40 14.18
N ASP B 427 -0.98 0.63 13.29
CA ASP B 427 -1.65 1.92 13.20
C ASP B 427 -3.11 1.66 12.88
N ARG B 428 -3.90 2.75 12.90
CA ARG B 428 -5.30 2.64 12.54
C ARG B 428 -5.54 2.12 11.12
N PRO B 429 -4.74 2.48 10.10
CA PRO B 429 -4.94 1.84 8.79
C PRO B 429 -4.82 0.34 8.82
N LEU B 430 -4.04 -0.23 9.76
CA LEU B 430 -3.95 -1.67 9.87
C LEU B 430 -5.29 -2.29 10.26
N MET B 431 -6.12 -1.55 10.98
CA MET B 431 -7.43 -2.07 11.36
C MET B 431 -8.31 -2.30 10.14
N VAL B 432 -8.25 -1.39 9.15
CA VAL B 432 -9.08 -1.53 7.96
C VAL B 432 -8.69 -2.77 7.17
N THR B 433 -7.39 -3.00 7.00
CA THR B 433 -6.95 -4.19 6.26
C THR B 433 -7.36 -5.47 6.97
N VAL B 434 -7.21 -5.51 8.29
CA VAL B 434 -7.58 -6.70 9.04
C VAL B 434 -9.07 -6.93 8.98
N LEU B 435 -9.87 -5.86 9.04
CA LEU B 435 -11.32 -6.02 8.95
C LEU B 435 -11.74 -6.50 7.57
N GLY B 436 -11.09 -5.99 6.52
CA GLY B 436 -11.39 -6.49 5.18
C GLY B 436 -11.05 -7.96 5.02
N ALA B 437 -9.89 -8.37 5.54
CA ALA B 437 -9.52 -9.78 5.51
C ALA B 437 -10.50 -10.62 6.31
N VAL B 438 -10.96 -10.10 7.44
CA VAL B 438 -11.96 -10.80 8.26
C VAL B 438 -13.22 -11.02 7.45
N THR B 439 -13.70 -9.98 6.77
CA THR B 439 -14.92 -10.12 5.97
C THR B 439 -14.74 -11.14 4.85
N THR B 440 -13.61 -11.08 4.15
CA THR B 440 -13.38 -12.01 3.04
C THR B 440 -13.33 -13.45 3.54
N TYR B 441 -12.56 -13.71 4.60
CA TYR B 441 -12.44 -15.09 5.08
C TYR B 441 -13.74 -15.56 5.73
N LEU B 442 -14.52 -14.64 6.32
CA LEU B 442 -15.81 -15.02 6.89
C LEU B 442 -16.76 -15.45 5.80
N VAL B 443 -16.86 -14.67 4.71
CA VAL B 443 -17.76 -15.08 3.64
C VAL B 443 -17.23 -16.34 2.96
N ILE B 444 -15.91 -16.55 2.95
CA ILE B 444 -15.37 -17.80 2.41
C ILE B 444 -15.83 -18.99 3.25
N LEU B 445 -15.77 -18.86 4.58
CA LEU B 445 -16.25 -19.94 5.44
C LEU B 445 -17.74 -20.15 5.29
N ILE B 446 -18.51 -19.07 5.14
CA ILE B 446 -19.96 -19.21 4.96
C ILE B 446 -20.26 -19.95 3.67
N GLN B 447 -19.54 -19.63 2.59
CA GLN B 447 -19.71 -20.36 1.33
C GLN B 447 -19.31 -21.82 1.48
N PHE B 448 -18.23 -22.09 2.20
CA PHE B 448 -17.78 -23.48 2.37
C PHE B 448 -18.77 -24.29 3.19
N GLN B 449 -19.42 -23.68 4.18
CA GLN B 449 -20.40 -24.40 4.97
C GLN B 449 -21.59 -24.83 4.13
N ARG B 450 -22.07 -23.97 3.26
CA ARG B 450 -23.21 -24.29 2.40
C ARG B 450 -22.77 -25.06 1.16
N THR C 18 -14.25 39.86 20.42
CA THR C 18 -13.63 39.32 19.22
C THR C 18 -14.56 38.36 18.48
N PRO C 19 -15.59 38.91 17.83
CA PRO C 19 -16.53 38.07 17.09
C PRO C 19 -15.87 37.40 15.89
N CYS C 20 -16.40 36.23 15.54
CA CYS C 20 -15.88 35.46 14.40
C CYS C 20 -16.71 35.82 13.18
N LEU C 21 -16.27 36.86 12.48
CA LEU C 21 -16.96 37.28 11.26
C LEU C 21 -16.79 36.23 10.17
N VAL C 22 -17.85 36.01 9.41
CA VAL C 22 -17.83 35.03 8.33
C VAL C 22 -18.89 35.42 7.31
N GLY C 23 -18.66 35.02 6.05
CA GLY C 23 -19.60 35.32 4.99
C GLY C 23 -19.28 34.50 3.76
N GLY C 24 -20.13 34.63 2.76
CA GLY C 24 -19.94 33.92 1.49
C GLY C 24 -20.47 32.50 1.56
N ALA C 25 -19.56 31.52 1.46
CA ALA C 25 -19.95 30.13 1.54
C ALA C 25 -20.46 29.77 2.94
N HIS C 26 -19.69 30.13 3.98
CA HIS C 26 -20.12 29.85 5.34
C HIS C 26 -21.04 30.94 5.86
N ALA C 27 -22.05 31.28 5.06
CA ALA C 27 -23.10 32.21 5.48
C ALA C 27 -24.44 31.66 5.01
N PHE C 28 -24.42 30.88 3.94
CA PHE C 28 -25.60 30.23 3.40
C PHE C 28 -25.71 28.77 3.82
N ILE C 29 -24.64 27.99 3.63
CA ILE C 29 -24.68 26.59 4.05
C ILE C 29 -24.64 26.46 5.56
N LEU C 30 -24.09 27.45 6.27
CA LEU C 30 -24.16 27.42 7.73
C LEU C 30 -25.57 27.65 8.22
N LYS C 31 -26.37 28.46 7.51
CA LYS C 31 -27.77 28.61 7.85
C LYS C 31 -28.56 27.36 7.50
N ILE C 32 -28.25 26.73 6.37
CA ILE C 32 -28.93 25.49 6.00
C ILE C 32 -28.61 24.41 7.03
N SER C 33 -27.33 24.28 7.40
CA SER C 33 -26.95 23.30 8.41
C SER C 33 -27.56 23.62 9.76
N SER C 34 -27.69 24.91 10.09
CA SER C 34 -28.38 25.30 11.32
C SER C 34 -29.84 24.85 11.29
N PHE C 35 -30.50 25.02 10.15
CA PHE C 35 -31.88 24.60 10.03
C PHE C 35 -32.01 23.09 10.16
N CYS C 36 -31.09 22.33 9.57
CA CYS C 36 -31.13 20.88 9.65
C CYS C 36 -30.37 20.34 10.86
N GLY C 37 -29.82 21.20 11.69
CA GLY C 37 -29.22 20.79 12.94
C GLY C 37 -27.75 20.46 12.91
N LEU C 38 -27.05 20.80 11.83
CA LEU C 38 -25.62 20.52 11.71
C LEU C 38 -24.73 21.70 12.06
N ALA C 39 -25.32 22.84 12.45
CA ALA C 39 -24.55 24.04 12.77
C ALA C 39 -25.31 24.88 13.77
N PRO C 40 -25.25 24.52 15.05
CA PRO C 40 -25.95 25.31 16.07
C PRO C 40 -25.25 26.64 16.36
N LEU C 41 -25.43 27.62 15.47
CA LEU C 41 -24.76 28.91 15.60
C LEU C 41 -25.77 30.04 15.53
N ARG C 42 -25.57 31.06 16.35
CA ARG C 42 -26.30 32.30 16.21
C ARG C 42 -25.75 33.10 15.03
N PHE C 43 -26.61 33.92 14.43
CA PHE C 43 -26.32 34.57 13.15
C PHE C 43 -26.60 36.06 13.23
N GLU C 44 -26.00 36.73 14.21
CA GLU C 44 -26.16 38.18 14.33
C GLU C 44 -25.77 38.87 13.03
N PRO C 45 -26.61 39.76 12.49
CA PRO C 45 -26.33 40.35 11.17
C PRO C 45 -25.37 41.52 11.22
N ARG C 46 -24.59 41.63 12.29
CA ARG C 46 -23.65 42.73 12.44
C ARG C 46 -22.68 42.76 11.26
N SER C 47 -22.42 43.98 10.77
CA SER C 47 -21.54 44.22 9.63
C SER C 47 -22.06 43.55 8.37
N GLN C 48 -21.31 43.70 7.27
CA GLN C 48 -21.70 43.07 6.01
C GLN C 48 -21.68 41.55 6.13
N GLU C 49 -20.67 41.01 6.79
CA GLU C 49 -20.56 39.57 6.98
C GLU C 49 -21.47 39.14 8.13
N TYR C 50 -21.31 37.89 8.57
CA TYR C 50 -22.12 37.33 9.65
C TYR C 50 -21.23 36.97 10.83
N ALA C 51 -21.65 37.39 12.02
CA ALA C 51 -20.95 37.05 13.26
C ALA C 51 -21.59 35.80 13.84
N VAL C 52 -20.83 34.71 13.88
CA VAL C 52 -21.34 33.42 14.33
C VAL C 52 -20.75 33.10 15.69
N THR C 53 -21.54 32.42 16.52
CA THR C 53 -21.10 31.98 17.83
C THR C 53 -21.95 30.79 18.25
N ILE C 54 -21.43 30.03 19.22
CA ILE C 54 -22.16 28.86 19.71
C ILE C 54 -23.49 29.30 20.28
N SER C 55 -24.53 28.51 20.02
CA SER C 55 -25.90 28.92 20.32
C SER C 55 -26.60 27.89 21.20
N LYS C 56 -25.99 27.55 22.34
CA LYS C 56 -26.59 26.66 23.32
C LYS C 56 -28.06 26.95 23.50
N GLY C 57 -28.90 25.95 23.25
CA GLY C 57 -30.32 26.11 23.03
C GLY C 57 -30.74 25.75 21.62
N LYS C 58 -29.90 26.04 20.64
CA LYS C 58 -30.04 25.49 19.29
C LYS C 58 -29.36 24.14 19.17
N CYS C 59 -28.30 23.91 19.94
CA CYS C 59 -27.71 22.58 20.03
C CYS C 59 -28.69 21.58 20.64
N PHE C 60 -29.45 22.02 21.65
CA PHE C 60 -30.49 21.16 22.21
C PHE C 60 -31.55 20.85 21.17
N TYR C 61 -31.93 21.84 20.36
CA TYR C 61 -32.88 21.61 19.28
C TYR C 61 -32.34 20.60 18.27
N SER C 62 -31.06 20.72 17.91
CA SER C 62 -30.46 19.77 16.97
C SER C 62 -30.45 18.36 17.54
N TYR C 63 -30.10 18.23 18.82
CA TYR C 63 -30.09 16.91 19.46
C TYR C 63 -31.48 16.31 19.49
N ILE C 64 -32.49 17.10 19.85
CA ILE C 64 -33.87 16.60 19.89
C ILE C 64 -34.30 16.17 18.50
N LEU C 65 -33.99 16.98 17.48
CA LEU C 65 -34.39 16.68 16.11
C LEU C 65 -33.76 15.37 15.63
N VAL C 66 -32.46 15.22 15.83
CA VAL C 66 -31.79 14.01 15.34
C VAL C 66 -32.25 12.79 16.12
N THR C 67 -32.48 12.93 17.42
CA THR C 67 -32.97 11.79 18.21
C THR C 67 -34.36 11.38 17.75
N PHE C 68 -35.25 12.34 17.53
CA PHE C 68 -36.58 12.02 17.04
C PHE C 68 -36.53 11.34 15.69
N LEU C 69 -35.68 11.86 14.78
CA LEU C 69 -35.57 11.25 13.46
C LEU C 69 -35.04 9.83 13.53
N VAL C 70 -34.02 9.59 14.36
CA VAL C 70 -33.45 8.25 14.46
C VAL C 70 -34.45 7.29 15.09
N ILE C 71 -35.17 7.72 16.12
CA ILE C 71 -36.18 6.86 16.74
C ILE C 71 -37.28 6.52 15.76
N CYS C 72 -37.76 7.53 15.02
CA CYS C 72 -38.80 7.27 14.03
C CYS C 72 -38.31 6.33 12.93
N THR C 73 -37.07 6.51 12.48
CA THR C 73 -36.53 5.66 11.43
C THR C 73 -36.39 4.22 11.91
N ILE C 74 -35.91 4.02 13.13
CA ILE C 74 -35.75 2.66 13.66
C ILE C 74 -37.11 2.01 13.86
N TYR C 75 -38.09 2.76 14.37
CA TYR C 75 -39.43 2.21 14.54
C TYR C 75 -40.06 1.84 13.20
N GLY C 76 -39.87 2.69 12.19
CA GLY C 76 -40.38 2.37 10.87
C GLY C 76 -39.70 1.16 10.26
N LEU C 77 -38.39 1.03 10.46
CA LEU C 77 -37.69 -0.15 9.97
C LEU C 77 -38.19 -1.42 10.65
N VAL C 78 -38.41 -1.35 11.96
CA VAL C 78 -38.93 -2.51 12.69
C VAL C 78 -40.32 -2.87 12.19
N ALA C 79 -41.17 -1.86 11.98
CA ALA C 79 -42.52 -2.12 11.49
C ALA C 79 -42.50 -2.72 10.08
N GLU C 80 -41.59 -2.23 9.22
CA GLU C 80 -41.50 -2.76 7.86
C GLU C 80 -40.95 -4.17 7.84
N ILE C 81 -40.03 -4.51 8.75
CA ILE C 81 -39.59 -5.89 8.87
C ILE C 81 -40.72 -6.78 9.37
N GLY C 82 -41.49 -6.28 10.35
CA GLY C 82 -42.55 -7.07 10.93
C GLY C 82 -43.83 -7.15 10.12
N VAL C 83 -43.99 -6.32 9.09
CA VAL C 83 -45.21 -6.36 8.30
C VAL C 83 -45.24 -7.58 7.38
N GLY C 84 -44.08 -8.18 7.11
CA GLY C 84 -44.03 -9.36 6.28
C GLY C 84 -43.35 -9.14 4.94
N VAL C 85 -42.75 -10.19 4.39
CA VAL C 85 -42.10 -10.07 3.09
C VAL C 85 -43.12 -9.82 1.99
N GLU C 86 -44.25 -10.53 2.03
CA GLU C 86 -45.26 -10.37 0.99
C GLU C 86 -45.91 -9.00 1.05
N LYS C 87 -46.16 -8.49 2.25
CA LYS C 87 -46.86 -7.21 2.38
C LYS C 87 -45.94 -6.03 2.04
N SER C 88 -44.68 -6.11 2.44
CA SER C 88 -43.76 -5.01 2.20
C SER C 88 -43.48 -4.85 0.72
N VAL C 89 -43.42 -3.60 0.27
CA VAL C 89 -43.17 -3.32 -1.14
C VAL C 89 -41.67 -3.12 -1.41
N ARG C 90 -40.90 -2.72 -0.41
CA ARG C 90 -39.46 -2.55 -0.56
C ARG C 90 -38.71 -3.82 -0.21
N MET C 91 -39.11 -4.50 0.86
CA MET C 91 -38.43 -5.71 1.32
C MET C 91 -39.19 -6.95 0.85
N SER C 92 -39.12 -7.19 -0.46
CA SER C 92 -39.80 -8.33 -1.06
C SER C 92 -38.89 -9.55 -1.17
N SER C 93 -38.21 -9.86 -0.07
CA SER C 93 -37.33 -11.02 0.03
C SER C 93 -36.74 -11.10 1.43
N ARG C 94 -36.39 -12.30 1.88
CA ARG C 94 -35.72 -12.44 3.17
C ARG C 94 -34.30 -11.90 3.09
N MET C 95 -33.59 -12.15 1.99
CA MET C 95 -32.26 -11.56 1.81
C MET C 95 -32.34 -10.07 1.55
N SER C 96 -33.39 -9.59 0.90
CA SER C 96 -33.61 -8.16 0.72
C SER C 96 -34.33 -7.56 1.93
N GLN C 97 -33.84 -7.90 3.11
CA GLN C 97 -34.19 -7.33 4.39
C GLN C 97 -32.97 -6.98 5.21
N VAL C 98 -31.91 -7.80 5.13
CA VAL C 98 -30.65 -7.45 5.78
C VAL C 98 -29.98 -6.30 5.05
N VAL C 99 -30.02 -6.31 3.71
CA VAL C 99 -29.36 -5.26 2.94
C VAL C 99 -30.10 -3.93 3.10
N SER C 100 -31.43 -3.96 3.10
CA SER C 100 -32.20 -2.74 3.31
C SER C 100 -32.05 -2.23 4.74
N ALA C 101 -32.00 -3.14 5.71
CA ALA C 101 -31.78 -2.73 7.08
C ALA C 101 -30.42 -2.08 7.25
N CYS C 102 -29.38 -2.65 6.62
CA CYS C 102 -28.06 -2.03 6.66
C CYS C 102 -28.08 -0.66 5.97
N ASP C 103 -28.79 -0.57 4.85
CA ASP C 103 -28.93 0.71 4.15
C ASP C 103 -29.53 1.77 5.06
N ILE C 104 -30.59 1.41 5.79
CA ILE C 104 -31.24 2.38 6.67
C ILE C 104 -30.34 2.74 7.85
N LEU C 105 -29.76 1.72 8.49
CA LEU C 105 -28.98 1.97 9.70
C LEU C 105 -27.70 2.72 9.42
N VAL C 106 -27.11 2.56 8.23
CA VAL C 106 -25.86 3.26 7.95
C VAL C 106 -26.12 4.76 7.79
N VAL C 107 -27.23 5.14 7.16
CA VAL C 107 -27.53 6.57 7.06
C VAL C 107 -28.00 7.11 8.40
N ALA C 108 -28.66 6.27 9.21
CA ALA C 108 -29.03 6.70 10.56
C ALA C 108 -27.78 7.01 11.37
N VAL C 109 -26.78 6.13 11.30
CA VAL C 109 -25.53 6.34 12.02
C VAL C 109 -24.79 7.55 11.48
N THR C 110 -24.80 7.74 10.15
CA THR C 110 -24.13 8.89 9.55
C THR C 110 -24.77 10.20 10.01
N ALA C 111 -26.09 10.26 10.01
CA ALA C 111 -26.77 11.47 10.47
C ALA C 111 -26.54 11.70 11.97
N GLY C 112 -26.55 10.63 12.76
CA GLY C 112 -26.27 10.77 14.17
C GLY C 112 -24.88 11.31 14.44
N VAL C 113 -23.89 10.76 13.74
CA VAL C 113 -22.52 11.26 13.89
C VAL C 113 -22.41 12.71 13.43
N GLY C 114 -23.15 13.06 12.37
CA GLY C 114 -23.15 14.43 11.91
C GLY C 114 -23.72 15.40 12.92
N VAL C 115 -24.81 15.03 13.58
CA VAL C 115 -25.44 15.92 14.54
C VAL C 115 -24.86 15.75 15.94
N TYR C 116 -24.67 14.52 16.40
CA TYR C 116 -24.02 14.28 17.69
C TYR C 116 -22.53 14.52 17.51
N GLY C 117 -22.13 15.78 17.61
CA GLY C 117 -20.77 16.18 17.36
C GLY C 117 -20.72 17.50 16.63
N ALA C 118 -21.88 17.98 16.20
CA ALA C 118 -21.97 19.29 15.59
C ALA C 118 -21.51 20.42 16.52
N PRO C 119 -21.87 20.46 17.81
CA PRO C 119 -21.33 21.54 18.66
C PRO C 119 -19.82 21.56 18.74
N ALA C 120 -19.18 20.40 18.85
CA ALA C 120 -17.72 20.36 18.90
C ALA C 120 -17.11 20.80 17.59
N ARG C 121 -17.68 20.37 16.46
CA ARG C 121 -17.19 20.80 15.17
C ARG C 121 -17.33 22.31 15.00
N MET C 122 -18.45 22.87 15.46
CA MET C 122 -18.62 24.31 15.38
C MET C 122 -17.67 25.05 16.31
N ARG C 123 -17.34 24.46 17.46
CA ARG C 123 -16.35 25.07 18.34
C ARG C 123 -14.98 25.10 17.67
N THR C 124 -14.58 24.00 17.03
CA THR C 124 -13.30 24.00 16.31
C THR C 124 -13.32 24.97 15.13
N MET C 125 -14.47 25.05 14.44
CA MET C 125 -14.60 25.99 13.34
C MET C 125 -14.44 27.43 13.82
N LEU C 126 -15.09 27.77 14.93
CA LEU C 126 -14.92 29.10 15.51
C LEU C 126 -13.50 29.33 15.97
N SER C 127 -12.81 28.27 16.44
CA SER C 127 -11.43 28.41 16.85
C SER C 127 -10.53 28.76 15.69
N TYR C 128 -10.69 28.11 14.55
CA TYR C 128 -9.81 28.41 13.42
C TYR C 128 -10.32 29.54 12.53
N MET C 129 -11.53 30.04 12.78
CA MET C 129 -11.99 31.24 12.09
C MET C 129 -11.06 32.42 12.36
N GLU C 130 -10.67 32.61 13.63
CA GLU C 130 -9.85 33.74 14.00
C GLU C 130 -8.45 33.67 13.40
N ASN C 131 -8.00 32.47 13.02
CA ASN C 131 -6.72 32.34 12.35
C ASN C 131 -6.85 32.49 10.84
N ILE C 132 -7.91 31.92 10.26
CA ILE C 132 -8.04 32.00 8.81
C ILE C 132 -8.42 33.41 8.37
N VAL C 133 -9.09 34.19 9.23
CA VAL C 133 -9.32 35.60 8.89
C VAL C 133 -8.01 36.38 8.89
N ALA C 134 -7.12 36.09 9.84
CA ALA C 134 -5.81 36.73 9.84
C ALA C 134 -5.02 36.34 8.59
N VAL C 135 -5.15 35.08 8.17
CA VAL C 135 -4.51 34.65 6.92
C VAL C 135 -5.10 35.41 5.74
N ASP C 136 -6.42 35.56 5.70
CA ASP C 136 -7.08 36.23 4.59
C ASP C 136 -6.73 37.71 4.52
N ARG C 137 -6.54 38.36 5.67
CA ARG C 137 -6.21 39.78 5.67
C ARG C 137 -4.90 40.08 4.95
N GLU C 138 -3.93 39.17 5.03
CA GLU C 138 -2.66 39.34 4.33
C GLU C 138 -2.72 38.92 2.88
N LEU C 139 -3.87 38.43 2.40
CA LEU C 139 -4.03 38.02 1.01
C LEU C 139 -5.12 38.75 0.26
N GLY C 140 -6.16 39.23 0.95
CA GLY C 140 -7.27 39.89 0.29
C GLY C 140 -8.57 39.15 0.46
N ARG C 141 -9.48 39.72 1.26
CA ARG C 141 -10.76 39.07 1.53
C ARG C 141 -11.68 39.08 0.33
N HIS C 142 -11.47 39.99 -0.64
CA HIS C 142 -12.33 40.04 -1.81
C HIS C 142 -12.21 38.76 -2.64
N HIS C 143 -10.99 38.26 -2.81
CA HIS C 143 -10.80 37.02 -3.56
C HIS C 143 -11.49 35.84 -2.89
N SER C 144 -11.33 35.73 -1.56
CA SER C 144 -11.97 34.63 -0.85
C SER C 144 -13.49 34.74 -0.89
N ALA C 145 -14.01 35.96 -0.78
CA ALA C 145 -15.45 36.15 -0.87
C ALA C 145 -15.98 35.80 -2.25
N ALA C 146 -15.25 36.18 -3.31
CA ALA C 146 -15.69 35.84 -4.66
C ALA C 146 -15.62 34.33 -4.90
N THR C 147 -14.57 33.67 -4.42
CA THR C 147 -14.45 32.23 -4.60
C THR C 147 -15.52 31.49 -3.81
N GLU C 148 -15.82 31.95 -2.59
CA GLU C 148 -16.81 31.27 -1.76
C GLU C 148 -18.22 31.49 -2.30
N ARG C 149 -18.48 32.65 -2.91
CA ARG C 149 -19.79 32.89 -3.51
C ARG C 149 -20.01 32.06 -4.76
N LYS C 150 -18.93 31.63 -5.42
CA LYS C 150 -19.07 30.78 -6.59
C LYS C 150 -19.46 29.35 -6.23
N LEU C 151 -19.18 28.92 -5.00
CA LEU C 151 -19.56 27.58 -4.56
C LEU C 151 -21.02 27.48 -4.16
N CYS C 152 -21.73 28.60 -4.02
CA CYS C 152 -23.14 28.55 -3.64
C CYS C 152 -23.99 28.01 -4.77
N ALA C 153 -23.64 28.29 -6.03
CA ALA C 153 -24.40 27.75 -7.15
C ALA C 153 -24.31 26.24 -7.19
N LEU C 154 -23.11 25.68 -7.01
CA LEU C 154 -22.97 24.23 -6.95
C LEU C 154 -23.68 23.66 -5.73
N LEU C 155 -23.62 24.37 -4.60
CA LEU C 155 -24.36 23.95 -3.41
C LEU C 155 -25.85 23.81 -3.72
N LEU C 156 -26.44 24.87 -4.28
CA LEU C 156 -27.87 24.84 -4.58
C LEU C 156 -28.20 23.77 -5.59
N LEU C 157 -27.36 23.61 -6.62
CA LEU C 157 -27.61 22.60 -7.64
C LEU C 157 -27.62 21.20 -7.04
N ILE C 158 -26.60 20.88 -6.24
CA ILE C 158 -26.50 19.54 -5.67
C ILE C 158 -27.62 19.29 -4.68
N LEU C 159 -27.93 20.29 -3.83
CA LEU C 159 -29.01 20.10 -2.86
C LEU C 159 -30.35 19.93 -3.56
N LEU C 160 -30.61 20.71 -4.62
CA LEU C 160 -31.86 20.57 -5.35
C LEU C 160 -31.95 19.22 -6.03
N SER C 161 -30.86 18.76 -6.63
CA SER C 161 -30.88 17.45 -7.28
C SER C 161 -31.14 16.34 -6.27
N PHE C 162 -30.47 16.40 -5.12
CA PHE C 162 -30.66 15.36 -4.10
C PHE C 162 -32.08 15.40 -3.55
N THR C 163 -32.61 16.60 -3.30
CA THR C 163 -33.97 16.71 -2.77
C THR C 163 -35.00 16.22 -3.78
N ILE C 164 -34.79 16.52 -5.07
CA ILE C 164 -35.70 16.03 -6.10
C ILE C 164 -35.65 14.51 -6.17
N LEU C 165 -34.44 13.93 -6.08
CA LEU C 165 -34.34 12.47 -6.09
C LEU C 165 -35.02 11.86 -4.88
N LEU C 166 -34.85 12.47 -3.70
CA LEU C 166 -35.49 11.97 -2.49
C LEU C 166 -37.01 12.01 -2.62
N VAL C 167 -37.53 13.14 -3.11
CA VAL C 167 -38.98 13.28 -3.25
C VAL C 167 -39.52 12.29 -4.28
N ASP C 168 -38.79 12.10 -5.38
CA ASP C 168 -39.24 11.15 -6.40
C ASP C 168 -39.25 9.72 -5.86
N ASP C 169 -38.20 9.34 -5.13
CA ASP C 169 -38.16 7.99 -4.55
C ASP C 169 -39.28 7.79 -3.54
N PHE C 170 -39.50 8.78 -2.67
CA PHE C 170 -40.55 8.67 -1.68
C PHE C 170 -41.93 8.57 -2.34
N CYS C 171 -42.17 9.39 -3.36
CA CYS C 171 -43.45 9.35 -4.06
C CYS C 171 -43.63 8.02 -4.79
N PHE C 172 -42.58 7.51 -5.42
CA PHE C 172 -42.67 6.23 -6.11
C PHE C 172 -43.05 5.12 -5.14
N TYR C 173 -42.37 5.05 -3.99
CA TYR C 173 -42.68 4.00 -3.03
C TYR C 173 -44.06 4.20 -2.43
N ALA C 174 -44.49 5.44 -2.24
CA ALA C 174 -45.82 5.71 -1.72
C ALA C 174 -46.90 5.24 -2.68
N MET C 175 -46.75 5.53 -3.97
CA MET C 175 -47.72 5.07 -4.95
C MET C 175 -47.70 3.55 -5.09
N GLN C 176 -46.52 2.94 -4.99
CA GLN C 176 -46.45 1.48 -5.05
C GLN C 176 -47.17 0.85 -3.86
N ALA C 177 -47.01 1.43 -2.66
CA ALA C 177 -47.70 0.90 -1.49
C ALA C 177 -49.18 1.22 -1.51
N GLY C 178 -49.58 2.28 -2.23
CA GLY C 178 -50.99 2.61 -2.31
C GLY C 178 -51.81 1.59 -3.06
N LYS C 179 -51.16 0.80 -3.93
CA LYS C 179 -51.87 -0.25 -4.64
C LYS C 179 -52.37 -1.33 -3.68
N THR C 180 -51.58 -1.67 -2.67
CA THR C 180 -51.97 -2.63 -1.64
C THR C 180 -52.55 -1.97 -0.40
N GLY C 181 -52.87 -0.68 -0.47
CA GLY C 181 -53.45 0.02 0.66
C GLY C 181 -52.52 0.22 1.84
N ARG C 182 -51.25 0.55 1.58
CA ARG C 182 -50.27 0.80 2.63
C ARG C 182 -49.49 2.08 2.37
N GLN C 183 -50.12 3.06 1.72
CA GLN C 183 -49.42 4.31 1.41
C GLN C 183 -49.12 5.10 2.68
N TRP C 184 -50.10 5.22 3.57
CA TRP C 184 -49.85 5.95 4.82
C TRP C 184 -48.91 5.19 5.73
N GLU C 185 -48.99 3.85 5.73
CA GLU C 185 -48.05 3.06 6.50
C GLU C 185 -46.62 3.24 5.99
N ILE C 186 -46.44 3.25 4.66
CA ILE C 186 -45.09 3.39 4.12
C ILE C 186 -44.58 4.81 4.36
N VAL C 187 -45.47 5.81 4.31
CA VAL C 187 -45.07 7.18 4.62
C VAL C 187 -44.61 7.29 6.06
N THR C 188 -45.38 6.69 6.98
CA THR C 188 -45.00 6.72 8.39
C THR C 188 -43.67 6.01 8.62
N ASN C 189 -43.47 4.87 7.95
CA ASN C 189 -42.26 4.09 8.18
C ASN C 189 -41.02 4.75 7.60
N TYR C 190 -41.13 5.43 6.44
CA TYR C 190 -39.97 6.01 5.79
C TYR C 190 -39.99 7.52 5.75
N ALA C 191 -40.71 8.18 6.66
CA ALA C 191 -40.68 9.64 6.71
C ALA C 191 -39.30 10.15 7.13
N GLY C 192 -38.77 9.64 8.24
CA GLY C 192 -37.51 10.13 8.77
C GLY C 192 -36.28 9.66 8.02
N PHE C 193 -36.42 8.60 7.23
CA PHE C 193 -35.30 8.07 6.46
C PHE C 193 -34.76 9.10 5.47
N TYR C 194 -35.66 9.78 4.76
CA TYR C 194 -35.24 10.78 3.79
C TYR C 194 -34.80 12.08 4.44
N PHE C 195 -35.33 12.41 5.62
CA PHE C 195 -34.77 13.52 6.39
C PHE C 195 -33.33 13.23 6.81
N LEU C 196 -33.06 11.98 7.21
CA LEU C 196 -31.69 11.60 7.52
C LEU C 196 -30.80 11.68 6.29
N TRP C 197 -31.33 11.29 5.13
CA TRP C 197 -30.58 11.50 3.88
C TRP C 197 -30.26 12.97 3.67
N TYR C 198 -31.24 13.85 3.88
CA TYR C 198 -31.00 15.27 3.70
C TYR C 198 -29.91 15.77 4.64
N ILE C 199 -29.95 15.33 5.89
CA ILE C 199 -28.94 15.74 6.87
C ILE C 199 -27.55 15.24 6.45
N VAL C 200 -27.47 14.00 5.99
CA VAL C 200 -26.17 13.45 5.57
C VAL C 200 -25.62 14.23 4.39
N MET C 201 -26.48 14.55 3.41
CA MET C 201 -26.02 15.29 2.24
C MET C 201 -25.56 16.70 2.62
N VAL C 202 -26.30 17.35 3.52
CA VAL C 202 -25.90 18.69 3.96
C VAL C 202 -24.57 18.64 4.69
N LEU C 203 -24.34 17.60 5.50
CA LEU C 203 -23.06 17.46 6.18
C LEU C 203 -21.91 17.28 5.18
N GLU C 204 -22.14 16.44 4.17
CA GLU C 204 -21.12 16.24 3.14
C GLU C 204 -20.80 17.54 2.42
N LEU C 205 -21.84 18.29 2.03
CA LEU C 205 -21.60 19.55 1.34
C LEU C 205 -20.90 20.56 2.24
N GLN C 206 -21.23 20.57 3.53
CA GLN C 206 -20.58 21.48 4.47
C GLN C 206 -19.10 21.20 4.56
N PHE C 207 -18.73 19.92 4.72
CA PHE C 207 -17.31 19.58 4.74
C PHE C 207 -16.64 19.95 3.42
N ALA C 208 -17.29 19.64 2.30
CA ALA C 208 -16.70 19.90 0.99
C ALA C 208 -16.41 21.38 0.81
N PHE C 209 -17.34 22.25 1.21
CA PHE C 209 -17.15 23.67 1.00
C PHE C 209 -16.17 24.27 2.00
N THR C 210 -16.10 23.74 3.22
CA THR C 210 -15.03 24.16 4.13
C THR C 210 -13.66 23.83 3.54
N ALA C 211 -13.51 22.60 3.03
CA ALA C 211 -12.24 22.20 2.43
C ALA C 211 -11.94 23.03 1.19
N LEU C 212 -12.96 23.37 0.41
CA LEU C 212 -12.73 24.19 -0.79
C LEU C 212 -12.34 25.61 -0.43
N SER C 213 -12.90 26.16 0.65
CA SER C 213 -12.48 27.46 1.12
C SER C 213 -11.01 27.46 1.54
N LEU C 214 -10.61 26.41 2.28
CA LEU C 214 -9.20 26.33 2.66
C LEU C 214 -8.31 26.15 1.42
N ARG C 215 -8.79 25.40 0.43
CA ARG C 215 -8.03 25.24 -0.81
C ARG C 215 -7.88 26.58 -1.52
N ALA C 216 -8.92 27.40 -1.51
CA ALA C 216 -8.82 28.73 -2.12
C ALA C 216 -7.79 29.59 -1.38
N ARG C 217 -7.79 29.53 -0.05
CA ARG C 217 -6.79 30.26 0.71
C ARG C 217 -5.37 29.79 0.37
N LEU C 218 -5.19 28.47 0.25
CA LEU C 218 -3.86 27.95 -0.05
C LEU C 218 -3.45 28.27 -1.48
N LYS C 219 -4.42 28.34 -2.40
CA LYS C 219 -4.11 28.79 -3.76
C LYS C 219 -3.67 30.25 -3.78
N LEU C 220 -4.33 31.09 -2.99
CA LEU C 220 -3.89 32.48 -2.86
C LEU C 220 -2.49 32.54 -2.29
N PHE C 221 -2.20 31.69 -1.29
CA PHE C 221 -0.85 31.64 -0.74
C PHE C 221 0.17 31.24 -1.81
N ASN C 222 -0.17 30.26 -2.64
CA ASN C 222 0.73 29.83 -3.71
C ASN C 222 0.97 30.96 -4.70
N GLU C 223 -0.08 31.67 -5.10
CA GLU C 223 0.10 32.78 -6.03
C GLU C 223 0.97 33.87 -5.43
N ALA C 224 0.76 34.19 -4.14
CA ALA C 224 1.59 35.19 -3.50
C ALA C 224 3.05 34.76 -3.42
N LEU C 225 3.29 33.49 -3.09
CA LEU C 225 4.65 32.98 -3.04
C LEU C 225 5.30 33.03 -4.42
N ASN C 226 4.53 32.76 -5.47
CA ASN C 226 5.09 32.76 -6.81
C ASN C 226 5.41 34.17 -7.28
N VAL C 227 4.53 35.13 -7.03
CA VAL C 227 4.71 36.47 -7.60
C VAL C 227 5.56 37.39 -6.74
N THR C 228 5.63 37.16 -5.43
CA THR C 228 6.35 38.07 -4.55
C THR C 228 7.79 37.65 -4.31
N ALA C 229 8.06 36.35 -4.16
CA ALA C 229 9.42 35.89 -3.91
C ALA C 229 10.30 35.93 -5.14
N SER C 230 9.73 36.18 -6.32
CA SER C 230 10.48 36.24 -7.57
C SER C 230 10.35 37.62 -8.21
N GLN C 231 10.48 38.67 -7.40
CA GLN C 231 10.38 40.05 -7.85
C GLN C 231 9.08 40.31 -8.60
N CYS C 286 2.72 45.22 -6.88
CA CYS C 286 2.72 43.79 -7.10
C CYS C 286 3.50 43.07 -6.00
N LEU C 287 4.41 43.79 -5.35
CA LEU C 287 5.23 43.23 -4.29
C LEU C 287 4.86 43.82 -2.93
N GLN C 288 4.93 45.15 -2.78
CA GLN C 288 4.59 45.87 -1.56
C GLN C 288 5.41 45.44 -0.35
N VAL C 289 6.44 44.63 -0.55
CA VAL C 289 7.26 44.11 0.55
C VAL C 289 8.52 43.48 -0.06
N PRO C 290 9.68 43.60 0.59
CA PRO C 290 10.85 42.89 0.10
C PRO C 290 10.63 41.39 0.16
N PRO C 291 11.24 40.63 -0.76
CA PRO C 291 11.00 39.17 -0.78
C PRO C 291 11.57 38.45 0.42
N CYS C 292 12.62 39.00 1.05
CA CYS C 292 13.19 38.34 2.23
C CYS C 292 12.18 38.25 3.36
N GLU C 293 11.51 39.35 3.68
CA GLU C 293 10.46 39.32 4.69
C GLU C 293 9.22 38.61 4.17
N ALA C 294 8.97 38.68 2.86
CA ALA C 294 7.80 38.03 2.28
C ALA C 294 7.87 36.52 2.46
N VAL C 295 9.05 35.93 2.31
CA VAL C 295 9.16 34.48 2.44
C VAL C 295 8.88 34.05 3.87
N GLY C 296 9.37 34.81 4.86
CA GLY C 296 9.06 34.48 6.24
C GLY C 296 7.59 34.65 6.58
N ARG C 297 6.98 35.72 6.07
CA ARG C 297 5.55 35.91 6.28
C ARG C 297 4.75 34.77 5.67
N LEU C 298 5.14 34.32 4.47
CA LEU C 298 4.45 33.21 3.82
C LEU C 298 4.69 31.90 4.56
N SER C 299 5.87 31.72 5.17
CA SER C 299 6.10 30.53 5.98
C SER C 299 5.18 30.50 7.19
N ARG C 300 5.05 31.63 7.89
CA ARG C 300 4.11 31.70 9.01
C ARG C 300 2.68 31.45 8.54
N MET C 301 2.32 32.01 7.39
CA MET C 301 0.99 31.80 6.83
C MET C 301 0.74 30.34 6.52
N ARG C 302 1.74 29.64 5.97
CA ARG C 302 1.57 28.23 5.66
C ARG C 302 1.46 27.40 6.93
N CYS C 303 2.18 27.78 7.98
CA CYS C 303 2.01 27.08 9.26
C CYS C 303 0.59 27.25 9.78
N THR C 304 0.04 28.47 9.70
CA THR C 304 -1.34 28.68 10.13
C THR C 304 -2.31 27.89 9.28
N LEU C 305 -2.07 27.83 7.97
CA LEU C 305 -2.94 27.07 7.08
C LEU C 305 -2.89 25.57 7.40
N CYS C 306 -1.71 25.06 7.72
CA CYS C 306 -1.60 23.66 8.14
C CYS C 306 -2.35 23.42 9.44
N GLU C 307 -2.28 24.37 10.37
CA GLU C 307 -3.06 24.25 11.61
C GLU C 307 -4.55 24.19 11.31
N VAL C 308 -5.03 25.05 10.42
CA VAL C 308 -6.46 25.04 10.07
C VAL C 308 -6.84 23.74 9.38
N THR C 309 -5.98 23.23 8.49
CA THR C 309 -6.25 21.96 7.84
C THR C 309 -6.35 20.83 8.86
N ARG C 310 -5.44 20.81 9.83
CA ARG C 310 -5.48 19.77 10.86
C ARG C 310 -6.74 19.87 11.70
N HIS C 311 -7.16 21.10 12.03
CA HIS C 311 -8.40 21.26 12.80
C HIS C 311 -9.60 20.77 12.00
N ILE C 312 -9.64 21.07 10.70
CA ILE C 312 -10.74 20.61 9.86
C ILE C 312 -10.75 19.09 9.78
N ALA C 313 -9.58 18.49 9.60
CA ALA C 313 -9.50 17.02 9.51
C ALA C 313 -9.89 16.37 10.81
N ASP C 314 -9.54 16.97 11.94
CA ASP C 314 -9.88 16.40 13.24
C ASP C 314 -11.37 16.54 13.53
N GLY C 315 -11.96 17.68 13.17
CA GLY C 315 -13.38 17.88 13.42
C GLY C 315 -14.26 16.94 12.60
N TYR C 316 -13.93 16.77 11.32
CA TYR C 316 -14.75 16.00 10.41
C TYR C 316 -14.29 14.56 10.23
N GLY C 317 -13.27 14.12 10.98
CA GLY C 317 -12.69 12.81 10.72
C GLY C 317 -13.67 11.67 10.89
N LEU C 318 -14.38 11.65 12.01
CA LEU C 318 -15.39 10.62 12.23
C LEU C 318 -16.53 10.71 11.22
N PRO C 319 -17.14 11.87 10.96
CA PRO C 319 -18.12 11.93 9.87
C PRO C 319 -17.54 11.51 8.54
N LEU C 320 -16.27 11.83 8.27
CA LEU C 320 -15.69 11.45 6.99
C LEU C 320 -15.56 9.94 6.85
N VAL C 321 -15.07 9.25 7.88
CA VAL C 321 -14.95 7.79 7.77
C VAL C 321 -16.32 7.13 7.73
N ILE C 322 -17.30 7.67 8.47
CA ILE C 322 -18.65 7.12 8.42
C ILE C 322 -19.25 7.31 7.04
N ILE C 323 -19.03 8.48 6.44
CA ILE C 323 -19.54 8.74 5.10
C ILE C 323 -18.87 7.83 4.08
N LEU C 324 -17.56 7.59 4.24
CA LEU C 324 -16.86 6.70 3.31
C LEU C 324 -17.39 5.29 3.39
N MET C 325 -17.59 4.76 4.61
CA MET C 325 -18.12 3.41 4.72
C MET C 325 -19.58 3.35 4.27
N SER C 326 -20.34 4.43 4.46
CA SER C 326 -21.71 4.47 3.95
C SER C 326 -21.74 4.43 2.42
N THR C 327 -20.85 5.18 1.78
CA THR C 327 -20.76 5.13 0.32
C THR C 327 -20.33 3.76 -0.17
N LEU C 328 -19.39 3.13 0.54
CA LEU C 328 -19.01 1.76 0.21
C LEU C 328 -20.22 0.82 0.27
N LEU C 329 -20.94 0.85 1.39
CA LEU C 329 -22.08 -0.04 1.56
C LEU C 329 -23.17 0.25 0.53
N HIS C 330 -23.37 1.52 0.19
CA HIS C 330 -24.44 1.87 -0.74
C HIS C 330 -24.08 1.50 -2.17
N LEU C 331 -22.81 1.67 -2.56
CA LEU C 331 -22.37 1.21 -3.86
C LEU C 331 -22.31 -0.31 -3.94
N ILE C 332 -22.30 -0.99 -2.79
CA ILE C 332 -22.46 -2.44 -2.80
C ILE C 332 -23.94 -2.83 -2.93
N VAL C 333 -24.83 -2.06 -2.28
CA VAL C 333 -26.22 -2.47 -2.16
C VAL C 333 -27.02 -2.11 -3.41
N THR C 334 -26.92 -0.85 -3.87
CA THR C 334 -27.78 -0.39 -4.96
C THR C 334 -27.59 -1.20 -6.25
N PRO C 335 -26.37 -1.47 -6.72
CA PRO C 335 -26.25 -2.36 -7.89
C PRO C 335 -26.83 -3.74 -7.64
N TYR C 336 -26.78 -4.24 -6.41
CA TYR C 336 -27.41 -5.52 -6.10
C TYR C 336 -28.92 -5.46 -6.36
N PHE C 337 -29.58 -4.38 -5.91
CA PHE C 337 -31.00 -4.22 -6.16
C PHE C 337 -31.29 -4.09 -7.65
N LEU C 338 -30.46 -3.33 -8.37
CA LEU C 338 -30.67 -3.17 -9.80
C LEU C 338 -30.54 -4.50 -10.52
N ILE C 339 -29.54 -5.30 -10.16
CA ILE C 339 -29.34 -6.60 -10.78
C ILE C 339 -30.50 -7.53 -10.44
N MET C 340 -30.93 -7.54 -9.18
CA MET C 340 -32.08 -8.35 -8.80
C MET C 340 -33.29 -8.00 -9.64
N GLU C 341 -33.56 -6.70 -9.81
CA GLU C 341 -34.72 -6.30 -10.60
C GLU C 341 -34.58 -6.74 -12.05
N ILE C 342 -33.42 -6.51 -12.67
CA ILE C 342 -33.26 -6.88 -14.07
C ILE C 342 -33.20 -8.37 -14.29
N ILE C 343 -33.03 -9.17 -13.24
CA ILE C 343 -33.05 -10.62 -13.41
C ILE C 343 -34.37 -11.28 -13.01
N VAL C 344 -35.19 -10.64 -12.17
CA VAL C 344 -36.44 -11.25 -11.74
C VAL C 344 -37.67 -10.59 -12.36
N SER C 345 -37.68 -9.26 -12.51
CA SER C 345 -38.91 -8.57 -12.91
C SER C 345 -38.81 -7.93 -14.29
N THR C 346 -37.85 -7.02 -14.49
CA THR C 346 -37.77 -6.22 -15.72
C THR C 346 -39.10 -5.55 -16.03
N HIS C 347 -39.84 -5.17 -14.98
CA HIS C 347 -41.18 -4.61 -15.11
C HIS C 347 -41.24 -3.13 -14.79
N ARG C 348 -40.71 -2.73 -13.64
CA ARG C 348 -40.80 -1.34 -13.18
C ARG C 348 -39.63 -0.55 -13.74
N LEU C 349 -39.89 0.23 -14.79
CA LEU C 349 -38.86 1.10 -15.34
C LEU C 349 -38.51 2.23 -14.37
N HIS C 350 -39.49 2.68 -13.59
CA HIS C 350 -39.24 3.69 -12.57
C HIS C 350 -38.22 3.19 -11.56
N PHE C 351 -38.31 1.92 -11.18
CA PHE C 351 -37.34 1.35 -10.24
C PHE C 351 -35.93 1.35 -10.84
N LEU C 352 -35.80 0.99 -12.11
CA LEU C 352 -34.49 1.00 -12.76
C LEU C 352 -33.92 2.42 -12.82
N VAL C 353 -34.76 3.39 -13.19
CA VAL C 353 -34.30 4.78 -13.24
C VAL C 353 -33.84 5.23 -11.87
N LEU C 354 -34.61 4.91 -10.84
CA LEU C 354 -34.24 5.31 -9.48
C LEU C 354 -32.95 4.63 -9.04
N GLN C 355 -32.76 3.36 -9.36
CA GLN C 355 -31.53 2.67 -8.97
C GLN C 355 -30.31 3.26 -9.66
N PHE C 356 -30.44 3.58 -10.96
CA PHE C 356 -29.33 4.21 -11.66
C PHE C 356 -29.03 5.60 -11.09
N LEU C 357 -30.08 6.36 -10.78
CA LEU C 357 -29.89 7.67 -10.19
C LEU C 357 -29.23 7.58 -8.81
N TRP C 358 -29.57 6.54 -8.05
CA TRP C 358 -28.98 6.38 -6.73
C TRP C 358 -27.52 5.94 -6.81
N CYS C 359 -27.19 5.09 -7.79
CA CYS C 359 -25.78 4.77 -8.00
C CYS C 359 -24.99 6.01 -8.40
N THR C 360 -25.53 6.82 -9.30
CA THR C 360 -24.87 8.07 -9.67
C THR C 360 -24.74 9.00 -8.47
N THR C 361 -25.76 9.04 -7.62
CA THR C 361 -25.73 9.90 -6.44
C THR C 361 -24.66 9.45 -5.45
N HIS C 362 -24.51 8.14 -5.27
CA HIS C 362 -23.47 7.64 -4.37
C HIS C 362 -22.09 7.93 -4.92
N LEU C 363 -21.92 7.79 -6.24
CA LEU C 363 -20.64 8.17 -6.84
C LEU C 363 -20.37 9.66 -6.67
N ILE C 364 -21.42 10.49 -6.83
CA ILE C 364 -21.27 11.93 -6.66
C ILE C 364 -20.93 12.27 -5.21
N ARG C 365 -21.51 11.53 -4.26
CA ARG C 365 -21.18 11.74 -2.85
C ARG C 365 -19.72 11.40 -2.58
N MET C 366 -19.24 10.28 -3.13
CA MET C 366 -17.83 9.93 -3.00
C MET C 366 -16.94 11.03 -3.57
N LEU C 367 -17.30 11.53 -4.76
CA LEU C 367 -16.51 12.60 -5.37
C LEU C 367 -16.53 13.86 -4.52
N VAL C 368 -17.70 14.23 -3.99
CA VAL C 368 -17.79 15.40 -3.13
C VAL C 368 -16.88 15.26 -1.93
N VAL C 369 -16.79 14.05 -1.39
CA VAL C 369 -15.93 13.82 -0.22
C VAL C 369 -14.46 13.91 -0.60
N VAL C 370 -14.07 13.29 -1.71
CA VAL C 370 -12.64 13.08 -1.95
C VAL C 370 -11.99 14.16 -2.81
N GLU C 371 -12.76 14.89 -3.64
CA GLU C 371 -12.14 15.84 -4.57
C GLU C 371 -11.50 17.03 -3.87
N PRO C 372 -12.13 17.70 -2.90
CA PRO C 372 -11.46 18.84 -2.25
C PRO C 372 -10.13 18.48 -1.61
N CYS C 373 -10.03 17.31 -1.00
CA CYS C 373 -8.78 16.90 -0.40
C CYS C 373 -7.71 16.65 -1.45
N HIS C 374 -8.10 16.04 -2.58
CA HIS C 374 -7.14 15.84 -3.67
C HIS C 374 -6.67 17.17 -4.23
N TYR C 375 -7.58 18.14 -4.36
CA TYR C 375 -7.19 19.45 -4.84
C TYR C 375 -6.25 20.16 -3.87
N THR C 376 -6.48 19.97 -2.56
CA THR C 376 -5.58 20.53 -1.57
C THR C 376 -4.19 19.91 -1.66
N ILE C 377 -4.12 18.59 -1.86
CA ILE C 377 -2.84 17.93 -2.01
C ILE C 377 -2.13 18.41 -3.28
N ARG C 378 -2.89 18.60 -4.36
CA ARG C 378 -2.31 19.13 -5.60
C ARG C 378 -1.78 20.54 -5.39
N GLU C 379 -2.49 21.36 -4.62
CA GLU C 379 -2.00 22.70 -4.32
C GLU C 379 -0.72 22.65 -3.48
N GLY C 380 -0.62 21.69 -2.56
CA GLY C 380 0.63 21.52 -1.83
C GLY C 380 1.79 21.12 -2.72
N LYS C 381 1.53 20.23 -3.68
CA LYS C 381 2.57 19.87 -4.64
C LYS C 381 2.96 21.07 -5.49
N ARG C 382 1.99 21.91 -5.85
CA ARG C 382 2.31 23.15 -6.55
C ARG C 382 3.16 24.08 -5.69
N THR C 383 2.90 24.10 -4.38
CA THR C 383 3.74 24.88 -3.47
C THR C 383 5.18 24.39 -3.52
N GLU C 384 5.37 23.07 -3.48
CA GLU C 384 6.72 22.51 -3.59
C GLU C 384 7.38 22.90 -4.91
N ASP C 385 6.60 22.85 -6.00
CA ASP C 385 7.14 23.20 -7.32
C ASP C 385 7.61 24.65 -7.35
N ILE C 386 6.75 25.56 -6.86
CA ILE C 386 7.08 26.98 -6.84
C ILE C 386 8.31 27.24 -5.98
N LEU C 387 8.39 26.56 -4.82
CA LEU C 387 9.53 26.77 -3.94
C LEU C 387 10.82 26.29 -4.57
N CYS C 388 10.77 25.15 -5.28
CA CYS C 388 11.98 24.68 -5.96
C CYS C 388 12.42 25.66 -7.04
N ARG C 389 11.47 26.18 -7.82
CA ARG C 389 11.82 27.18 -8.82
C ARG C 389 12.43 28.42 -8.18
N LEU C 390 11.87 28.87 -7.06
CA LEU C 390 12.41 30.04 -6.37
C LEU C 390 13.81 29.79 -5.86
N MET C 391 14.05 28.61 -5.29
CA MET C 391 15.40 28.31 -4.78
C MET C 391 16.41 28.27 -5.92
N THR C 392 16.02 27.73 -7.08
CA THR C 392 16.93 27.76 -8.22
C THR C 392 17.19 29.20 -8.68
N LEU C 393 16.16 30.04 -8.69
CA LEU C 393 16.32 31.42 -9.13
C LEU C 393 16.92 32.32 -8.06
N ALA C 394 16.99 31.88 -6.81
CA ALA C 394 17.46 32.72 -5.73
C ALA C 394 18.95 32.97 -5.83
N PRO C 395 19.42 34.16 -5.44
CA PRO C 395 20.86 34.41 -5.42
C PRO C 395 21.57 33.47 -4.46
N HIS C 396 22.76 33.05 -4.85
CA HIS C 396 23.52 32.07 -4.07
C HIS C 396 24.14 32.74 -2.84
N GLY C 397 23.87 32.18 -1.66
CA GLY C 397 24.46 32.66 -0.44
C GLY C 397 23.88 33.94 0.11
N GLY C 398 22.81 34.47 -0.49
CA GLY C 398 22.21 35.71 -0.03
C GLY C 398 21.23 35.48 1.10
N VAL C 399 20.55 36.57 1.48
CA VAL C 399 19.54 36.48 2.52
C VAL C 399 18.33 35.69 2.03
N LEU C 400 18.00 35.84 0.75
CA LEU C 400 16.88 35.09 0.18
C LEU C 400 17.34 33.71 -0.26
N SER C 401 18.12 33.05 0.57
CA SER C 401 18.50 31.66 0.36
C SER C 401 18.29 30.82 1.61
N SER C 402 18.44 31.43 2.80
CA SER C 402 18.15 30.73 4.04
C SER C 402 16.68 30.83 4.41
N ARG C 403 16.00 31.89 3.96
CA ARG C 403 14.56 31.98 4.15
C ARG C 403 13.84 30.88 3.36
N LEU C 404 14.33 30.58 2.15
CA LEU C 404 13.78 29.48 1.38
C LEU C 404 14.21 28.12 1.95
N GLU C 405 15.34 28.06 2.66
CA GLU C 405 15.72 26.83 3.34
C GLU C 405 14.73 26.48 4.44
N VAL C 406 14.30 27.47 5.22
CA VAL C 406 13.31 27.24 6.26
C VAL C 406 12.00 26.76 5.66
N LEU C 407 11.58 27.38 4.55
CA LEU C 407 10.35 26.95 3.89
C LEU C 407 10.49 25.56 3.30
N SER C 408 11.67 25.20 2.79
CA SER C 408 11.88 23.84 2.30
C SER C 408 11.80 22.83 3.44
N ARG C 409 12.38 23.15 4.59
CA ARG C 409 12.27 22.26 5.75
C ARG C 409 10.82 22.13 6.20
N LEU C 410 10.07 23.25 6.16
CA LEU C 410 8.65 23.21 6.50
C LEU C 410 7.89 22.30 5.55
N LEU C 411 8.17 22.41 4.26
CA LEU C 411 7.47 21.59 3.26
C LEU C 411 7.84 20.11 3.41
N MET C 412 9.10 19.84 3.74
CA MET C 412 9.51 18.44 3.95
C MET C 412 8.86 17.85 5.19
N LEU C 413 8.78 18.63 6.28
CA LEU C 413 8.22 18.12 7.52
C LEU C 413 6.70 17.98 7.45
N GLN C 414 6.03 18.92 6.79
CA GLN C 414 4.58 18.99 6.79
C GLN C 414 4.03 18.86 5.38
N ASN C 415 3.02 18.01 5.23
CA ASN C 415 2.20 17.96 4.03
C ASN C 415 0.76 18.28 4.40
N ILE C 416 0.07 18.99 3.50
CA ILE C 416 -1.31 19.41 3.75
C ILE C 416 -2.21 18.36 3.14
N SER C 417 -2.74 17.47 3.98
CA SER C 417 -3.60 16.39 3.53
C SER C 417 -4.66 16.14 4.60
N TYR C 418 -5.75 15.49 4.19
CA TYR C 418 -6.86 15.16 5.06
C TYR C 418 -6.81 13.67 5.37
N SER C 419 -6.50 13.32 6.60
CA SER C 419 -6.49 11.93 7.04
C SER C 419 -7.57 11.76 8.11
N PRO C 420 -8.75 11.26 7.74
CA PRO C 420 -9.84 11.17 8.71
C PRO C 420 -9.60 10.09 9.76
N LEU C 421 -9.41 10.53 11.00
CA LEU C 421 -9.14 9.68 12.16
C LEU C 421 -7.87 8.86 12.01
N GLY C 422 -7.06 9.12 10.99
CA GLY C 422 -5.81 8.43 10.79
C GLY C 422 -5.89 7.15 9.99
N MET C 423 -7.10 6.67 9.67
CA MET C 423 -7.23 5.43 8.91
C MET C 423 -7.03 5.66 7.42
N CYS C 424 -7.88 6.48 6.81
CA CYS C 424 -7.83 6.71 5.37
C CYS C 424 -6.90 7.87 5.05
N THR C 425 -6.77 8.18 3.76
CA THR C 425 -5.99 9.30 3.31
C THR C 425 -6.79 10.34 2.52
N LEU C 426 -8.03 10.03 2.16
CA LEU C 426 -8.93 10.95 1.47
C LEU C 426 -8.26 11.54 0.23
N ASP C 427 -8.00 10.66 -0.73
CA ASP C 427 -7.40 11.06 -1.99
C ASP C 427 -8.03 10.23 -3.11
N ARG C 428 -7.67 10.57 -4.34
CA ARG C 428 -8.16 9.81 -5.48
C ARG C 428 -7.75 8.34 -5.44
N PRO C 429 -6.55 7.94 -5.00
CA PRO C 429 -6.26 6.50 -4.87
C PRO C 429 -7.23 5.78 -3.95
N LEU C 430 -7.81 6.47 -2.97
CA LEU C 430 -8.81 5.83 -2.11
C LEU C 430 -10.04 5.42 -2.89
N MET C 431 -10.36 6.13 -3.97
CA MET C 431 -11.52 5.77 -4.79
C MET C 431 -11.32 4.41 -5.44
N VAL C 432 -10.11 4.11 -5.90
CA VAL C 432 -9.85 2.85 -6.58
C VAL C 432 -10.03 1.68 -5.61
N THR C 433 -9.50 1.80 -4.39
CA THR C 433 -9.64 0.74 -3.40
C THR C 433 -11.10 0.51 -3.04
N VAL C 434 -11.84 1.60 -2.85
CA VAL C 434 -13.26 1.46 -2.48
C VAL C 434 -14.05 0.84 -3.63
N LEU C 435 -13.73 1.21 -4.87
CA LEU C 435 -14.42 0.62 -6.02
C LEU C 435 -14.10 -0.86 -6.15
N GLY C 436 -12.85 -1.25 -5.92
CA GLY C 436 -12.51 -2.67 -5.94
C GLY C 436 -13.24 -3.45 -4.87
N ALA C 437 -13.30 -2.90 -3.65
CA ALA C 437 -14.05 -3.54 -2.58
C ALA C 437 -15.52 -3.64 -2.93
N VAL C 438 -16.06 -2.60 -3.56
CA VAL C 438 -17.46 -2.62 -3.99
C VAL C 438 -17.70 -3.76 -4.97
N THR C 439 -16.81 -3.91 -5.96
CA THR C 439 -16.97 -4.98 -6.94
C THR C 439 -16.89 -6.35 -6.28
N THR C 440 -15.92 -6.54 -5.38
CA THR C 440 -15.78 -7.84 -4.72
C THR C 440 -17.00 -8.19 -3.88
N TYR C 441 -17.46 -7.24 -3.06
CA TYR C 441 -18.61 -7.53 -2.21
C TYR C 441 -19.89 -7.66 -3.03
N LEU C 442 -20.00 -6.93 -4.14
CA LEU C 442 -21.15 -7.06 -5.01
C LEU C 442 -21.22 -8.45 -5.63
N VAL C 443 -20.10 -8.94 -6.16
CA VAL C 443 -20.12 -10.29 -6.73
C VAL C 443 -20.32 -11.32 -5.64
N ILE C 444 -19.87 -11.04 -4.41
CA ILE C 444 -20.12 -11.94 -3.29
C ILE C 444 -21.62 -12.05 -3.03
N LEU C 445 -22.30 -10.90 -2.99
CA LEU C 445 -23.75 -10.91 -2.79
C LEU C 445 -24.48 -11.60 -3.94
N ILE C 446 -24.01 -11.39 -5.17
CA ILE C 446 -24.64 -12.04 -6.32
C ILE C 446 -24.49 -13.55 -6.21
N GLN C 447 -23.31 -14.02 -5.81
CA GLN C 447 -23.12 -15.46 -5.62
C GLN C 447 -23.99 -15.99 -4.49
N PHE C 448 -24.12 -15.23 -3.40
CA PHE C 448 -24.94 -15.67 -2.27
C PHE C 448 -26.41 -15.74 -2.64
N GLN C 449 -26.88 -14.83 -3.49
CA GLN C 449 -28.29 -14.86 -3.90
C GLN C 449 -28.60 -16.12 -4.70
N ARG C 450 -27.71 -16.52 -5.59
CA ARG C 450 -27.91 -17.71 -6.41
C ARG C 450 -27.49 -18.96 -5.66
N THR D 18 7.80 32.77 -32.77
CA THR D 18 8.44 31.71 -32.00
C THR D 18 7.84 30.33 -32.29
N PRO D 19 8.13 29.79 -33.48
CA PRO D 19 7.58 28.48 -33.85
C PRO D 19 8.16 27.38 -32.97
N CYS D 20 7.36 26.33 -32.79
CA CYS D 20 7.76 25.17 -31.99
C CYS D 20 8.37 24.13 -32.92
N LEU D 21 9.68 24.24 -33.13
CA LEU D 21 10.38 23.28 -33.97
C LEU D 21 10.41 21.91 -33.29
N VAL D 22 10.25 20.87 -34.09
CA VAL D 22 10.25 19.50 -33.59
C VAL D 22 10.65 18.58 -34.72
N GLY D 23 11.24 17.44 -34.36
CA GLY D 23 11.66 16.45 -35.34
C GLY D 23 12.01 15.14 -34.67
N GLY D 24 12.31 14.16 -35.49
CA GLY D 24 12.69 12.83 -35.00
C GLY D 24 11.46 11.99 -34.67
N ALA D 25 11.28 11.67 -33.38
CA ALA D 25 10.13 10.89 -32.96
C ALA D 25 8.84 11.67 -33.16
N HIS D 26 8.79 12.92 -32.67
CA HIS D 26 7.60 13.73 -32.82
C HIS D 26 7.60 14.43 -34.18
N ALA D 27 7.85 13.68 -35.24
CA ALA D 27 7.74 14.17 -36.60
C ALA D 27 7.06 13.11 -37.46
N PHE D 28 7.20 11.85 -37.04
CA PHE D 28 6.56 10.72 -37.71
C PHE D 28 5.30 10.27 -37.00
N ILE D 29 5.36 10.04 -35.70
CA ILE D 29 4.17 9.63 -34.96
C ILE D 29 3.18 10.79 -34.80
N LEU D 30 3.67 12.03 -34.85
CA LEU D 30 2.75 13.16 -34.85
C LEU D 30 1.96 13.24 -36.15
N LYS D 31 2.58 12.86 -37.27
CA LYS D 31 1.85 12.79 -38.53
C LYS D 31 0.88 11.62 -38.54
N ILE D 32 1.28 10.48 -37.97
CA ILE D 32 0.37 9.34 -37.87
C ILE D 32 -0.82 9.69 -36.99
N SER D 33 -0.56 10.31 -35.84
CA SER D 33 -1.64 10.72 -34.95
C SER D 33 -2.52 11.79 -35.60
N SER D 34 -1.92 12.68 -36.40
CA SER D 34 -2.71 13.65 -37.14
C SER D 34 -3.64 12.96 -38.13
N PHE D 35 -3.13 11.93 -38.82
CA PHE D 35 -3.96 11.20 -39.76
C PHE D 35 -5.10 10.48 -39.05
N CYS D 36 -4.83 9.89 -37.89
CA CYS D 36 -5.87 9.19 -37.14
C CYS D 36 -6.61 10.10 -36.16
N GLY D 37 -6.30 11.39 -36.15
CA GLY D 37 -7.05 12.35 -35.37
C GLY D 37 -6.59 12.59 -33.96
N LEU D 38 -5.40 12.12 -33.59
CA LEU D 38 -4.88 12.31 -32.23
C LEU D 38 -3.91 13.47 -32.12
N ALA D 39 -3.64 14.20 -33.20
CA ALA D 39 -2.69 15.31 -33.18
C ALA D 39 -3.09 16.32 -34.26
N PRO D 40 -4.07 17.18 -33.97
CA PRO D 40 -4.46 18.19 -34.95
C PRO D 40 -3.45 19.32 -35.06
N LEU D 41 -2.35 19.07 -35.77
CA LEU D 41 -1.26 20.04 -35.90
C LEU D 41 -0.93 20.27 -37.36
N ARG D 42 -0.65 21.52 -37.71
CA ARG D 42 -0.07 21.82 -39.01
C ARG D 42 1.42 21.47 -39.00
N PHE D 43 1.94 21.16 -40.18
CA PHE D 43 3.26 20.57 -40.33
C PHE D 43 4.08 21.32 -41.38
N GLU D 44 4.21 22.62 -41.20
CA GLU D 44 5.01 23.43 -42.11
C GLU D 44 6.43 22.86 -42.19
N PRO D 45 6.97 22.65 -43.40
CA PRO D 45 8.28 21.98 -43.53
C PRO D 45 9.45 22.92 -43.33
N ARG D 46 9.22 24.07 -42.70
CA ARG D 46 10.29 25.05 -42.50
C ARG D 46 11.45 24.42 -41.73
N SER D 47 12.67 24.73 -42.20
CA SER D 47 13.91 24.22 -41.61
C SER D 47 14.00 22.69 -41.74
N GLN D 48 15.09 22.12 -41.22
CA GLN D 48 15.24 20.67 -41.25
C GLN D 48 14.18 19.98 -40.42
N GLU D 49 13.87 20.53 -39.25
CA GLU D 49 12.86 19.97 -38.37
C GLU D 49 11.47 20.39 -38.87
N TYR D 50 10.45 20.14 -38.05
CA TYR D 50 9.07 20.46 -38.39
C TYR D 50 8.52 21.49 -37.42
N ALA D 51 7.90 22.53 -37.95
CA ALA D 51 7.24 23.55 -37.15
C ALA D 51 5.77 23.18 -36.99
N VAL D 52 5.37 22.87 -35.76
CA VAL D 52 4.02 22.41 -35.48
C VAL D 52 3.25 23.51 -34.76
N THR D 53 1.95 23.58 -35.05
CA THR D 53 1.07 24.53 -34.39
C THR D 53 -0.35 23.99 -34.45
N ILE D 54 -1.20 24.52 -33.57
CA ILE D 54 -2.60 24.09 -33.54
C ILE D 54 -3.25 24.38 -34.88
N SER D 55 -4.08 23.44 -35.34
CA SER D 55 -4.60 23.47 -36.70
C SER D 55 -6.12 23.43 -36.72
N LYS D 56 -6.76 24.35 -35.99
CA LYS D 56 -8.21 24.49 -35.97
C LYS D 56 -8.79 24.35 -37.37
N GLY D 57 -9.67 23.37 -37.53
CA GLY D 57 -10.07 22.85 -38.82
C GLY D 57 -9.65 21.41 -39.03
N LYS D 58 -8.48 21.03 -38.51
CA LYS D 58 -8.12 19.63 -38.38
C LYS D 58 -8.63 19.03 -37.09
N CYS D 59 -8.78 19.85 -36.04
CA CYS D 59 -9.44 19.40 -34.83
C CYS D 59 -10.90 19.07 -35.09
N PHE D 60 -11.56 19.88 -35.93
CA PHE D 60 -12.92 19.57 -36.34
C PHE D 60 -12.99 18.25 -37.09
N TYR D 61 -12.01 18.01 -37.97
CA TYR D 61 -11.95 16.73 -38.68
C TYR D 61 -11.77 15.57 -37.72
N SER D 62 -10.90 15.73 -36.72
CA SER D 62 -10.70 14.68 -35.74
C SER D 62 -11.97 14.39 -34.95
N TYR D 63 -12.67 15.46 -34.54
CA TYR D 63 -13.92 15.28 -33.81
C TYR D 63 -14.96 14.57 -34.64
N ILE D 64 -15.10 14.97 -35.92
CA ILE D 64 -16.07 14.32 -36.80
C ILE D 64 -15.72 12.85 -36.99
N LEU D 65 -14.43 12.56 -37.19
CA LEU D 65 -13.99 11.19 -37.40
C LEU D 65 -14.29 10.31 -36.20
N VAL D 66 -13.92 10.78 -35.00
CA VAL D 66 -14.13 9.96 -33.81
C VAL D 66 -15.62 9.81 -33.51
N THR D 67 -16.42 10.86 -33.74
CA THR D 67 -17.85 10.75 -33.51
C THR D 67 -18.48 9.76 -34.47
N PHE D 68 -18.09 9.80 -35.75
CA PHE D 68 -18.62 8.85 -36.71
C PHE D 68 -18.22 7.43 -36.35
N LEU D 69 -16.96 7.23 -35.94
CA LEU D 69 -16.52 5.88 -35.57
C LEU D 69 -17.27 5.37 -34.36
N VAL D 70 -17.47 6.21 -33.34
CA VAL D 70 -18.16 5.76 -32.14
C VAL D 70 -19.63 5.46 -32.44
N ILE D 71 -20.28 6.30 -33.25
CA ILE D 71 -21.68 6.04 -33.60
C ILE D 71 -21.80 4.75 -34.38
N CYS D 72 -20.91 4.53 -35.36
CA CYS D 72 -20.95 3.30 -36.13
C CYS D 72 -20.69 2.08 -35.25
N THR D 73 -19.74 2.19 -34.31
CA THR D 73 -19.44 1.07 -33.43
C THR D 73 -20.62 0.74 -32.52
N ILE D 74 -21.27 1.76 -31.97
CA ILE D 74 -22.42 1.53 -31.10
C ILE D 74 -23.57 0.93 -31.88
N TYR D 75 -23.82 1.43 -33.10
CA TYR D 75 -24.89 0.88 -33.92
C TYR D 75 -24.61 -0.56 -34.29
N GLY D 76 -23.36 -0.88 -34.62
CA GLY D 76 -23.01 -2.25 -34.93
C GLY D 76 -23.14 -3.16 -33.73
N LEU D 77 -22.75 -2.68 -32.55
CA LEU D 77 -22.93 -3.47 -31.33
C LEU D 77 -24.41 -3.74 -31.06
N VAL D 78 -25.25 -2.72 -31.23
CA VAL D 78 -26.68 -2.90 -31.02
C VAL D 78 -27.25 -3.90 -32.02
N ALA D 79 -26.83 -3.80 -33.28
CA ALA D 79 -27.31 -4.75 -34.28
C ALA D 79 -26.85 -6.17 -34.00
N GLU D 80 -25.61 -6.33 -33.52
CA GLU D 80 -25.10 -7.66 -33.21
C GLU D 80 -25.79 -8.26 -31.98
N ILE D 81 -26.15 -7.42 -31.00
CA ILE D 81 -26.92 -7.91 -29.88
C ILE D 81 -28.32 -8.31 -30.35
N GLY D 82 -28.93 -7.51 -31.22
CA GLY D 82 -30.28 -7.77 -31.68
C GLY D 82 -30.42 -8.85 -32.73
N VAL D 83 -29.31 -9.28 -33.35
CA VAL D 83 -29.41 -10.31 -34.38
C VAL D 83 -29.68 -11.68 -33.77
N GLY D 84 -29.40 -11.86 -32.49
CA GLY D 84 -29.67 -13.13 -31.83
C GLY D 84 -28.41 -13.87 -31.43
N VAL D 85 -28.50 -14.68 -30.38
CA VAL D 85 -27.36 -15.46 -29.92
C VAL D 85 -26.98 -16.51 -30.95
N GLU D 86 -27.98 -17.19 -31.53
CA GLU D 86 -27.70 -18.25 -32.50
C GLU D 86 -27.12 -17.68 -33.79
N LYS D 87 -27.62 -16.53 -34.24
CA LYS D 87 -27.16 -15.97 -35.51
C LYS D 87 -25.77 -15.35 -35.38
N SER D 88 -25.50 -14.69 -34.26
CA SER D 88 -24.20 -14.04 -34.08
C SER D 88 -23.08 -15.06 -33.99
N VAL D 89 -21.96 -14.75 -34.63
CA VAL D 89 -20.81 -15.65 -34.61
C VAL D 89 -19.85 -15.32 -33.45
N ARG D 90 -19.84 -14.07 -33.00
CA ARG D 90 -18.99 -13.66 -31.88
C ARG D 90 -19.71 -13.82 -30.55
N MET D 91 -20.99 -13.44 -30.49
CA MET D 91 -21.76 -13.50 -29.24
C MET D 91 -22.64 -14.75 -29.23
N SER D 92 -21.98 -15.90 -29.09
CA SER D 92 -22.68 -17.18 -29.08
C SER D 92 -23.01 -17.63 -27.65
N SER D 93 -23.58 -16.70 -26.87
CA SER D 93 -24.01 -16.96 -25.50
C SER D 93 -24.64 -15.71 -24.92
N ARG D 94 -25.55 -15.87 -23.95
CA ARG D 94 -26.11 -14.71 -23.28
C ARG D 94 -25.08 -14.05 -22.37
N MET D 95 -24.27 -14.85 -21.68
CA MET D 95 -23.18 -14.30 -20.89
C MET D 95 -22.06 -13.74 -21.77
N SER D 96 -21.83 -14.33 -22.94
CA SER D 96 -20.87 -13.79 -23.89
C SER D 96 -21.51 -12.74 -24.78
N GLN D 97 -22.23 -11.83 -24.14
CA GLN D 97 -22.78 -10.61 -24.71
C GLN D 97 -22.50 -9.40 -23.83
N VAL D 98 -22.51 -9.58 -22.51
CA VAL D 98 -22.11 -8.50 -21.61
C VAL D 98 -20.60 -8.28 -21.68
N VAL D 99 -19.83 -9.37 -21.75
CA VAL D 99 -18.38 -9.24 -21.80
C VAL D 99 -17.93 -8.64 -23.12
N SER D 100 -18.54 -9.07 -24.23
CA SER D 100 -18.19 -8.49 -25.54
C SER D 100 -18.65 -7.04 -25.64
N ALA D 101 -19.82 -6.72 -25.08
CA ALA D 101 -20.27 -5.34 -25.07
C ALA D 101 -19.33 -4.45 -24.25
N CYS D 102 -18.87 -4.95 -23.10
CA CYS D 102 -17.89 -4.19 -22.32
C CYS D 102 -16.59 -4.04 -23.09
N ASP D 103 -16.16 -5.10 -23.78
CA ASP D 103 -14.96 -5.04 -24.61
C ASP D 103 -15.07 -3.94 -25.65
N ILE D 104 -16.21 -3.86 -26.33
CA ILE D 104 -16.39 -2.85 -27.37
C ILE D 104 -16.46 -1.46 -26.76
N LEU D 105 -17.26 -1.29 -25.71
CA LEU D 105 -17.47 0.04 -25.15
C LEU D 105 -16.23 0.59 -24.49
N VAL D 106 -15.36 -0.27 -23.94
CA VAL D 106 -14.17 0.25 -23.28
C VAL D 106 -13.20 0.83 -24.30
N VAL D 107 -13.06 0.19 -25.46
CA VAL D 107 -12.19 0.76 -26.48
C VAL D 107 -12.85 1.96 -27.12
N ALA D 108 -14.19 1.98 -27.22
CA ALA D 108 -14.87 3.17 -27.71
C ALA D 108 -14.60 4.36 -26.80
N VAL D 109 -14.69 4.15 -25.48
CA VAL D 109 -14.43 5.21 -24.52
C VAL D 109 -12.96 5.63 -24.57
N THR D 110 -12.05 4.66 -24.72
CA THR D 110 -10.63 4.99 -24.79
C THR D 110 -10.32 5.84 -26.02
N ALA D 111 -10.87 5.47 -27.17
CA ALA D 111 -10.65 6.27 -28.38
C ALA D 111 -11.30 7.64 -28.26
N GLY D 112 -12.48 7.72 -27.66
CA GLY D 112 -13.11 9.01 -27.45
C GLY D 112 -12.30 9.92 -26.56
N VAL D 113 -11.79 9.38 -25.45
CA VAL D 113 -10.94 10.17 -24.56
C VAL D 113 -9.66 10.58 -25.28
N GLY D 114 -9.12 9.70 -26.11
CA GLY D 114 -7.92 10.04 -26.86
C GLY D 114 -8.15 11.19 -27.83
N VAL D 115 -9.28 11.19 -28.53
CA VAL D 115 -9.54 12.24 -29.52
C VAL D 115 -10.23 13.44 -28.88
N TYR D 116 -11.24 13.23 -28.05
CA TYR D 116 -11.89 14.33 -27.33
C TYR D 116 -10.95 14.75 -26.20
N GLY D 117 -10.00 15.61 -26.55
CA GLY D 117 -8.98 16.02 -25.62
C GLY D 117 -7.64 16.15 -26.31
N ALA D 118 -7.59 15.71 -27.56
CA ALA D 118 -6.39 15.88 -28.37
C ALA D 118 -5.99 17.34 -28.56
N PRO D 119 -6.90 18.28 -28.84
CA PRO D 119 -6.45 19.69 -28.95
C PRO D 119 -5.81 20.22 -27.67
N ALA D 120 -6.36 19.89 -26.50
CA ALA D 120 -5.77 20.35 -25.26
C ALA D 120 -4.41 19.72 -25.02
N ARG D 121 -4.28 18.43 -25.32
CA ARG D 121 -2.99 17.76 -25.16
C ARG D 121 -1.96 18.36 -26.10
N MET D 122 -2.36 18.69 -27.33
CA MET D 122 -1.44 19.33 -28.27
C MET D 122 -1.08 20.73 -27.82
N ARG D 123 -2.01 21.45 -27.19
CA ARG D 123 -1.70 22.77 -26.65
C ARG D 123 -0.66 22.66 -25.53
N THR D 124 -0.82 21.70 -24.63
CA THR D 124 0.17 21.51 -23.58
C THR D 124 1.51 21.07 -24.16
N MET D 125 1.47 20.22 -25.19
CA MET D 125 2.70 19.78 -25.85
C MET D 125 3.44 20.96 -26.46
N LEU D 126 2.71 21.83 -27.15
CA LEU D 126 3.31 23.04 -27.71
C LEU D 126 3.82 23.96 -26.62
N SER D 127 3.15 23.97 -25.46
CA SER D 127 3.61 24.81 -24.36
C SER D 127 4.95 24.33 -23.83
N TYR D 128 5.12 23.01 -23.64
CA TYR D 128 6.39 22.55 -23.10
C TYR D 128 7.45 22.27 -24.17
N MET D 129 7.10 22.36 -25.45
CA MET D 129 8.10 22.31 -26.52
C MET D 129 9.13 23.42 -26.35
N GLU D 130 8.66 24.64 -26.08
CA GLU D 130 9.57 25.78 -26.00
C GLU D 130 10.51 25.67 -24.79
N ASN D 131 10.13 24.88 -23.78
CA ASN D 131 11.03 24.66 -22.65
C ASN D 131 11.97 23.51 -22.90
N ILE D 132 11.47 22.42 -23.49
CA ILE D 132 12.34 21.26 -23.70
C ILE D 132 13.36 21.53 -24.79
N VAL D 133 13.07 22.42 -25.74
CA VAL D 133 14.10 22.81 -26.71
C VAL D 133 15.20 23.61 -26.03
N ALA D 134 14.83 24.50 -25.09
CA ALA D 134 15.85 25.22 -24.34
C ALA D 134 16.70 24.26 -23.51
N VAL D 135 16.06 23.22 -22.94
CA VAL D 135 16.81 22.19 -22.22
C VAL D 135 17.76 21.46 -23.16
N ASP D 136 17.29 21.12 -24.36
CA ASP D 136 18.11 20.38 -25.30
C ASP D 136 19.29 21.20 -25.81
N ARG D 137 19.11 22.51 -25.96
CA ARG D 137 20.20 23.36 -26.45
C ARG D 137 21.41 23.33 -25.53
N GLU D 138 21.21 23.21 -24.22
CA GLU D 138 22.29 23.13 -23.26
C GLU D 138 22.87 21.73 -23.13
N LEU D 139 22.32 20.74 -23.86
CA LEU D 139 22.79 19.38 -23.81
C LEU D 139 23.25 18.84 -25.16
N GLY D 140 22.69 19.31 -26.26
CA GLY D 140 23.03 18.79 -27.57
C GLY D 140 21.84 18.16 -28.27
N ARG D 141 21.35 18.81 -29.32
CA ARG D 141 20.19 18.31 -30.04
C ARG D 141 20.50 17.07 -30.87
N HIS D 142 21.77 16.84 -31.19
CA HIS D 142 22.13 15.66 -31.99
C HIS D 142 21.83 14.37 -31.22
N HIS D 143 22.14 14.35 -29.93
CA HIS D 143 21.86 13.16 -29.13
C HIS D 143 20.36 12.88 -29.05
N SER D 144 19.56 13.92 -28.81
CA SER D 144 18.11 13.73 -28.74
C SER D 144 17.54 13.29 -30.08
N ALA D 145 18.05 13.86 -31.18
CA ALA D 145 17.59 13.46 -32.50
C ALA D 145 17.95 12.01 -32.79
N ALA D 146 19.15 11.59 -32.42
CA ALA D 146 19.55 10.19 -32.64
C ALA D 146 18.72 9.24 -31.80
N THR D 147 18.47 9.60 -30.53
CA THR D 147 17.67 8.73 -29.67
C THR D 147 16.23 8.66 -30.13
N GLU D 148 15.66 9.78 -30.59
CA GLU D 148 14.28 9.79 -31.04
C GLU D 148 14.12 9.06 -32.36
N ARG D 149 15.13 9.10 -33.22
CA ARG D 149 15.06 8.35 -34.48
C ARG D 149 15.18 6.84 -34.26
N LYS D 150 15.76 6.43 -33.13
CA LYS D 150 15.84 5.00 -32.83
C LYS D 150 14.50 4.42 -32.38
N LEU D 151 13.60 5.27 -31.87
CA LEU D 151 12.28 4.81 -31.46
C LEU D 151 11.32 4.63 -32.63
N CYS D 152 11.66 5.13 -33.82
CA CYS D 152 10.78 4.97 -34.97
C CYS D 152 10.71 3.53 -35.43
N ALA D 153 11.82 2.78 -35.33
CA ALA D 153 11.79 1.36 -35.72
C ALA D 153 10.84 0.58 -34.82
N LEU D 154 10.91 0.80 -33.51
CA LEU D 154 9.98 0.13 -32.60
C LEU D 154 8.55 0.59 -32.86
N LEU D 155 8.36 1.88 -33.16
CA LEU D 155 7.04 2.39 -33.51
C LEU D 155 6.46 1.63 -34.70
N LEU D 156 7.24 1.55 -35.80
CA LEU D 156 6.76 0.87 -36.99
C LEU D 156 6.52 -0.60 -36.73
N LEU D 157 7.40 -1.25 -35.96
CA LEU D 157 7.23 -2.67 -35.66
C LEU D 157 5.94 -2.91 -34.89
N ILE D 158 5.70 -2.14 -33.84
CA ILE D 158 4.52 -2.36 -33.01
C ILE D 158 3.25 -2.02 -33.80
N LEU D 159 3.26 -0.92 -34.55
CA LEU D 159 2.08 -0.57 -35.35
C LEU D 159 1.79 -1.63 -36.40
N LEU D 160 2.82 -2.14 -37.07
CA LEU D 160 2.61 -3.17 -38.08
C LEU D 160 2.08 -4.45 -37.45
N SER D 161 2.63 -4.84 -36.30
CA SER D 161 2.14 -6.04 -35.63
C SER D 161 0.68 -5.90 -35.23
N PHE D 162 0.33 -4.75 -34.64
CA PHE D 162 -1.05 -4.53 -34.23
C PHE D 162 -2.00 -4.49 -35.42
N THR D 163 -1.58 -3.82 -36.51
CA THR D 163 -2.44 -3.76 -37.70
C THR D 163 -2.62 -5.13 -38.32
N ILE D 164 -1.55 -5.94 -38.35
CA ILE D 164 -1.67 -7.29 -38.89
C ILE D 164 -2.61 -8.12 -38.04
N LEU D 165 -2.51 -8.00 -36.71
CA LEU D 165 -3.42 -8.73 -35.83
C LEU D 165 -4.86 -8.28 -36.04
N LEU D 166 -5.09 -6.97 -36.17
CA LEU D 166 -6.44 -6.47 -36.41
C LEU D 166 -7.01 -7.00 -37.72
N VAL D 167 -6.20 -6.96 -38.78
CA VAL D 167 -6.66 -7.44 -40.08
C VAL D 167 -6.95 -8.94 -40.03
N ASP D 168 -6.09 -9.70 -39.36
CA ASP D 168 -6.31 -11.14 -39.25
C ASP D 168 -7.57 -11.45 -38.48
N ASP D 169 -7.80 -10.75 -37.37
CA ASP D 169 -9.03 -10.98 -36.58
C ASP D 169 -10.27 -10.61 -37.38
N PHE D 170 -10.23 -9.48 -38.07
CA PHE D 170 -11.37 -9.05 -38.88
C PHE D 170 -11.66 -10.04 -39.99
N CYS D 171 -10.60 -10.51 -40.69
CA CYS D 171 -10.79 -11.48 -41.75
C CYS D 171 -11.31 -12.80 -41.22
N PHE D 172 -10.80 -13.26 -40.07
CA PHE D 172 -11.28 -14.50 -39.49
C PHE D 172 -12.77 -14.42 -39.18
N TYR D 173 -13.20 -13.34 -38.52
CA TYR D 173 -14.61 -13.21 -38.20
C TYR D 173 -15.46 -13.04 -39.45
N ALA D 174 -14.93 -12.37 -40.47
CA ALA D 174 -15.67 -12.21 -41.71
C ALA D 174 -15.88 -13.55 -42.41
N MET D 175 -14.84 -14.38 -42.48
CA MET D 175 -15.00 -15.70 -43.08
C MET D 175 -15.91 -16.59 -42.25
N GLN D 176 -15.85 -16.48 -40.93
CA GLN D 176 -16.75 -17.26 -40.09
C GLN D 176 -18.21 -16.86 -40.32
N ALA D 177 -18.47 -15.55 -40.45
CA ALA D 177 -19.83 -15.10 -40.69
C ALA D 177 -20.27 -15.39 -42.13
N GLY D 178 -19.32 -15.54 -43.05
CA GLY D 178 -19.67 -15.85 -44.42
C GLY D 178 -20.27 -17.24 -44.58
N LYS D 179 -19.98 -18.14 -43.64
CA LYS D 179 -20.57 -19.47 -43.70
C LYS D 179 -22.09 -19.41 -43.52
N THR D 180 -22.56 -18.54 -42.63
CA THR D 180 -23.99 -18.35 -42.40
C THR D 180 -24.56 -17.18 -43.20
N GLY D 181 -23.80 -16.66 -44.18
CA GLY D 181 -24.28 -15.57 -45.01
C GLY D 181 -24.44 -14.24 -44.29
N ARG D 182 -23.49 -13.90 -43.41
CA ARG D 182 -23.52 -12.64 -42.69
C ARG D 182 -22.17 -11.94 -42.73
N GLN D 183 -21.41 -12.14 -43.81
CA GLN D 183 -20.08 -11.53 -43.89
C GLN D 183 -20.19 -10.01 -44.03
N TRP D 184 -21.07 -9.53 -44.89
CA TRP D 184 -21.23 -8.08 -45.03
C TRP D 184 -21.86 -7.46 -43.79
N GLU D 185 -22.78 -8.19 -43.14
CA GLU D 185 -23.35 -7.70 -41.89
C GLU D 185 -22.29 -7.58 -40.82
N ILE D 186 -21.40 -8.58 -40.71
CA ILE D 186 -20.38 -8.54 -39.67
C ILE D 186 -19.36 -7.45 -39.98
N VAL D 187 -19.06 -7.24 -41.27
CA VAL D 187 -18.16 -6.16 -41.67
C VAL D 187 -18.75 -4.81 -41.29
N THR D 188 -20.04 -4.62 -41.59
CA THR D 188 -20.69 -3.36 -41.24
C THR D 188 -20.72 -3.15 -39.73
N ASN D 189 -20.98 -4.21 -38.97
CA ASN D 189 -21.08 -4.07 -37.52
C ASN D 189 -19.74 -3.82 -36.86
N TYR D 190 -18.66 -4.43 -37.34
CA TYR D 190 -17.36 -4.29 -36.69
C TYR D 190 -16.34 -3.54 -37.54
N ALA D 191 -16.77 -2.69 -38.46
CA ALA D 191 -15.82 -1.89 -39.22
C ALA D 191 -15.12 -0.86 -38.32
N GLY D 192 -15.89 -0.09 -37.56
CA GLY D 192 -15.31 0.98 -36.76
C GLY D 192 -14.63 0.50 -35.49
N PHE D 193 -14.92 -0.73 -35.06
CA PHE D 193 -14.31 -1.28 -33.85
C PHE D 193 -12.79 -1.38 -33.99
N TYR D 194 -12.31 -1.86 -35.13
CA TYR D 194 -10.88 -1.98 -35.36
C TYR D 194 -10.21 -0.66 -35.66
N PHE D 195 -10.94 0.30 -36.25
CA PHE D 195 -10.41 1.66 -36.35
C PHE D 195 -10.22 2.27 -34.97
N LEU D 196 -11.17 2.03 -34.06
CA LEU D 196 -10.99 2.49 -32.68
C LEU D 196 -9.80 1.82 -32.02
N TRP D 197 -9.60 0.52 -32.30
CA TRP D 197 -8.38 -0.13 -31.82
C TRP D 197 -7.13 0.56 -32.34
N TYR D 198 -7.10 0.89 -33.63
CA TYR D 198 -5.95 1.56 -34.21
C TYR D 198 -5.69 2.90 -33.52
N ILE D 199 -6.76 3.66 -33.28
CA ILE D 199 -6.62 4.95 -32.61
C ILE D 199 -6.08 4.78 -31.20
N VAL D 200 -6.59 3.79 -30.46
CA VAL D 200 -6.13 3.55 -29.10
C VAL D 200 -4.65 3.19 -29.09
N MET D 201 -4.23 2.31 -30.02
CA MET D 201 -2.84 1.90 -30.06
C MET D 201 -1.93 3.08 -30.43
N VAL D 202 -2.37 3.91 -31.37
CA VAL D 202 -1.57 5.08 -31.74
C VAL D 202 -1.43 6.04 -30.56
N LEU D 203 -2.51 6.22 -29.79
CA LEU D 203 -2.44 7.08 -28.61
C LEU D 203 -1.45 6.53 -27.59
N GLU D 204 -1.50 5.21 -27.35
CA GLU D 204 -0.57 4.60 -26.41
C GLU D 204 0.88 4.79 -26.88
N LEU D 205 1.14 4.56 -28.16
CA LEU D 205 2.50 4.73 -28.67
C LEU D 205 2.94 6.19 -28.59
N GLN D 206 2.03 7.12 -28.84
CA GLN D 206 2.36 8.54 -28.75
C GLN D 206 2.79 8.91 -27.33
N PHE D 207 2.00 8.49 -26.34
CA PHE D 207 2.40 8.76 -24.95
C PHE D 207 3.74 8.09 -24.64
N ALA D 208 3.91 6.84 -25.06
CA ALA D 208 5.13 6.11 -24.74
C ALA D 208 6.36 6.83 -25.30
N PHE D 209 6.27 7.32 -26.53
CA PHE D 209 7.43 7.95 -27.15
C PHE D 209 7.66 9.35 -26.61
N THR D 210 6.61 10.07 -26.22
CA THR D 210 6.83 11.34 -25.52
C THR D 210 7.57 11.11 -24.21
N ALA D 211 7.13 10.11 -23.44
CA ALA D 211 7.79 9.80 -22.17
C ALA D 211 9.22 9.33 -22.40
N LEU D 212 9.46 8.58 -23.47
CA LEU D 212 10.82 8.11 -23.76
C LEU D 212 11.72 9.26 -24.18
N SER D 213 11.19 10.24 -24.92
CA SER D 213 11.96 11.42 -25.25
C SER D 213 12.36 12.20 -24.00
N LEU D 214 11.40 12.36 -23.07
CA LEU D 214 11.75 13.04 -21.82
C LEU D 214 12.77 12.23 -21.02
N ARG D 215 12.65 10.90 -21.05
CA ARG D 215 13.63 10.06 -20.38
C ARG D 215 15.01 10.24 -20.98
N ALA D 216 15.09 10.36 -22.31
CA ALA D 216 16.38 10.60 -22.96
C ALA D 216 16.97 11.94 -22.53
N ARG D 217 16.13 12.97 -22.45
CA ARG D 217 16.61 14.27 -21.97
C ARG D 217 17.13 14.17 -20.54
N LEU D 218 16.41 13.44 -19.68
CA LEU D 218 16.84 13.33 -18.29
C LEU D 218 18.10 12.48 -18.16
N LYS D 219 18.26 11.50 -19.04
CA LYS D 219 19.51 10.74 -19.08
C LYS D 219 20.69 11.61 -19.50
N LEU D 220 20.48 12.48 -20.48
CA LEU D 220 21.52 13.43 -20.84
C LEU D 220 21.84 14.35 -19.67
N PHE D 221 20.81 14.79 -18.94
CA PHE D 221 21.04 15.61 -17.75
C PHE D 221 21.87 14.86 -16.72
N ASN D 222 21.57 13.58 -16.51
CA ASN D 222 22.34 12.78 -15.56
C ASN D 222 23.79 12.64 -15.99
N GLU D 223 24.03 12.38 -17.27
CA GLU D 223 25.41 12.26 -17.76
C GLU D 223 26.16 13.57 -17.59
N ALA D 224 25.50 14.70 -17.89
CA ALA D 224 26.15 16.00 -17.71
C ALA D 224 26.47 16.26 -16.24
N LEU D 225 25.53 15.95 -15.35
CA LEU D 225 25.78 16.12 -13.92
C LEU D 225 26.92 15.25 -13.44
N ASN D 226 27.03 14.04 -14.00
CA ASN D 226 28.09 13.13 -13.57
C ASN D 226 29.45 13.58 -14.06
N VAL D 227 29.55 14.02 -15.32
CA VAL D 227 30.85 14.31 -15.90
C VAL D 227 31.33 15.74 -15.66
N THR D 228 30.42 16.69 -15.43
CA THR D 228 30.80 18.09 -15.28
C THR D 228 31.04 18.49 -13.83
N ALA D 229 30.21 18.02 -12.91
CA ALA D 229 30.35 18.39 -11.51
C ALA D 229 31.52 17.68 -10.83
N SER D 230 32.14 16.70 -11.48
CA SER D 230 33.26 15.96 -10.91
C SER D 230 34.50 16.13 -11.78
N GLN D 231 34.76 17.37 -12.22
CA GLN D 231 35.91 17.69 -13.05
C GLN D 231 35.95 16.83 -14.32
N CYS D 286 35.34 18.85 -22.27
CA CYS D 286 34.52 17.92 -21.50
C CYS D 286 33.72 18.67 -20.43
N LEU D 287 34.23 19.83 -20.02
CA LEU D 287 33.58 20.65 -19.00
C LEU D 287 32.99 21.92 -19.57
N GLN D 288 33.81 22.75 -20.22
CA GLN D 288 33.40 24.00 -20.87
C GLN D 288 32.76 24.99 -19.90
N VAL D 289 32.80 24.72 -18.60
CA VAL D 289 32.17 25.57 -17.59
C VAL D 289 32.67 25.14 -16.22
N PRO D 290 32.89 26.07 -15.29
CA PRO D 290 33.22 25.67 -13.93
C PRO D 290 32.10 24.86 -13.31
N PRO D 291 32.43 23.92 -12.42
CA PRO D 291 31.37 23.07 -11.85
C PRO D 291 30.42 23.82 -10.93
N CYS D 292 30.87 24.94 -10.33
CA CYS D 292 29.99 25.70 -9.45
C CYS D 292 28.79 26.25 -10.21
N GLU D 293 29.04 26.88 -11.36
CA GLU D 293 27.94 27.36 -12.19
C GLU D 293 27.22 26.20 -12.87
N ALA D 294 27.95 25.11 -13.16
CA ALA D 294 27.33 23.96 -13.82
C ALA D 294 26.26 23.34 -12.95
N VAL D 295 26.49 23.26 -11.64
CA VAL D 295 25.50 22.65 -10.76
C VAL D 295 24.22 23.49 -10.72
N GLY D 296 24.35 24.81 -10.67
CA GLY D 296 23.16 25.66 -10.71
C GLY D 296 22.42 25.57 -12.02
N ARG D 297 23.16 25.54 -13.14
CA ARG D 297 22.52 25.37 -14.44
C ARG D 297 21.78 24.04 -14.52
N LEU D 298 22.38 22.97 -13.99
CA LEU D 298 21.72 21.67 -13.99
C LEU D 298 20.51 21.65 -13.07
N SER D 299 20.55 22.40 -11.96
CA SER D 299 19.38 22.49 -11.09
C SER D 299 18.22 23.17 -11.82
N ARG D 300 18.50 24.28 -12.51
CA ARG D 300 17.45 24.92 -13.30
C ARG D 300 16.93 23.99 -14.38
N MET D 301 17.83 23.26 -15.04
CA MET D 301 17.44 22.30 -16.06
C MET D 301 16.54 21.21 -15.48
N ARG D 302 16.85 20.72 -14.29
CA ARG D 302 16.03 19.68 -13.68
C ARG D 302 14.66 20.23 -13.29
N CYS D 303 14.60 21.49 -12.84
CA CYS D 303 13.30 22.09 -12.58
C CYS D 303 12.45 22.17 -13.85
N THR D 304 13.08 22.57 -14.96
CA THR D 304 12.34 22.62 -16.23
C THR D 304 11.89 21.22 -16.66
N LEU D 305 12.75 20.22 -16.46
CA LEU D 305 12.38 18.85 -16.81
C LEU D 305 11.22 18.34 -15.95
N CYS D 306 11.21 18.69 -14.66
CA CYS D 306 10.08 18.33 -13.81
C CYS D 306 8.81 19.02 -14.27
N GLU D 307 8.92 20.28 -14.70
CA GLU D 307 7.75 20.97 -15.24
C GLU D 307 7.21 20.25 -16.47
N VAL D 308 8.10 19.84 -17.37
CA VAL D 308 7.68 19.13 -18.58
C VAL D 308 7.05 17.79 -18.22
N THR D 309 7.64 17.07 -17.25
CA THR D 309 7.06 15.80 -16.81
C THR D 309 5.66 16.00 -16.26
N ARG D 310 5.46 17.04 -15.45
CA ARG D 310 4.14 17.31 -14.89
C ARG D 310 3.14 17.65 -15.99
N HIS D 311 3.57 18.43 -16.98
CA HIS D 311 2.67 18.75 -18.09
C HIS D 311 2.28 17.50 -18.86
N ILE D 312 3.24 16.61 -19.11
CA ILE D 312 2.94 15.36 -19.81
C ILE D 312 1.98 14.50 -19.00
N ALA D 313 2.21 14.39 -17.69
CA ALA D 313 1.34 13.59 -16.85
C ALA D 313 -0.06 14.17 -16.78
N ASP D 314 -0.18 15.50 -16.78
CA ASP D 314 -1.49 16.13 -16.70
C ASP D 314 -2.23 15.99 -18.03
N GLY D 315 -1.53 16.11 -19.15
CA GLY D 315 -2.19 15.99 -20.44
C GLY D 315 -2.71 14.59 -20.70
N TYR D 316 -1.91 13.57 -20.37
CA TYR D 316 -2.23 12.19 -20.69
C TYR D 316 -2.87 11.44 -19.53
N GLY D 317 -3.16 12.12 -18.42
CA GLY D 317 -3.61 11.41 -17.23
C GLY D 317 -4.91 10.65 -17.43
N LEU D 318 -5.92 11.32 -17.99
CA LEU D 318 -7.18 10.65 -18.27
C LEU D 318 -7.03 9.54 -19.31
N PRO D 319 -6.37 9.77 -20.46
CA PRO D 319 -6.11 8.64 -21.36
C PRO D 319 -5.33 7.52 -20.69
N LEU D 320 -4.40 7.86 -19.80
CA LEU D 320 -3.62 6.82 -19.14
C LEU D 320 -4.48 5.95 -18.22
N VAL D 321 -5.34 6.56 -17.42
CA VAL D 321 -6.18 5.76 -16.53
C VAL D 321 -7.20 4.96 -17.34
N ILE D 322 -7.73 5.54 -18.41
CA ILE D 322 -8.67 4.81 -19.25
C ILE D 322 -7.98 3.63 -19.92
N ILE D 323 -6.75 3.82 -20.38
CA ILE D 323 -6.00 2.73 -20.99
C ILE D 323 -5.70 1.65 -19.96
N LEU D 324 -5.36 2.04 -18.73
CA LEU D 324 -5.08 1.05 -17.70
C LEU D 324 -6.31 0.21 -17.37
N MET D 325 -7.47 0.85 -17.22
CA MET D 325 -8.67 0.09 -16.95
C MET D 325 -9.09 -0.75 -18.15
N SER D 326 -8.83 -0.27 -19.37
CA SER D 326 -9.11 -1.07 -20.55
C SER D 326 -8.24 -2.31 -20.61
N THR D 327 -6.96 -2.17 -20.28
CA THR D 327 -6.07 -3.33 -20.24
C THR D 327 -6.50 -4.30 -19.15
N LEU D 328 -6.92 -3.79 -18.00
CA LEU D 328 -7.46 -4.65 -16.95
C LEU D 328 -8.65 -5.45 -17.46
N LEU D 329 -9.63 -4.76 -18.04
CA LEU D 329 -10.83 -5.43 -18.53
C LEU D 329 -10.51 -6.43 -19.63
N HIS D 330 -9.55 -6.10 -20.49
CA HIS D 330 -9.23 -6.99 -21.62
C HIS D 330 -8.46 -8.22 -21.16
N LEU D 331 -7.56 -8.05 -20.20
CA LEU D 331 -6.88 -9.20 -19.61
C LEU D 331 -7.81 -10.03 -18.75
N ILE D 332 -8.95 -9.47 -18.34
CA ILE D 332 -9.98 -10.28 -17.70
C ILE D 332 -10.82 -11.02 -18.73
N VAL D 333 -11.10 -10.38 -19.87
CA VAL D 333 -12.06 -10.91 -20.82
C VAL D 333 -11.43 -11.96 -21.74
N THR D 334 -10.28 -11.65 -22.33
CA THR D 334 -9.70 -12.54 -23.34
C THR D 334 -9.38 -13.93 -22.80
N PRO D 335 -8.73 -14.09 -21.64
CA PRO D 335 -8.56 -15.45 -21.09
C PRO D 335 -9.88 -16.15 -20.83
N TYR D 336 -10.93 -15.40 -20.49
CA TYR D 336 -12.25 -16.01 -20.32
C TYR D 336 -12.73 -16.64 -21.62
N PHE D 337 -12.58 -15.91 -22.74
CA PHE D 337 -12.96 -16.46 -24.04
C PHE D 337 -12.11 -17.67 -24.41
N LEU D 338 -10.80 -17.60 -24.13
CA LEU D 338 -9.92 -18.73 -24.44
C LEU D 338 -10.32 -19.96 -23.64
N ILE D 339 -10.62 -19.78 -22.35
CA ILE D 339 -11.02 -20.90 -21.50
C ILE D 339 -12.36 -21.46 -21.97
N MET D 340 -13.31 -20.59 -22.30
CA MET D 340 -14.59 -21.04 -22.81
C MET D 340 -14.40 -21.90 -24.05
N GLU D 341 -13.55 -21.44 -24.97
CA GLU D 341 -13.33 -22.21 -26.20
C GLU D 341 -12.69 -23.56 -25.89
N ILE D 342 -11.65 -23.58 -25.05
CA ILE D 342 -10.98 -24.85 -24.77
C ILE D 342 -11.82 -25.78 -23.92
N ILE D 343 -12.90 -25.30 -23.32
CA ILE D 343 -13.76 -26.20 -22.56
C ILE D 343 -15.04 -26.62 -23.30
N VAL D 344 -15.48 -25.86 -24.32
CA VAL D 344 -16.70 -26.22 -25.02
C VAL D 344 -16.45 -26.74 -26.43
N SER D 345 -15.48 -26.18 -27.16
CA SER D 345 -15.33 -26.50 -28.58
C SER D 345 -14.03 -27.24 -28.88
N THR D 346 -12.88 -26.64 -28.58
CA THR D 346 -11.58 -27.18 -28.97
C THR D 346 -11.53 -27.47 -30.47
N HIS D 347 -12.24 -26.67 -31.26
CA HIS D 347 -12.39 -26.89 -32.69
C HIS D 347 -11.64 -25.88 -33.53
N ARG D 348 -11.82 -24.59 -33.26
CA ARG D 348 -11.21 -23.53 -34.07
C ARG D 348 -9.83 -23.22 -33.52
N LEU D 349 -8.80 -23.72 -34.20
CA LEU D 349 -7.43 -23.40 -33.82
C LEU D 349 -7.11 -21.93 -34.10
N HIS D 350 -7.72 -21.37 -35.15
CA HIS D 350 -7.55 -19.95 -35.44
C HIS D 350 -8.03 -19.10 -34.28
N PHE D 351 -9.14 -19.48 -33.65
CA PHE D 351 -9.65 -18.73 -32.51
C PHE D 351 -8.66 -18.79 -31.34
N LEU D 352 -8.08 -19.95 -31.08
CA LEU D 352 -7.09 -20.07 -30.01
C LEU D 352 -5.86 -19.21 -30.29
N VAL D 353 -5.37 -19.25 -31.53
CA VAL D 353 -4.21 -18.44 -31.89
C VAL D 353 -4.52 -16.96 -31.71
N LEU D 354 -5.71 -16.54 -32.14
CA LEU D 354 -6.10 -15.14 -32.00
C LEU D 354 -6.23 -14.74 -30.54
N GLN D 355 -6.80 -15.60 -29.70
CA GLN D 355 -6.94 -15.28 -28.28
C GLN D 355 -5.59 -15.16 -27.60
N PHE D 356 -4.66 -16.07 -27.91
CA PHE D 356 -3.32 -15.97 -27.35
C PHE D 356 -2.61 -14.70 -27.83
N LEU D 357 -2.75 -14.37 -29.11
CA LEU D 357 -2.16 -13.16 -29.64
C LEU D 357 -2.75 -11.91 -28.98
N TRP D 358 -4.05 -11.95 -28.68
CA TRP D 358 -4.69 -10.79 -28.05
C TRP D 358 -4.27 -10.65 -26.60
N CYS D 359 -4.10 -11.77 -25.89
CA CYS D 359 -3.56 -11.68 -24.53
C CYS D 359 -2.14 -11.12 -24.54
N THR D 360 -1.30 -11.58 -25.48
CA THR D 360 0.04 -11.03 -25.61
C THR D 360 0.00 -9.55 -25.95
N THR D 361 -0.94 -9.15 -26.81
CA THR D 361 -1.06 -7.75 -27.21
C THR D 361 -1.49 -6.87 -26.04
N HIS D 362 -2.40 -7.36 -25.20
CA HIS D 362 -2.80 -6.59 -24.03
C HIS D 362 -1.66 -6.47 -23.03
N LEU D 363 -0.89 -7.54 -22.85
CA LEU D 363 0.30 -7.44 -22.00
C LEU D 363 1.30 -6.44 -22.58
N ILE D 364 1.49 -6.45 -23.90
CA ILE D 364 2.40 -5.53 -24.55
C ILE D 364 1.91 -4.09 -24.39
N ARG D 365 0.59 -3.89 -24.46
CA ARG D 365 0.03 -2.56 -24.25
C ARG D 365 0.30 -2.07 -22.83
N MET D 366 0.10 -2.95 -21.84
CA MET D 366 0.41 -2.60 -20.47
C MET D 366 1.88 -2.23 -20.31
N LEU D 367 2.77 -3.02 -20.93
CA LEU D 367 4.20 -2.71 -20.86
C LEU D 367 4.52 -1.39 -21.52
N VAL D 368 3.92 -1.12 -22.68
CA VAL D 368 4.14 0.15 -23.38
C VAL D 368 3.73 1.31 -22.49
N VAL D 369 2.65 1.14 -21.75
CA VAL D 369 2.17 2.22 -20.87
C VAL D 369 3.12 2.40 -19.68
N VAL D 370 3.55 1.31 -19.05
CA VAL D 370 4.19 1.43 -17.74
C VAL D 370 5.72 1.50 -17.81
N GLU D 371 6.35 0.99 -18.87
CA GLU D 371 7.82 0.93 -18.90
C GLU D 371 8.48 2.30 -18.98
N PRO D 372 8.05 3.23 -19.84
CA PRO D 372 8.72 4.55 -19.86
C PRO D 372 8.70 5.27 -18.53
N CYS D 373 7.59 5.18 -17.80
CA CYS D 373 7.52 5.83 -16.49
C CYS D 373 8.46 5.17 -15.49
N HIS D 374 8.57 3.84 -15.53
CA HIS D 374 9.51 3.16 -14.65
C HIS D 374 10.94 3.54 -14.99
N TYR D 375 11.26 3.67 -16.29
CA TYR D 375 12.60 4.08 -16.68
C TYR D 375 12.89 5.51 -16.23
N THR D 376 11.88 6.39 -16.28
CA THR D 376 12.07 7.75 -15.80
C THR D 376 12.33 7.76 -14.29
N ILE D 377 11.60 6.94 -13.54
CA ILE D 377 11.83 6.86 -12.10
C ILE D 377 13.23 6.31 -11.81
N ARG D 378 13.66 5.32 -12.59
CA ARG D 378 15.00 4.79 -12.42
C ARG D 378 16.06 5.84 -12.73
N GLU D 379 15.82 6.68 -13.73
CA GLU D 379 16.75 7.77 -14.04
C GLU D 379 16.79 8.79 -12.91
N GLY D 380 15.64 9.05 -12.28
CA GLY D 380 15.65 9.92 -11.11
C GLY D 380 16.44 9.35 -9.95
N LYS D 381 16.30 8.05 -9.71
CA LYS D 381 17.11 7.40 -8.68
C LYS D 381 18.59 7.47 -9.02
N ARG D 382 18.93 7.32 -10.30
CA ARG D 382 20.32 7.50 -10.72
C ARG D 382 20.79 8.93 -10.48
N THR D 383 19.90 9.91 -10.67
CA THR D 383 20.26 11.29 -10.34
C THR D 383 20.60 11.44 -8.86
N GLU D 384 19.78 10.83 -8.00
CA GLU D 384 20.09 10.86 -6.57
C GLU D 384 21.43 10.21 -6.27
N ASP D 385 21.71 9.08 -6.93
CA ASP D 385 22.97 8.37 -6.71
C ASP D 385 24.16 9.25 -7.10
N ILE D 386 24.09 9.85 -8.29
CA ILE D 386 25.16 10.70 -8.78
C ILE D 386 25.37 11.89 -7.85
N LEU D 387 24.26 12.50 -7.39
CA LEU D 387 24.38 13.65 -6.51
C LEU D 387 25.01 13.28 -5.17
N CYS D 388 24.66 12.11 -4.62
CA CYS D 388 25.30 11.68 -3.38
C CYS D 388 26.79 11.46 -3.57
N ARG D 389 27.18 10.83 -4.68
CA ARG D 389 28.60 10.65 -4.95
C ARG D 389 29.31 11.99 -5.09
N LEU D 390 28.68 12.95 -5.76
CA LEU D 390 29.29 14.27 -5.93
C LEU D 390 29.45 14.97 -4.58
N MET D 391 28.43 14.89 -3.72
CA MET D 391 28.53 15.54 -2.42
C MET D 391 29.64 14.92 -1.59
N THR D 392 29.80 13.59 -1.66
CA THR D 392 30.92 12.97 -0.95
C THR D 392 32.26 13.44 -1.52
N LEU D 393 32.36 13.55 -2.84
CA LEU D 393 33.62 13.97 -3.45
C LEU D 393 33.83 15.48 -3.41
N ALA D 394 32.82 16.26 -3.06
CA ALA D 394 32.94 17.71 -3.09
C ALA D 394 33.84 18.20 -1.96
N PRO D 395 34.60 19.27 -2.20
CA PRO D 395 35.40 19.85 -1.12
C PRO D 395 34.51 20.35 0.01
N HIS D 396 35.00 20.18 1.24
CA HIS D 396 34.23 20.52 2.42
C HIS D 396 34.21 22.03 2.63
N GLY D 397 33.01 22.60 2.73
CA GLY D 397 32.85 24.01 3.01
C GLY D 397 33.12 24.94 1.85
N GLY D 398 33.35 24.42 0.65
CA GLY D 398 33.62 25.25 -0.50
C GLY D 398 32.36 25.74 -1.17
N VAL D 399 32.55 26.40 -2.31
CA VAL D 399 31.41 26.89 -3.09
C VAL D 399 30.65 25.71 -3.70
N LEU D 400 31.36 24.67 -4.11
CA LEU D 400 30.71 23.48 -4.65
C LEU D 400 30.26 22.55 -3.53
N SER D 401 29.68 23.11 -2.51
CA SER D 401 29.04 22.34 -1.44
C SER D 401 27.65 22.84 -1.12
N SER D 402 27.41 24.15 -1.29
CA SER D 402 26.06 24.68 -1.12
C SER D 402 25.26 24.59 -2.40
N ARG D 403 25.93 24.58 -3.56
CA ARG D 403 25.23 24.33 -4.81
C ARG D 403 24.65 22.92 -4.85
N LEU D 404 25.39 21.95 -4.32
CA LEU D 404 24.88 20.59 -4.20
C LEU D 404 23.83 20.47 -3.10
N GLU D 405 23.87 21.35 -2.10
CA GLU D 405 22.82 21.36 -1.09
C GLU D 405 21.47 21.76 -1.69
N VAL D 406 21.48 22.77 -2.57
CA VAL D 406 20.25 23.19 -3.23
C VAL D 406 19.72 22.05 -4.10
N LEU D 407 20.61 21.37 -4.83
CA LEU D 407 20.17 20.25 -5.65
C LEU D 407 19.64 19.09 -4.80
N SER D 408 20.26 18.86 -3.64
CA SER D 408 19.74 17.82 -2.75
C SER D 408 18.35 18.17 -2.22
N ARG D 409 18.13 19.44 -1.88
CA ARG D 409 16.80 19.87 -1.46
C ARG D 409 15.79 19.72 -2.59
N LEU D 410 16.22 20.05 -3.81
CA LEU D 410 15.36 19.87 -4.98
C LEU D 410 14.98 18.41 -5.18
N LEU D 411 15.96 17.52 -5.03
CA LEU D 411 15.70 16.09 -5.22
C LEU D 411 14.80 15.55 -4.11
N MET D 412 14.97 16.06 -2.88
CA MET D 412 14.11 15.62 -1.78
C MET D 412 12.68 16.10 -1.97
N LEU D 413 12.51 17.35 -2.43
CA LEU D 413 11.17 17.90 -2.57
C LEU D 413 10.45 17.32 -3.78
N GLN D 414 11.17 17.08 -4.87
CA GLN D 414 10.56 16.68 -6.14
C GLN D 414 11.07 15.32 -6.57
N ASN D 415 10.15 14.45 -6.98
CA ASN D 415 10.48 13.22 -7.67
C ASN D 415 9.82 13.25 -9.05
N ILE D 416 10.53 12.70 -10.04
CA ILE D 416 10.04 12.70 -11.42
C ILE D 416 9.30 11.39 -11.63
N SER D 417 7.96 11.45 -11.57
CA SER D 417 7.14 10.26 -11.74
C SER D 417 5.85 10.67 -12.46
N TYR D 418 5.19 9.67 -13.03
CA TYR D 418 3.94 9.87 -13.77
C TYR D 418 2.80 9.35 -12.92
N SER D 419 1.97 10.24 -12.41
CA SER D 419 0.78 9.88 -11.65
C SER D 419 -0.46 10.30 -12.43
N PRO D 420 -1.09 9.40 -13.18
CA PRO D 420 -2.22 9.80 -14.02
C PRO D 420 -3.46 10.16 -13.20
N LEU D 421 -3.83 11.44 -13.23
CA LEU D 421 -4.97 12.00 -12.50
C LEU D 421 -4.86 11.83 -10.99
N GLY D 422 -3.70 11.40 -10.49
CA GLY D 422 -3.48 11.25 -9.07
C GLY D 422 -3.89 9.92 -8.48
N MET D 423 -4.55 9.06 -9.24
CA MET D 423 -4.97 7.76 -8.71
C MET D 423 -3.84 6.75 -8.71
N CYS D 424 -3.31 6.43 -9.89
CA CYS D 424 -2.28 5.42 -10.02
C CYS D 424 -0.90 6.05 -9.87
N THR D 425 0.14 5.21 -9.97
CA THR D 425 1.52 5.67 -9.93
C THR D 425 2.30 5.34 -11.19
N LEU D 426 1.76 4.53 -12.09
CA LEU D 426 2.38 4.17 -13.36
C LEU D 426 3.83 3.70 -13.16
N ASP D 427 3.93 2.55 -12.50
CA ASP D 427 5.22 1.93 -12.24
C ASP D 427 5.06 0.42 -12.37
N ARG D 428 6.18 -0.28 -12.29
CA ARG D 428 6.15 -1.74 -12.32
C ARG D 428 5.33 -2.35 -11.18
N PRO D 429 5.34 -1.84 -9.95
CA PRO D 429 4.44 -2.39 -8.93
C PRO D 429 2.97 -2.33 -9.32
N LEU D 430 2.59 -1.37 -10.15
CA LEU D 430 1.20 -1.31 -10.61
C LEU D 430 0.84 -2.51 -11.46
N MET D 431 1.82 -3.11 -12.15
CA MET D 431 1.55 -4.29 -12.95
C MET D 431 1.13 -5.47 -12.09
N VAL D 432 1.75 -5.62 -10.92
CA VAL D 432 1.43 -6.74 -10.04
C VAL D 432 -0.01 -6.63 -9.53
N THR D 433 -0.41 -5.43 -9.11
CA THR D 433 -1.77 -5.24 -8.62
C THR D 433 -2.80 -5.51 -9.72
N VAL D 434 -2.53 -5.02 -10.93
CA VAL D 434 -3.47 -5.22 -12.03
C VAL D 434 -3.54 -6.70 -12.39
N LEU D 435 -2.41 -7.41 -12.38
CA LEU D 435 -2.42 -8.83 -12.68
C LEU D 435 -3.19 -9.62 -11.61
N GLY D 436 -3.02 -9.25 -10.34
CA GLY D 436 -3.79 -9.91 -9.30
C GLY D 436 -5.28 -9.68 -9.45
N ALA D 437 -5.67 -8.44 -9.75
CA ALA D 437 -7.08 -8.14 -10.00
C ALA D 437 -7.60 -8.92 -11.21
N VAL D 438 -6.77 -9.04 -12.25
CA VAL D 438 -7.14 -9.82 -13.43
C VAL D 438 -7.42 -11.26 -13.04
N THR D 439 -6.53 -11.86 -12.24
CA THR D 439 -6.73 -13.25 -11.83
C THR D 439 -8.00 -13.41 -11.02
N THR D 440 -8.23 -12.50 -10.07
CA THR D 440 -9.42 -12.60 -9.22
C THR D 440 -10.70 -12.48 -10.04
N TYR D 441 -10.77 -11.48 -10.91
CA TYR D 441 -11.99 -11.29 -11.69
C TYR D 441 -12.15 -12.40 -12.74
N LEU D 442 -11.05 -12.95 -13.24
CA LEU D 442 -11.13 -14.06 -14.18
C LEU D 442 -11.71 -15.30 -13.51
N VAL D 443 -11.22 -15.64 -12.31
CA VAL D 443 -11.78 -16.80 -11.63
C VAL D 443 -13.21 -16.52 -11.19
N ILE D 444 -13.55 -15.26 -10.93
CA ILE D 444 -14.94 -14.91 -10.62
C ILE D 444 -15.83 -15.20 -11.83
N LEU D 445 -15.39 -14.79 -13.02
CA LEU D 445 -16.18 -15.07 -14.22
C LEU D 445 -16.27 -16.56 -14.49
N ILE D 446 -15.18 -17.29 -14.26
CA ILE D 446 -15.20 -18.74 -14.48
C ILE D 446 -16.20 -19.40 -13.53
N GLN D 447 -16.23 -18.97 -12.27
CA GLN D 447 -17.21 -19.50 -11.34
C GLN D 447 -18.63 -19.14 -11.75
N PHE D 448 -18.83 -17.91 -12.23
CA PHE D 448 -20.17 -17.50 -12.64
C PHE D 448 -20.66 -18.26 -13.86
N GLN D 449 -19.75 -18.61 -14.78
CA GLN D 449 -20.15 -19.38 -15.96
C GLN D 449 -20.66 -20.76 -15.57
N ARG D 450 -19.97 -21.42 -14.63
CA ARG D 450 -20.36 -22.75 -14.19
C ARG D 450 -21.47 -22.68 -13.13
C1 BDF E . 8.23 -31.92 -5.82
C2 BDF E . 6.80 -31.43 -5.70
C3 BDF E . 6.77 -30.11 -4.92
C4 BDF E . 5.33 -29.64 -4.71
C5 BDF E . 4.41 -30.79 -4.27
C6 BDF E . 4.64 -32.01 -5.14
O1 BDF E . 8.22 -33.26 -6.33
O2 BDF E . 6.28 -31.19 -7.01
O3 BDF E . 7.46 -29.12 -5.66
O4 BDF E . 5.33 -28.63 -3.70
O5 BDF E . 4.69 -31.14 -2.92
O6 BDF E . 6.01 -32.41 -5.05
C1 FRU F . 8.26 -31.74 -5.81
C2 FRU F . 6.91 -31.04 -5.81
C3 FRU F . 7.03 -29.61 -5.28
C4 FRU F . 5.66 -29.37 -4.63
C5 FRU F . 5.28 -30.79 -4.13
C6 FRU F . 3.78 -31.00 -4.32
O1 FRU F . 8.08 -33.10 -6.18
O2 FRU F . 6.40 -31.02 -7.14
O3 FRU F . 7.18 -28.72 -6.39
O4 FRU F . 5.77 -28.46 -3.54
O5 FRU F . 6.00 -31.74 -4.95
O6 FRU F . 3.47 -32.33 -3.93
C1 BDF G . -13.99 -18.78 23.92
C2 BDF G . -14.37 -18.85 22.45
C3 BDF G . -13.99 -17.55 21.75
C4 BDF G . -14.44 -17.57 20.28
C5 BDF G . -15.88 -18.09 20.14
C6 BDF G . -16.06 -19.36 20.97
O1 BDF G . -14.59 -19.88 24.61
O2 BDF G . -13.66 -19.93 21.85
O3 BDF G . -12.57 -17.44 21.77
O4 BDF G . -14.38 -16.24 19.78
O5 BDF G . -16.80 -17.11 20.61
O6 BDF G . -15.77 -19.08 22.33
C1 FRU H . -13.86 -18.66 23.85
C2 FRU H . -14.01 -18.70 22.33
C3 FRU H . -13.31 -17.51 21.69
C4 FRU H . -14.16 -17.27 20.42
C5 FRU H . -15.56 -17.72 20.87
C6 FRU H . -16.26 -18.44 19.73
O1 FRU H . -14.62 -19.72 24.42
O2 FRU H . -13.42 -19.91 21.85
O3 FRU H . -12.00 -17.88 21.29
O4 FRU H . -14.16 -15.90 20.06
O5 FRU H . -15.39 -18.65 21.97
O6 FRU H . -17.53 -18.92 20.19
C1 BDF I . -33.07 5.13 -0.89
C2 BDF I . -32.40 3.80 -1.23
C3 BDF I . -30.95 4.03 -1.63
C4 BDF I . -30.29 2.71 -2.04
C5 BDF I . -31.19 1.90 -2.98
C6 BDF I . -32.61 1.84 -2.42
O1 BDF I . -34.47 4.93 -0.78
O2 BDF I . -32.43 2.97 -0.06
O3 BDF I . -30.25 4.54 -0.49
O4 BDF I . -29.07 3.02 -2.73
O5 BDF I . -31.23 2.51 -4.27
O6 BDF I . -33.11 3.17 -2.29
C1 FRU J . -32.90 5.17 -0.86
C2 FRU J . -32.08 3.90 -1.00
C3 FRU J . -30.59 4.21 -1.08
C4 FRU J . -30.05 3.07 -1.97
C5 FRU J . -31.25 2.78 -2.89
C6 FRU J . -31.33 1.27 -3.14
O1 FRU J . -34.28 4.83 -0.90
O2 FRU J . -32.33 3.05 0.12
O3 FRU J . -30.01 4.10 0.21
O4 FRU J . -28.91 3.50 -2.71
O5 FRU J . -32.43 3.22 -2.21
O6 FRU J . -32.50 1.02 -3.92
C1 BDF K . -10.84 -8.02 -30.64
C2 BDF K . -11.23 -8.78 -29.38
C3 BDF K . -10.19 -8.53 -28.29
C4 BDF K . -10.51 -9.35 -27.04
C5 BDF K . -10.89 -10.79 -27.39
C6 BDF K . -11.90 -10.81 -28.53
O1 BDF K . -11.68 -8.45 -31.71
O2 BDF K . -12.49 -8.28 -28.92
O3 BDF K . -10.22 -7.15 -27.93
O4 BDF K . -9.36 -9.37 -26.19
O5 BDF K . -9.74 -11.52 -27.79
O6 BDF K . -11.33 -10.16 -29.67
C1 FRU L . -10.76 -7.90 -30.51
C2 FRU L . -11.15 -8.44 -29.14
C3 FRU L . -10.22 -7.89 -28.05
C4 FRU L . -10.22 -9.04 -27.02
C5 FRU L . -10.40 -10.29 -27.91
C6 FRU L . -11.29 -11.29 -27.18
O1 FRU L . -11.57 -8.54 -31.50
O2 FRU L . -12.50 -8.05 -28.86
O3 FRU L . -10.82 -6.74 -27.47
O4 FRU L . -8.98 -9.07 -26.32
O5 FRU L . -11.04 -9.86 -29.12
O6 FRU L . -11.50 -12.41 -28.05
#